data_5FKJ
#
_entry.id   5FKJ
#
_cell.length_a   137.150
_cell.length_b   175.450
_cell.length_c   224.400
_cell.angle_alpha   90.00
_cell.angle_beta   90.00
_cell.angle_gamma   90.00
#
_symmetry.space_group_name_H-M   'P 21 21 21'
#
loop_
_entity.id
_entity.type
_entity.pdbx_description
1 polymer ACETYLCHOLINESTERASE
2 non-polymer 1,3-BIS[5(DIETHYL-O-NITROBENZYLAMMONIUM)PENTYL]-6-METHYLURACIL
3 non-polymer 2-acetamido-2-deoxy-beta-D-glucopyranose
4 non-polymer 'CHLORIDE ION'
5 non-polymer 'SULFATE ION'
6 water water
#
_entity_poly.entity_id   1
_entity_poly.type   'polypeptide(L)'
_entity_poly.pdbx_seq_one_letter_code
;EGREDPQLLVRVRGGQLRGIRLKAPGGPVSAFLGIPFAEPPVGSRRFMPPEPKRPWSGVLDATTFQNVCYQYVDTLYPGF
EGTEMWNPNRELSEDCLYLNVWTPYPRPASPTPVLIWIYGGGFYSGAASLDVYDGRFLAQVEGAVLVSMNYRVGTFGFLA
LPGSREAPGNVGLLDQRLALQWVQENIAAFGGDPMSVTLFGESAGAASVGMHILSLPSRSLFHRAVLQSGTPNGPWATVS
AGEARRRATLLARLVGCPPGGAGGNDTELIACLRTRPAQDLVDHEWHVLPQESIFRFSFVPVVDGDFLSDTPEALINTGD
FQDLQVLVGVVKDEGSYFLVYGVPGFSKDNESLISRAQFLAGVRIGVPQASDLAAEAVVLHYTDWLHPEDPTHLRDAMSA
VVGDHNVVCPVAQLAGRLAAQGARVYAYIFEHRASTLTWPLWMGVPHGYEIEFIFGLPLDPSLNYTTEERIFAQRLMKYW
TNFARTGDPNDPRDSKSPQWPPYTTAAQQYVSLNLKPLEVRRGLRAQTCAFWNRFLPKLLSAT
;
_entity_poly.pdbx_strand_id   A,B,C,D
#
loop_
_chem_comp.id
_chem_comp.type
_chem_comp.name
_chem_comp.formula
CL non-polymer 'CHLORIDE ION' 'Cl -1'
G0W non-polymer 1,3-BIS[5(DIETHYL-O-NITROBENZYLAMMONIUM)PENTYL]-6-METHYLURACIL 'C37 H56 N6 O6 2'
NAG D-saccharide, beta linking 2-acetamido-2-deoxy-beta-D-glucopyranose 'C8 H15 N O6'
SO4 non-polymer 'SULFATE ION' 'O4 S -2'
#
# COMPACT_ATOMS: atom_id res chain seq x y z
N ARG A 3 -75.59 26.60 15.85
CA ARG A 3 -74.44 27.36 16.31
C ARG A 3 -73.15 26.81 15.69
N GLU A 4 -73.24 25.63 15.09
CA GLU A 4 -72.10 24.87 14.61
C GLU A 4 -72.01 24.91 13.09
N ASP A 5 -70.81 25.12 12.57
CA ASP A 5 -70.57 25.11 11.12
C ASP A 5 -70.40 23.67 10.66
N PRO A 6 -71.24 23.16 9.75
CA PRO A 6 -71.12 21.76 9.34
C PRO A 6 -69.83 21.46 8.59
N GLN A 7 -69.17 22.46 8.00
CA GLN A 7 -67.91 22.22 7.32
C GLN A 7 -66.73 22.11 8.28
N LEU A 8 -66.84 22.71 9.47
CA LEU A 8 -65.78 22.65 10.46
C LEU A 8 -65.93 21.50 11.44
N LEU A 9 -67.07 20.81 11.45
CA LEU A 9 -67.27 19.61 12.28
C LEU A 9 -66.86 18.38 11.49
N VAL A 10 -65.97 17.58 12.05
CA VAL A 10 -65.57 16.32 11.44
C VAL A 10 -65.64 15.23 12.50
N ARG A 11 -66.14 14.04 12.12
CA ARG A 11 -66.06 12.88 12.99
C ARG A 11 -65.04 11.90 12.41
N VAL A 12 -63.93 11.73 13.12
CA VAL A 12 -62.96 10.68 12.80
C VAL A 12 -63.23 9.49 13.71
N ARG A 13 -62.49 8.40 13.49
CA ARG A 13 -62.72 7.16 14.24
C ARG A 13 -62.56 7.37 15.74
N GLY A 14 -61.69 8.31 16.13
CA GLY A 14 -61.48 8.57 17.54
C GLY A 14 -62.52 9.46 18.19
N GLY A 15 -63.29 10.20 17.40
CA GLY A 15 -64.26 11.13 17.95
C GLY A 15 -64.39 12.34 17.05
N GLN A 16 -65.05 13.36 17.57
CA GLN A 16 -65.37 14.54 16.79
C GLN A 16 -64.40 15.67 17.10
N LEU A 17 -64.05 16.43 16.07
CA LEU A 17 -63.16 17.57 16.20
C LEU A 17 -63.72 18.72 15.37
N ARG A 18 -63.41 19.93 15.80
CA ARG A 18 -63.93 21.17 15.20
C ARG A 18 -62.76 22.03 14.75
N GLY A 19 -62.73 22.36 13.46
CA GLY A 19 -61.66 23.15 12.89
C GLY A 19 -62.03 24.63 12.79
N ILE A 20 -61.19 25.36 12.04
CA ILE A 20 -61.28 26.80 11.91
C ILE A 20 -61.26 27.17 10.44
N ARG A 21 -62.04 28.19 10.09
CA ARG A 21 -62.04 28.72 8.72
C ARG A 21 -60.98 29.80 8.59
N LEU A 22 -60.05 29.60 7.66
CA LEU A 22 -58.94 30.52 7.47
C LEU A 22 -59.14 31.30 6.18
N LYS A 23 -58.56 32.50 6.14
CA LYS A 23 -58.63 33.35 4.96
C LYS A 23 -57.34 33.20 4.18
N ALA A 24 -57.42 32.57 2.99
CA ALA A 24 -56.41 32.50 1.95
C ALA A 24 -56.60 33.65 0.96
N PRO A 25 -55.53 34.09 0.30
CA PRO A 25 -55.62 35.27 -0.58
C PRO A 25 -56.78 35.23 -1.58
N GLY A 26 -57.14 34.05 -2.08
CA GLY A 26 -58.23 33.93 -3.02
C GLY A 26 -59.54 33.38 -2.49
N GLY A 27 -59.65 33.12 -1.19
CA GLY A 27 -60.86 32.55 -0.64
C GLY A 27 -60.63 31.82 0.67
N PRO A 28 -61.70 31.32 1.27
CA PRO A 28 -61.56 30.62 2.55
C PRO A 28 -61.05 29.20 2.38
N VAL A 29 -60.43 28.70 3.44
CA VAL A 29 -60.01 27.30 3.53
C VAL A 29 -60.45 26.76 4.88
N SER A 30 -60.41 25.43 4.99
CA SER A 30 -60.71 24.70 6.22
C SER A 30 -59.41 24.18 6.80
N ALA A 31 -59.13 24.53 8.06
CA ALA A 31 -57.92 24.13 8.74
C ALA A 31 -58.27 23.36 10.01
N PHE A 32 -57.72 22.17 10.14
CA PHE A 32 -57.90 21.34 11.33
C PHE A 32 -56.52 21.08 11.90
N LEU A 33 -56.22 21.69 13.05
CA LEU A 33 -54.86 21.82 13.54
C LEU A 33 -54.73 21.20 14.93
N GLY A 34 -53.67 20.43 15.14
CA GLY A 34 -53.46 19.81 16.43
C GLY A 34 -54.31 18.59 16.70
N ILE A 35 -54.57 17.78 15.68
CA ILE A 35 -55.31 16.52 15.83
C ILE A 35 -54.37 15.48 16.43
N PRO A 36 -54.63 14.94 17.62
CA PRO A 36 -53.76 13.88 18.14
C PRO A 36 -53.92 12.60 17.33
N PHE A 37 -52.81 12.09 16.80
CA PHE A 37 -52.81 10.77 16.17
C PHE A 37 -52.18 9.69 17.05
N ALA A 38 -51.68 10.05 18.23
CA ALA A 38 -50.99 9.09 19.08
C ALA A 38 -51.12 9.51 20.54
N GLU A 39 -51.08 8.52 21.42
CA GLU A 39 -50.93 8.83 22.84
C GLU A 39 -49.62 9.56 23.05
N PRO A 40 -49.57 10.57 23.91
CA PRO A 40 -48.33 11.31 24.13
C PRO A 40 -47.20 10.39 24.53
N PRO A 41 -45.99 10.49 23.80
CA PRO A 41 -44.84 9.60 24.08
C PRO A 41 -43.98 10.11 25.23
N VAL A 42 -44.60 10.24 26.40
CA VAL A 42 -43.99 10.91 27.55
C VAL A 42 -43.84 9.91 28.67
N GLY A 43 -42.97 10.23 29.62
CA GLY A 43 -42.75 9.37 30.76
C GLY A 43 -42.11 8.04 30.40
N SER A 44 -42.78 6.94 30.76
CA SER A 44 -42.24 5.61 30.47
C SER A 44 -42.32 5.25 28.99
N ARG A 45 -42.98 6.06 28.16
CA ARG A 45 -43.06 5.79 26.74
C ARG A 45 -41.99 6.52 25.94
N ARG A 46 -41.05 7.21 26.59
CA ARG A 46 -39.98 7.88 25.86
C ARG A 46 -39.10 6.84 25.16
N PHE A 47 -38.64 7.19 23.96
CA PHE A 47 -37.81 6.34 23.09
C PHE A 47 -38.59 5.17 22.50
N MET A 48 -39.80 4.95 22.98
CA MET A 48 -40.64 3.82 22.59
C MET A 48 -41.52 4.17 21.40
N PRO A 49 -41.94 3.17 20.63
CA PRO A 49 -42.82 3.42 19.48
C PRO A 49 -44.11 4.08 19.90
N PRO A 50 -44.80 4.76 18.99
CA PRO A 50 -46.05 5.43 19.34
C PRO A 50 -47.21 4.46 19.45
N GLU A 51 -48.17 4.83 20.27
CA GLU A 51 -49.39 4.04 20.36
C GLU A 51 -50.57 4.89 19.89
N PRO A 52 -51.56 4.28 19.24
CA PRO A 52 -52.64 5.06 18.65
C PRO A 52 -53.40 5.84 19.71
N LYS A 53 -53.87 7.03 19.31
CA LYS A 53 -54.62 7.88 20.23
C LYS A 53 -55.90 7.18 20.65
N ARG A 54 -56.09 7.05 21.96
CA ARG A 54 -57.29 6.42 22.47
C ARG A 54 -58.49 7.33 22.22
N PRO A 55 -59.67 6.75 21.99
CA PRO A 55 -60.83 7.57 21.63
C PRO A 55 -61.20 8.52 22.75
N TRP A 56 -61.80 9.64 22.37
CA TRP A 56 -62.16 10.71 23.29
C TRP A 56 -63.63 11.07 23.10
N SER A 57 -64.16 11.83 24.05
CA SER A 57 -65.54 12.27 24.02
C SER A 57 -65.59 13.79 23.90
N GLY A 58 -66.73 14.28 23.42
CA GLY A 58 -66.86 15.70 23.18
C GLY A 58 -66.19 16.07 21.87
N VAL A 59 -66.22 17.37 21.58
CA VAL A 59 -65.61 17.91 20.36
C VAL A 59 -64.24 18.49 20.71
N LEU A 60 -63.21 17.94 20.09
CA LEU A 60 -61.84 18.37 20.32
C LEU A 60 -61.53 19.61 19.48
N ASP A 61 -60.69 20.49 20.03
CA ASP A 61 -60.39 21.76 19.39
C ASP A 61 -59.29 21.57 18.35
N ALA A 62 -59.64 21.76 17.09
CA ALA A 62 -58.72 21.64 15.96
C ALA A 62 -58.20 22.98 15.46
N THR A 63 -58.49 24.08 16.16
CA THR A 63 -58.29 25.41 15.61
C THR A 63 -56.89 25.98 15.81
N THR A 64 -55.99 25.30 16.53
CA THR A 64 -54.66 25.86 16.78
C THR A 64 -53.60 24.79 16.63
N PHE A 65 -52.40 25.23 16.23
CA PHE A 65 -51.25 24.33 16.15
C PHE A 65 -50.90 23.81 17.54
N GLN A 66 -50.54 22.54 17.61
CA GLN A 66 -50.12 21.94 18.88
C GLN A 66 -48.63 22.17 19.10
N ASN A 67 -48.11 21.60 20.18
CA ASN A 67 -46.73 21.84 20.58
C ASN A 67 -45.74 21.28 19.56
N VAL A 68 -44.53 21.82 19.61
CA VAL A 68 -43.43 21.38 18.77
C VAL A 68 -42.60 20.35 19.55
N CYS A 69 -42.15 19.29 18.88
CA CYS A 69 -41.33 18.28 19.54
C CYS A 69 -40.02 18.88 20.02
N TYR A 70 -39.55 18.37 21.16
CA TYR A 70 -38.31 18.88 21.76
C TYR A 70 -37.16 18.77 20.78
N GLN A 71 -36.43 19.88 20.61
CA GLN A 71 -35.37 19.94 19.62
C GLN A 71 -34.40 21.05 20.00
N TYR A 72 -33.20 20.97 19.43
CA TYR A 72 -32.25 22.08 19.51
C TYR A 72 -32.82 23.31 18.80
N VAL A 73 -32.49 24.48 19.33
CA VAL A 73 -32.91 25.75 18.76
C VAL A 73 -31.68 26.52 18.31
N ASP A 74 -31.71 27.07 17.10
CA ASP A 74 -30.53 27.63 16.47
C ASP A 74 -30.23 29.02 17.01
N THR A 75 -29.11 29.15 17.72
CA THR A 75 -28.67 30.42 18.28
C THR A 75 -27.56 31.10 17.49
N LEU A 76 -27.11 30.52 16.38
CA LEU A 76 -25.90 31.02 15.72
C LEU A 76 -26.05 32.48 15.32
N TYR A 77 -27.18 32.84 14.70
CA TYR A 77 -27.44 34.20 14.22
C TYR A 77 -28.75 34.67 14.81
N PRO A 78 -28.75 35.15 16.06
CA PRO A 78 -30.00 35.55 16.70
C PRO A 78 -30.60 36.78 16.05
N GLY A 79 -31.92 36.74 15.86
CA GLY A 79 -32.63 37.81 15.18
C GLY A 79 -32.62 37.72 13.67
N PHE A 80 -31.91 36.76 13.11
CA PHE A 80 -31.75 36.62 11.67
C PHE A 80 -32.86 35.74 11.13
N GLU A 81 -33.61 36.25 10.15
CA GLU A 81 -34.72 35.48 9.60
C GLU A 81 -34.26 34.19 8.94
N GLY A 82 -33.05 34.19 8.36
CA GLY A 82 -32.57 33.00 7.67
C GLY A 82 -32.53 31.78 8.57
N THR A 83 -31.98 31.93 9.78
CA THR A 83 -31.97 30.81 10.72
C THR A 83 -33.29 30.70 11.50
N GLU A 84 -33.85 31.81 11.96
CA GLU A 84 -34.96 31.76 12.90
C GLU A 84 -36.29 31.43 12.23
N MET A 85 -36.39 31.57 10.91
CA MET A 85 -37.60 31.17 10.22
C MET A 85 -37.90 29.68 10.42
N TRP A 86 -36.85 28.87 10.64
CA TRP A 86 -36.98 27.43 10.85
C TRP A 86 -37.13 27.06 12.32
N ASN A 87 -36.95 28.00 13.25
CA ASN A 87 -36.99 27.68 14.66
C ASN A 87 -38.42 27.46 15.13
N PRO A 88 -38.61 26.70 16.22
CA PRO A 88 -39.97 26.36 16.65
C PRO A 88 -40.80 27.60 16.94
N ASN A 89 -41.98 27.65 16.34
CA ASN A 89 -42.94 28.71 16.57
C ASN A 89 -43.99 28.35 17.61
N ARG A 90 -43.86 27.22 18.29
CA ARG A 90 -44.73 26.88 19.41
C ARG A 90 -43.87 26.39 20.57
N GLU A 91 -44.54 26.04 21.67
CA GLU A 91 -43.86 25.54 22.85
C GLU A 91 -43.25 24.17 22.58
N LEU A 92 -42.15 23.89 23.27
CA LEU A 92 -41.52 22.57 23.21
C LEU A 92 -42.14 21.67 24.27
N SER A 93 -42.53 20.46 23.86
CA SER A 93 -43.05 19.47 24.78
C SER A 93 -42.79 18.08 24.22
N GLU A 94 -42.64 17.10 25.11
CA GLU A 94 -42.59 15.72 24.65
C GLU A 94 -43.94 15.22 24.17
N ASP A 95 -45.03 15.87 24.57
CA ASP A 95 -46.35 15.55 24.01
C ASP A 95 -46.48 16.45 22.79
N CYS A 96 -45.91 15.97 21.70
CA CYS A 96 -45.91 16.70 20.44
C CYS A 96 -46.61 16.01 19.29
N LEU A 97 -47.14 14.80 19.45
CA LEU A 97 -47.52 14.01 18.29
C LEU A 97 -48.94 14.41 17.90
N TYR A 98 -49.04 15.18 16.82
CA TYR A 98 -50.27 15.77 16.35
C TYR A 98 -50.09 16.05 14.87
N LEU A 99 -51.21 16.22 14.17
CA LEU A 99 -51.16 16.49 12.75
C LEU A 99 -52.18 17.56 12.39
N ASN A 100 -52.05 18.06 11.17
CA ASN A 100 -52.77 19.21 10.65
C ASN A 100 -53.29 18.87 9.27
N VAL A 101 -54.54 19.26 8.98
CA VAL A 101 -55.19 19.00 7.71
C VAL A 101 -55.70 20.31 7.14
N TRP A 102 -55.49 20.52 5.84
CA TRP A 102 -55.99 21.67 5.11
C TRP A 102 -56.85 21.16 3.95
N THR A 103 -58.09 21.63 3.88
CA THR A 103 -58.99 21.29 2.79
C THR A 103 -59.63 22.57 2.29
N PRO A 104 -60.21 22.56 1.09
CA PRO A 104 -60.94 23.74 0.61
C PRO A 104 -62.17 24.02 1.47
N TYR A 105 -62.66 25.26 1.35
CA TYR A 105 -63.91 25.68 2.00
C TYR A 105 -65.00 26.06 0.99
N PRO A 106 -66.12 25.35 0.98
CA PRO A 106 -66.40 24.26 1.92
C PRO A 106 -65.61 23.00 1.60
N ARG A 107 -65.76 22.01 2.47
CA ARG A 107 -65.06 20.75 2.34
C ARG A 107 -65.34 20.16 0.96
N PRO A 108 -64.34 19.57 0.28
CA PRO A 108 -64.53 19.15 -1.11
C PRO A 108 -65.60 18.08 -1.25
N ALA A 109 -66.37 18.16 -2.34
CA ALA A 109 -67.52 17.27 -2.49
C ALA A 109 -67.07 15.87 -2.87
N SER A 110 -66.05 15.75 -3.73
CA SER A 110 -65.54 14.49 -4.22
C SER A 110 -64.15 14.22 -3.65
N PRO A 111 -63.76 12.96 -3.50
CA PRO A 111 -62.46 12.65 -2.88
C PRO A 111 -61.31 13.26 -3.68
N THR A 112 -60.47 14.04 -2.98
CA THR A 112 -59.37 14.86 -3.45
C THR A 112 -58.04 14.20 -3.18
N PRO A 113 -57.13 14.12 -4.16
CA PRO A 113 -55.81 13.55 -3.90
C PRO A 113 -55.11 14.28 -2.75
N VAL A 114 -54.53 13.49 -1.85
CA VAL A 114 -53.96 13.98 -0.59
C VAL A 114 -52.45 14.11 -0.72
N LEU A 115 -51.90 15.22 -0.24
CA LEU A 115 -50.46 15.42 -0.13
C LEU A 115 -50.07 15.39 1.34
N ILE A 116 -49.14 14.51 1.71
CA ILE A 116 -48.63 14.41 3.07
C ILE A 116 -47.23 14.99 3.08
N TRP A 117 -47.04 16.06 3.85
CA TRP A 117 -45.76 16.75 3.96
C TRP A 117 -44.99 16.24 5.18
N ILE A 118 -43.74 15.83 4.97
CA ILE A 118 -42.86 15.43 6.06
C ILE A 118 -41.71 16.44 6.10
N TYR A 119 -41.62 17.19 7.20
CA TYR A 119 -40.65 18.27 7.28
C TYR A 119 -39.23 17.74 7.48
N GLY A 120 -38.26 18.57 7.14
CA GLY A 120 -36.85 18.29 7.27
C GLY A 120 -36.23 18.87 8.52
N GLY A 121 -34.96 19.23 8.42
CA GLY A 121 -34.18 19.59 9.58
C GLY A 121 -33.16 18.55 10.09
N GLY A 122 -32.79 17.55 9.28
CA GLY A 122 -31.71 16.66 9.66
C GLY A 122 -32.04 15.72 10.79
N PHE A 123 -33.32 15.42 10.98
CA PHE A 123 -33.87 14.58 12.05
C PHE A 123 -33.52 15.11 13.44
N TYR A 124 -33.02 16.34 13.57
CA TYR A 124 -32.86 16.96 14.88
C TYR A 124 -33.84 18.11 15.14
N SER A 125 -34.68 18.48 14.18
CA SER A 125 -35.44 19.72 14.31
C SER A 125 -36.60 19.73 13.33
N GLY A 126 -37.39 20.79 13.36
CA GLY A 126 -38.51 20.99 12.47
C GLY A 126 -39.84 20.87 13.18
N ALA A 127 -40.88 21.43 12.54
CA ALA A 127 -42.25 21.27 12.99
C ALA A 127 -43.17 21.54 11.80
N ALA A 128 -44.39 21.01 11.88
CA ALA A 128 -45.37 21.28 10.83
C ALA A 128 -46.04 22.64 10.99
N SER A 129 -45.83 23.32 12.11
CA SER A 129 -46.44 24.62 12.35
C SER A 129 -45.64 25.77 11.75
N LEU A 130 -44.50 25.50 11.13
CA LEU A 130 -43.69 26.57 10.54
C LEU A 130 -44.44 27.23 9.39
N ASP A 131 -44.14 28.53 9.19
CA ASP A 131 -44.89 29.31 8.21
C ASP A 131 -44.63 28.85 6.78
N VAL A 132 -43.43 28.31 6.50
CA VAL A 132 -43.12 27.85 5.15
C VAL A 132 -43.94 26.63 4.76
N TYR A 133 -44.47 25.87 5.73
CA TYR A 133 -45.22 24.66 5.48
C TYR A 133 -46.73 24.88 5.47
N ASP A 134 -47.18 26.14 5.54
CA ASP A 134 -48.60 26.44 5.59
C ASP A 134 -49.30 25.96 4.31
N GLY A 135 -50.31 25.12 4.47
CA GLY A 135 -50.96 24.48 3.34
C GLY A 135 -52.20 25.18 2.84
N ARG A 136 -52.51 26.36 3.38
CA ARG A 136 -53.72 27.08 3.00
C ARG A 136 -53.70 27.48 1.53
N PHE A 137 -52.52 27.74 0.97
CA PHE A 137 -52.46 28.21 -0.42
C PHE A 137 -52.65 27.05 -1.39
N LEU A 138 -52.02 25.90 -1.12
CA LEU A 138 -52.30 24.72 -1.92
C LEU A 138 -53.76 24.32 -1.81
N ALA A 139 -54.32 24.38 -0.60
CA ALA A 139 -55.71 24.00 -0.40
C ALA A 139 -56.66 24.91 -1.17
N GLN A 140 -56.46 26.23 -1.08
CA GLN A 140 -57.38 27.15 -1.74
C GLN A 140 -57.17 27.17 -3.25
N VAL A 141 -55.92 27.32 -3.69
CA VAL A 141 -55.64 27.52 -5.11
C VAL A 141 -55.80 26.23 -5.88
N GLU A 142 -55.15 25.16 -5.44
CA GLU A 142 -55.16 23.90 -6.18
C GLU A 142 -56.16 22.89 -5.64
N GLY A 143 -56.93 23.26 -4.62
CA GLY A 143 -57.97 22.38 -4.10
C GLY A 143 -57.47 21.15 -3.38
N ALA A 144 -56.19 21.09 -3.03
CA ALA A 144 -55.62 19.89 -2.46
C ALA A 144 -56.07 19.69 -1.01
N VAL A 145 -55.97 18.45 -0.55
CA VAL A 145 -56.08 18.12 0.86
C VAL A 145 -54.66 17.85 1.34
N LEU A 146 -54.14 18.72 2.19
CA LEU A 146 -52.76 18.65 2.64
C LEU A 146 -52.70 18.27 4.11
N VAL A 147 -52.02 17.18 4.41
CA VAL A 147 -51.81 16.72 5.77
C VAL A 147 -50.33 16.88 6.11
N SER A 148 -50.05 17.34 7.33
CA SER A 148 -48.67 17.43 7.82
C SER A 148 -48.66 17.02 9.27
N MET A 149 -47.71 16.18 9.66
CA MET A 149 -47.65 15.64 11.00
C MET A 149 -46.37 16.05 11.70
N ASN A 150 -46.44 16.11 13.02
CA ASN A 150 -45.25 16.23 13.85
C ASN A 150 -44.74 14.83 14.17
N TYR A 151 -43.43 14.64 14.04
CA TYR A 151 -42.79 13.39 14.42
C TYR A 151 -41.62 13.72 15.32
N ARG A 152 -41.27 12.78 16.19
CA ARG A 152 -40.22 13.04 17.18
C ARG A 152 -38.86 13.15 16.49
N VAL A 153 -38.03 14.05 17.02
CA VAL A 153 -36.72 14.36 16.46
C VAL A 153 -35.69 14.24 17.57
N GLY A 154 -34.41 14.22 17.16
CA GLY A 154 -33.34 14.17 18.13
C GLY A 154 -33.28 12.83 18.84
N THR A 155 -32.81 12.86 20.10
CA THR A 155 -32.78 11.63 20.90
C THR A 155 -34.17 11.03 21.04
N PHE A 156 -35.17 11.89 21.21
CA PHE A 156 -36.50 11.42 21.58
C PHE A 156 -37.08 10.51 20.50
N GLY A 157 -36.86 10.83 19.24
CA GLY A 157 -37.29 9.91 18.21
C GLY A 157 -36.25 8.92 17.68
N PHE A 158 -34.97 9.27 17.69
CA PHE A 158 -33.99 8.38 17.09
C PHE A 158 -32.95 7.75 18.01
N LEU A 159 -32.92 8.06 19.31
CA LEU A 159 -31.95 7.38 20.17
C LEU A 159 -32.23 5.89 20.18
N ALA A 160 -31.22 5.09 19.87
CA ALA A 160 -31.41 3.68 19.63
C ALA A 160 -30.38 2.86 20.39
N LEU A 161 -30.86 1.79 21.03
CA LEU A 161 -30.02 0.69 21.50
C LEU A 161 -30.55 -0.54 20.76
N PRO A 162 -30.03 -0.81 19.57
CA PRO A 162 -30.64 -1.82 18.68
C PRO A 162 -30.80 -3.17 19.36
N GLY A 163 -32.00 -3.73 19.24
CA GLY A 163 -32.31 -5.01 19.84
C GLY A 163 -32.98 -4.93 21.18
N SER A 164 -32.95 -3.79 21.84
CA SER A 164 -33.63 -3.64 23.13
C SER A 164 -35.10 -3.31 22.94
N ARG A 165 -35.93 -3.83 23.83
CA ARG A 165 -37.35 -3.50 23.79
C ARG A 165 -37.55 -2.00 24.03
N GLU A 166 -36.79 -1.43 24.97
CA GLU A 166 -37.12 -0.11 25.50
C GLU A 166 -36.78 1.03 24.54
N ALA A 167 -35.79 0.86 23.67
CA ALA A 167 -35.43 1.87 22.66
C ALA A 167 -35.01 1.18 21.38
N PRO A 168 -35.97 0.71 20.58
CA PRO A 168 -35.63 -0.01 19.35
C PRO A 168 -35.04 0.88 18.27
N GLY A 169 -35.20 2.20 18.37
CA GLY A 169 -34.78 3.11 17.33
C GLY A 169 -35.84 3.33 16.27
N ASN A 170 -35.63 4.37 15.47
CA ASN A 170 -36.53 4.74 14.37
C ASN A 170 -37.94 5.08 14.83
N VAL A 171 -38.15 5.46 16.09
CA VAL A 171 -39.53 5.65 16.53
C VAL A 171 -40.12 6.95 15.98
N GLY A 172 -39.29 7.88 15.50
CA GLY A 172 -39.84 9.02 14.76
C GLY A 172 -40.41 8.61 13.42
N LEU A 173 -39.73 7.66 12.75
CA LEU A 173 -40.28 7.12 11.50
C LEU A 173 -41.58 6.35 11.77
N LEU A 174 -41.67 5.70 12.92
CA LEU A 174 -42.92 5.06 13.30
C LEU A 174 -44.00 6.10 13.60
N ASP A 175 -43.62 7.26 14.13
CA ASP A 175 -44.58 8.36 14.24
C ASP A 175 -45.12 8.72 12.87
N GLN A 176 -44.23 8.96 11.90
CA GLN A 176 -44.67 9.30 10.55
C GLN A 176 -45.61 8.24 9.99
N ARG A 177 -45.23 6.97 10.13
CA ARG A 177 -46.07 5.89 9.60
C ARG A 177 -47.43 5.88 10.27
N LEU A 178 -47.46 6.13 11.59
CA LEU A 178 -48.74 6.16 12.29
C LEU A 178 -49.63 7.28 11.77
N ALA A 179 -49.04 8.44 11.47
CA ALA A 179 -49.81 9.50 10.82
C ALA A 179 -50.29 9.06 9.44
N LEU A 180 -49.51 8.22 8.74
CA LEU A 180 -49.95 7.71 7.44
C LEU A 180 -51.16 6.80 7.58
N GLN A 181 -51.15 5.91 8.59
CA GLN A 181 -52.32 5.07 8.83
C GLN A 181 -53.52 5.91 9.22
N TRP A 182 -53.30 6.94 10.04
CA TRP A 182 -54.38 7.85 10.41
C TRP A 182 -54.98 8.49 9.17
N VAL A 183 -54.15 8.88 8.23
CA VAL A 183 -54.66 9.48 7.00
C VAL A 183 -55.45 8.45 6.20
N GLN A 184 -54.95 7.20 6.14
CA GLN A 184 -55.65 6.19 5.36
C GLN A 184 -57.02 5.89 5.95
N GLU A 185 -57.14 5.87 7.27
CA GLU A 185 -58.42 5.55 7.89
C GLU A 185 -59.37 6.74 7.89
N ASN A 186 -58.90 7.91 8.34
CA ASN A 186 -59.76 9.04 8.64
C ASN A 186 -59.80 10.13 7.57
N ILE A 187 -59.01 10.06 6.49
CA ILE A 187 -58.94 11.25 5.63
C ILE A 187 -60.18 11.39 4.75
N ALA A 188 -60.94 10.33 4.53
CA ALA A 188 -62.15 10.45 3.71
C ALA A 188 -63.18 11.36 4.37
N ALA A 189 -63.17 11.44 5.69
CA ALA A 189 -64.11 12.31 6.41
C ALA A 189 -63.90 13.78 6.05
N PHE A 190 -62.67 14.14 5.71
CA PHE A 190 -62.32 15.51 5.33
C PHE A 190 -62.44 15.76 3.84
N GLY A 191 -62.87 14.77 3.06
CA GLY A 191 -62.93 14.91 1.62
C GLY A 191 -61.68 14.46 0.89
N GLY A 192 -60.71 13.88 1.58
CA GLY A 192 -59.54 13.35 0.91
C GLY A 192 -59.77 11.96 0.36
N ASP A 193 -58.92 11.58 -0.59
CA ASP A 193 -59.03 10.28 -1.24
C ASP A 193 -57.95 9.36 -0.71
N PRO A 194 -58.27 8.39 0.15
CA PRO A 194 -57.22 7.49 0.67
C PRO A 194 -56.56 6.65 -0.41
N MET A 195 -57.17 6.54 -1.59
CA MET A 195 -56.61 5.80 -2.72
C MET A 195 -55.55 6.58 -3.50
N SER A 196 -55.46 7.89 -3.35
CA SER A 196 -54.39 8.67 -3.97
C SER A 196 -53.73 9.49 -2.87
N VAL A 197 -52.51 9.10 -2.51
CA VAL A 197 -51.78 9.74 -1.41
C VAL A 197 -50.34 9.90 -1.88
N THR A 198 -49.86 11.13 -1.90
CA THR A 198 -48.49 11.43 -2.31
C THR A 198 -47.75 11.99 -1.11
N LEU A 199 -46.69 11.29 -0.70
CA LEU A 199 -45.76 11.83 0.26
C LEU A 199 -44.83 12.81 -0.42
N PHE A 200 -44.52 13.90 0.26
CA PHE A 200 -43.44 14.78 -0.18
C PHE A 200 -42.77 15.39 1.03
N GLY A 201 -41.45 15.52 0.95
CA GLY A 201 -40.66 16.02 2.05
C GLY A 201 -39.37 16.62 1.55
N GLU A 202 -38.69 17.32 2.45
CA GLU A 202 -37.46 18.02 2.14
C GLU A 202 -36.43 17.70 3.21
N SER A 203 -35.16 17.68 2.83
CA SER A 203 -34.04 17.40 3.75
C SER A 203 -34.32 16.04 4.40
N ALA A 204 -34.24 15.92 5.73
CA ALA A 204 -34.52 14.65 6.39
C ALA A 204 -35.93 14.16 6.09
N GLY A 205 -36.86 15.06 5.80
CA GLY A 205 -38.19 14.62 5.43
C GLY A 205 -38.17 13.81 4.15
N ALA A 206 -37.34 14.22 3.19
CA ALA A 206 -37.22 13.48 1.95
C ALA A 206 -36.56 12.13 2.18
N ALA A 207 -35.54 12.11 3.03
CA ALA A 207 -34.95 10.83 3.44
C ALA A 207 -36.00 9.93 4.07
N SER A 208 -36.86 10.49 4.91
CA SER A 208 -37.97 9.73 5.48
C SER A 208 -38.85 9.15 4.39
N VAL A 209 -39.26 9.96 3.43
CA VAL A 209 -40.06 9.48 2.31
C VAL A 209 -39.37 8.29 1.66
N GLY A 210 -38.09 8.44 1.35
CA GLY A 210 -37.34 7.35 0.76
C GLY A 210 -37.34 6.10 1.61
N MET A 211 -37.33 6.27 2.93
CA MET A 211 -37.32 5.09 3.80
C MET A 211 -38.69 4.45 3.90
N HIS A 212 -39.77 5.22 3.71
CA HIS A 212 -41.08 4.60 3.59
C HIS A 212 -41.23 3.85 2.27
N ILE A 213 -40.57 4.34 1.22
CA ILE A 213 -40.53 3.58 -0.03
C ILE A 213 -39.88 2.22 0.19
N LEU A 214 -38.81 2.17 0.97
CA LEU A 214 -38.01 0.96 1.14
C LEU A 214 -38.49 0.07 2.28
N SER A 215 -39.46 0.50 3.06
CA SER A 215 -39.99 -0.27 4.19
C SER A 215 -41.36 -0.81 3.82
N LEU A 216 -41.49 -2.15 3.78
CA LEU A 216 -42.72 -2.76 3.26
C LEU A 216 -43.97 -2.35 4.03
N PRO A 217 -43.99 -2.33 5.38
CA PRO A 217 -45.21 -1.91 6.08
C PRO A 217 -45.70 -0.52 5.70
N SER A 218 -44.79 0.39 5.34
CA SER A 218 -45.20 1.74 4.94
C SER A 218 -45.71 1.80 3.51
N ARG A 219 -45.31 0.87 2.65
CA ARG A 219 -45.62 0.98 1.23
C ARG A 219 -47.12 0.91 0.97
N SER A 220 -47.87 0.23 1.82
CA SER A 220 -49.31 0.06 1.63
C SER A 220 -50.10 1.31 1.98
N LEU A 221 -49.46 2.33 2.54
CA LEU A 221 -50.12 3.55 2.99
C LEU A 221 -50.01 4.70 2.00
N PHE A 222 -49.33 4.54 0.87
CA PHE A 222 -49.20 5.64 -0.08
C PHE A 222 -48.94 5.08 -1.47
N HIS A 223 -48.83 5.99 -2.43
CA HIS A 223 -48.83 5.67 -3.86
C HIS A 223 -47.65 6.31 -4.60
N ARG A 224 -47.53 7.63 -4.51
CA ARG A 224 -46.45 8.39 -5.13
C ARG A 224 -45.58 9.03 -4.07
N ALA A 225 -44.37 9.43 -4.45
CA ALA A 225 -43.43 10.04 -3.52
C ALA A 225 -42.66 11.16 -4.20
N VAL A 226 -42.34 12.20 -3.42
CA VAL A 226 -41.54 13.33 -3.87
C VAL A 226 -40.43 13.56 -2.86
N LEU A 227 -39.18 13.51 -3.32
CA LEU A 227 -38.02 13.70 -2.45
C LEU A 227 -37.29 14.97 -2.87
N GLN A 228 -37.31 15.98 -2.00
CA GLN A 228 -36.71 17.29 -2.28
C GLN A 228 -35.45 17.43 -1.45
N SER A 229 -34.29 17.38 -2.12
CA SER A 229 -32.99 17.61 -1.48
C SER A 229 -32.79 16.69 -0.27
N GLY A 230 -33.05 15.39 -0.48
CA GLY A 230 -32.75 14.41 0.54
C GLY A 230 -33.02 13.01 0.01
N THR A 231 -32.34 12.05 0.63
CA THR A 231 -32.37 10.67 0.16
C THR A 231 -32.23 9.73 1.34
N PRO A 232 -32.83 8.53 1.28
CA PRO A 232 -32.58 7.55 2.34
C PRO A 232 -31.14 7.04 2.32
N ASN A 233 -30.59 6.84 1.12
CA ASN A 233 -29.18 6.53 0.94
C ASN A 233 -28.31 7.77 1.19
N GLY A 234 -27.02 7.53 1.35
CA GLY A 234 -26.07 8.60 1.49
C GLY A 234 -25.45 8.72 2.87
N PRO A 235 -24.55 9.69 3.03
CA PRO A 235 -23.69 9.72 4.24
C PRO A 235 -24.40 10.11 5.52
N TRP A 236 -25.34 11.06 5.48
CA TRP A 236 -25.90 11.60 6.72
C TRP A 236 -27.21 10.97 7.17
N ALA A 237 -27.91 10.21 6.33
CA ALA A 237 -29.30 9.90 6.63
C ALA A 237 -29.49 8.64 7.45
N THR A 238 -28.46 7.82 7.63
CA THR A 238 -28.55 6.59 8.39
C THR A 238 -27.29 6.40 9.20
N VAL A 239 -27.37 5.52 10.19
CA VAL A 239 -26.21 5.06 10.93
C VAL A 239 -26.31 3.55 11.09
N SER A 240 -25.16 2.90 11.26
CA SER A 240 -25.13 1.49 11.56
C SER A 240 -25.68 1.26 12.98
N ALA A 241 -26.07 0.01 13.24
CA ALA A 241 -26.56 -0.33 14.57
C ALA A 241 -25.51 -0.08 15.64
N GLY A 242 -24.26 -0.45 15.36
CA GLY A 242 -23.20 -0.25 16.34
C GLY A 242 -22.92 1.22 16.61
N GLU A 243 -22.99 2.05 15.57
CA GLU A 243 -22.74 3.48 15.75
C GLU A 243 -23.84 4.13 16.58
N ALA A 244 -25.10 3.82 16.27
CA ALA A 244 -26.20 4.33 17.08
C ALA A 244 -26.09 3.86 18.52
N ARG A 245 -25.63 2.63 18.74
CA ARG A 245 -25.40 2.16 20.10
C ARG A 245 -24.27 2.93 20.78
N ARG A 246 -23.22 3.27 20.03
CA ARG A 246 -22.12 4.03 20.61
C ARG A 246 -22.57 5.43 21.01
N ARG A 247 -23.33 6.09 20.15
CA ARG A 247 -23.79 7.44 20.46
C ARG A 247 -24.80 7.44 21.59
N ALA A 248 -25.69 6.44 21.63
CA ALA A 248 -26.66 6.35 22.72
C ALA A 248 -25.97 6.10 24.05
N THR A 249 -25.02 5.15 24.07
CA THR A 249 -24.30 4.89 25.32
C THR A 249 -23.49 6.10 25.75
N LEU A 250 -22.89 6.81 24.79
CA LEU A 250 -22.08 7.99 25.14
C LEU A 250 -22.95 9.11 25.71
N LEU A 251 -24.10 9.37 25.08
CA LEU A 251 -25.02 10.37 25.62
C LEU A 251 -25.49 9.98 27.02
N ALA A 252 -25.85 8.71 27.21
CA ALA A 252 -26.22 8.23 28.54
C ALA A 252 -25.11 8.45 29.54
N ARG A 253 -23.85 8.35 29.11
CA ARG A 253 -22.74 8.64 30.01
C ARG A 253 -22.62 10.12 30.29
N LEU A 254 -22.89 10.96 29.29
CA LEU A 254 -22.71 12.41 29.44
C LEU A 254 -23.79 13.03 30.30
N VAL A 255 -24.97 12.42 30.35
CA VAL A 255 -26.02 12.89 31.25
C VAL A 255 -25.78 12.21 32.59
N GLY A 256 -24.65 11.53 32.73
CA GLY A 256 -24.23 10.96 33.99
C GLY A 256 -25.12 9.83 34.44
N CYS A 257 -25.50 8.95 33.53
CA CYS A 257 -26.61 8.03 33.75
C CYS A 257 -26.22 6.62 33.33
N PRO A 258 -25.10 6.08 33.86
CA PRO A 258 -24.89 4.63 33.71
C PRO A 258 -25.87 3.79 34.54
N PRO A 259 -26.13 4.13 35.84
CA PRO A 259 -25.68 5.08 36.88
C PRO A 259 -24.45 4.70 37.76
N GLY A 260 -23.24 5.12 37.36
CA GLY A 260 -22.01 4.89 38.13
C GLY A 260 -20.91 4.05 37.52
N GLY A 261 -21.23 3.26 36.51
CA GLY A 261 -20.41 3.20 35.30
C GLY A 261 -20.88 2.15 34.30
N ALA A 262 -20.86 2.56 33.04
CA ALA A 262 -21.12 1.71 31.87
C ALA A 262 -22.47 0.99 31.88
N GLY A 263 -23.06 0.75 33.05
CA GLY A 263 -24.26 -0.07 33.15
C GLY A 263 -24.00 -1.52 32.81
N GLY A 264 -24.93 -2.42 33.15
CA GLY A 264 -24.98 -3.71 32.47
C GLY A 264 -26.14 -3.90 31.52
N ASN A 265 -27.25 -3.21 31.76
CA ASN A 265 -28.47 -3.50 31.00
C ASN A 265 -28.69 -2.41 29.96
N ASP A 266 -29.26 -2.79 28.83
CA ASP A 266 -29.94 -1.80 28.01
C ASP A 266 -31.16 -1.25 28.74
N THR A 267 -31.86 -2.12 29.49
CA THR A 267 -33.05 -1.71 30.23
C THR A 267 -32.70 -0.72 31.34
N GLU A 268 -31.55 -0.93 32.00
CA GLU A 268 -31.13 -0.01 33.05
C GLU A 268 -30.66 1.31 32.44
N LEU A 269 -30.05 1.27 31.26
CA LEU A 269 -29.53 2.49 30.65
C LEU A 269 -30.67 3.37 30.16
N ILE A 270 -31.64 2.77 29.45
CA ILE A 270 -32.78 3.55 28.96
C ILE A 270 -33.70 3.92 30.11
N ALA A 271 -33.87 3.03 31.07
CA ALA A 271 -34.66 3.36 32.26
C ALA A 271 -34.05 4.51 33.04
N CYS A 272 -32.71 4.56 33.11
CA CYS A 272 -32.02 5.73 33.66
C CYS A 272 -32.29 6.96 32.81
N LEU A 273 -32.10 6.85 31.49
CA LEU A 273 -32.24 8.00 30.60
C LEU A 273 -33.63 8.62 30.68
N ARG A 274 -34.65 7.79 30.94
CA ARG A 274 -36.01 8.30 30.97
C ARG A 274 -36.27 9.21 32.16
N THR A 275 -35.40 9.20 33.17
CA THR A 275 -35.53 10.08 34.31
C THR A 275 -34.90 11.45 34.10
N ARG A 276 -34.18 11.65 33.00
CA ARG A 276 -33.52 12.92 32.79
C ARG A 276 -34.47 13.92 32.14
N PRO A 277 -34.42 15.19 32.54
CA PRO A 277 -35.22 16.21 31.85
C PRO A 277 -34.82 16.33 30.38
N ALA A 278 -35.81 16.66 29.55
CA ALA A 278 -35.61 16.63 28.10
C ALA A 278 -34.52 17.59 27.66
N GLN A 279 -34.43 18.74 28.31
CA GLN A 279 -33.42 19.71 27.88
C GLN A 279 -32.02 19.18 28.12
N ASP A 280 -31.82 18.34 29.16
CA ASP A 280 -30.51 17.71 29.35
C ASP A 280 -30.12 16.90 28.12
N LEU A 281 -31.07 16.17 27.53
CA LEU A 281 -30.79 15.39 26.35
C LEU A 281 -30.54 16.28 25.14
N VAL A 282 -31.26 17.40 25.03
CA VAL A 282 -31.02 18.29 23.89
C VAL A 282 -29.67 18.99 24.03
N ASP A 283 -29.22 19.22 25.26
CA ASP A 283 -27.98 19.97 25.47
C ASP A 283 -26.77 19.14 25.05
N HIS A 284 -26.80 17.84 25.31
CA HIS A 284 -25.68 16.94 25.02
C HIS A 284 -25.85 16.20 23.70
N GLU A 285 -26.88 16.54 22.92
CA GLU A 285 -27.14 15.84 21.67
C GLU A 285 -25.94 15.90 20.73
N TRP A 286 -25.34 17.08 20.56
CA TRP A 286 -24.25 17.22 19.60
C TRP A 286 -22.92 16.71 20.12
N HIS A 287 -22.81 16.42 21.41
CA HIS A 287 -21.53 15.96 21.99
C HIS A 287 -21.06 14.64 21.41
N VAL A 288 -21.98 13.83 20.86
CA VAL A 288 -21.64 12.44 20.56
C VAL A 288 -21.19 12.23 19.13
N LEU A 289 -21.08 13.28 18.32
CA LEU A 289 -20.64 13.10 16.94
C LEU A 289 -19.18 12.62 16.92
N PRO A 290 -18.86 11.63 16.09
CA PRO A 290 -17.53 10.99 16.19
C PRO A 290 -16.38 11.85 15.68
N GLN A 291 -16.62 12.74 14.71
CA GLN A 291 -15.55 13.56 14.16
C GLN A 291 -16.04 14.99 13.98
N GLU A 292 -15.09 15.90 13.79
CA GLU A 292 -15.41 17.29 13.53
C GLU A 292 -16.01 17.41 12.13
N SER A 293 -17.23 17.92 12.05
CA SER A 293 -18.02 17.73 10.84
C SER A 293 -19.06 18.83 10.70
N ILE A 294 -19.54 18.99 9.46
CA ILE A 294 -20.78 19.66 9.16
C ILE A 294 -21.64 18.70 8.35
N PHE A 295 -22.96 18.93 8.38
CA PHE A 295 -23.92 18.07 7.70
C PHE A 295 -23.84 16.64 8.24
N ARG A 296 -23.66 16.52 9.55
CA ARG A 296 -23.76 15.26 10.27
C ARG A 296 -24.62 15.51 11.49
N PHE A 297 -25.54 14.60 11.76
CA PHE A 297 -26.49 14.76 12.85
C PHE A 297 -26.42 13.54 13.76
N SER A 298 -26.45 13.79 15.08
CA SER A 298 -26.14 12.73 16.03
C SER A 298 -27.10 11.56 15.92
N PHE A 299 -28.40 11.81 15.98
CA PHE A 299 -29.39 10.75 16.07
C PHE A 299 -30.30 10.81 14.85
N VAL A 300 -30.14 9.83 13.97
CA VAL A 300 -30.85 9.74 12.70
C VAL A 300 -31.38 8.31 12.61
N PRO A 301 -32.14 7.94 11.58
CA PRO A 301 -32.56 6.54 11.44
C PRO A 301 -31.37 5.59 11.49
N VAL A 302 -31.58 4.45 12.14
CA VAL A 302 -30.56 3.42 12.29
C VAL A 302 -30.96 2.26 11.39
N VAL A 303 -29.98 1.51 10.92
CA VAL A 303 -30.26 0.31 10.15
C VAL A 303 -30.35 -0.83 11.17
N ASP A 304 -31.58 -1.22 11.49
CA ASP A 304 -31.86 -2.20 12.53
C ASP A 304 -32.19 -3.59 11.98
N GLY A 305 -32.23 -3.76 10.67
CA GLY A 305 -32.75 -5.00 10.14
C GLY A 305 -34.23 -5.20 10.41
N ASP A 306 -34.94 -4.13 10.78
CA ASP A 306 -36.37 -4.20 11.03
C ASP A 306 -37.13 -3.22 10.16
N PHE A 307 -37.07 -1.92 10.49
CA PHE A 307 -37.72 -0.92 9.65
C PHE A 307 -37.03 -0.85 8.29
N LEU A 308 -35.71 -0.88 8.29
CA LEU A 308 -34.92 -1.04 7.09
C LEU A 308 -34.32 -2.44 7.17
N SER A 309 -34.81 -3.34 6.30
CA SER A 309 -34.31 -4.72 6.31
C SER A 309 -32.82 -4.77 6.01
N ASP A 310 -32.31 -3.79 5.27
CA ASP A 310 -30.89 -3.70 4.96
C ASP A 310 -30.55 -2.22 4.86
N THR A 311 -29.29 -1.92 4.51
CA THR A 311 -28.92 -0.54 4.27
C THR A 311 -29.68 0.02 3.08
N PRO A 312 -29.98 1.33 3.07
CA PRO A 312 -30.70 1.90 1.92
C PRO A 312 -30.01 1.65 0.60
N GLU A 313 -28.67 1.64 0.58
CA GLU A 313 -27.93 1.31 -0.63
C GLU A 313 -28.34 -0.04 -1.18
N ALA A 314 -28.33 -1.06 -0.33
CA ALA A 314 -28.69 -2.40 -0.76
C ALA A 314 -30.14 -2.49 -1.20
N LEU A 315 -31.04 -1.85 -0.44
CA LEU A 315 -32.46 -1.93 -0.76
C LEU A 315 -32.80 -1.23 -2.07
N ILE A 316 -32.14 -0.12 -2.39
CA ILE A 316 -32.37 0.52 -3.68
C ILE A 316 -31.64 -0.20 -4.80
N ASN A 317 -30.60 -0.98 -4.49
CA ASN A 317 -29.96 -1.79 -5.53
C ASN A 317 -30.79 -3.01 -5.91
N THR A 318 -31.40 -3.67 -4.93
CA THR A 318 -32.12 -4.92 -5.16
C THR A 318 -33.64 -4.78 -5.21
N GLY A 319 -34.19 -3.58 -5.02
CA GLY A 319 -35.63 -3.43 -4.91
C GLY A 319 -36.36 -3.63 -6.24
N ASP A 320 -37.69 -3.78 -6.14
CA ASP A 320 -38.57 -3.77 -7.30
C ASP A 320 -39.54 -2.60 -7.16
N PHE A 321 -39.33 -1.58 -7.97
CA PHE A 321 -40.07 -0.33 -7.94
C PHE A 321 -41.11 -0.22 -9.05
N GLN A 322 -41.43 -1.32 -9.74
CA GLN A 322 -42.24 -1.32 -10.96
C GLN A 322 -43.46 -0.42 -10.86
N ASP A 323 -44.26 -0.54 -9.80
CA ASP A 323 -45.38 0.39 -9.63
C ASP A 323 -44.88 1.40 -8.60
N LEU A 324 -44.34 2.51 -9.10
CA LEU A 324 -43.94 3.64 -8.28
C LEU A 324 -43.78 4.85 -9.20
N GLN A 325 -44.09 6.03 -8.68
CA GLN A 325 -43.85 7.28 -9.39
C GLN A 325 -43.17 8.24 -8.43
N VAL A 326 -41.94 8.63 -8.75
CA VAL A 326 -41.11 9.43 -7.86
C VAL A 326 -40.73 10.72 -8.55
N LEU A 327 -40.82 11.82 -7.81
CA LEU A 327 -40.28 13.12 -8.21
C LEU A 327 -39.14 13.48 -7.26
N VAL A 328 -37.95 13.73 -7.81
CA VAL A 328 -36.79 14.07 -7.01
C VAL A 328 -36.11 15.29 -7.61
N GLY A 329 -35.34 15.98 -6.78
CA GLY A 329 -34.64 17.16 -7.25
C GLY A 329 -33.75 17.75 -6.17
N VAL A 330 -32.97 18.75 -6.59
CA VAL A 330 -32.04 19.47 -5.74
C VAL A 330 -32.23 20.96 -5.97
N VAL A 331 -31.49 21.78 -5.22
CA VAL A 331 -31.44 23.21 -5.50
C VAL A 331 -30.03 23.57 -5.95
N LYS A 332 -29.83 24.83 -6.33
CA LYS A 332 -28.61 25.22 -7.02
C LYS A 332 -27.39 25.09 -6.11
N ASP A 333 -27.44 25.66 -4.91
CA ASP A 333 -26.37 25.50 -3.94
C ASP A 333 -26.91 24.75 -2.72
N GLU A 334 -26.63 23.46 -2.62
CA GLU A 334 -27.19 22.69 -1.53
C GLU A 334 -26.38 22.87 -0.25
N GLY A 335 -25.06 22.91 -0.37
CA GLY A 335 -24.24 22.93 0.82
C GLY A 335 -23.81 24.29 1.28
N SER A 336 -24.33 25.36 0.64
CA SER A 336 -23.78 26.71 0.84
C SER A 336 -23.79 27.09 2.32
N TYR A 337 -24.96 27.14 2.95
CA TYR A 337 -24.98 27.68 4.31
C TYR A 337 -24.48 26.71 5.37
N PHE A 338 -24.29 25.44 5.05
CA PHE A 338 -23.67 24.54 6.02
C PHE A 338 -22.27 25.01 6.37
N LEU A 339 -21.60 25.70 5.43
CA LEU A 339 -20.20 26.06 5.60
C LEU A 339 -19.99 27.01 6.78
N VAL A 340 -20.97 27.87 7.08
CA VAL A 340 -20.82 28.81 8.18
C VAL A 340 -21.06 28.16 9.53
N TYR A 341 -21.40 26.86 9.54
CA TYR A 341 -21.65 26.09 10.73
C TYR A 341 -20.40 25.37 11.27
N GLY A 342 -19.21 25.87 10.92
CA GLY A 342 -17.97 25.29 11.38
C GLY A 342 -16.86 24.90 10.42
N VAL A 343 -16.97 25.26 9.14
CA VAL A 343 -15.83 25.29 8.24
C VAL A 343 -15.14 26.64 8.39
N PRO A 344 -13.90 26.68 8.89
CA PRO A 344 -13.25 27.98 9.15
C PRO A 344 -13.05 28.81 7.89
N GLY A 345 -13.29 30.10 8.01
CA GLY A 345 -13.18 31.03 6.90
C GLY A 345 -14.50 31.44 6.30
N PHE A 346 -15.59 30.80 6.68
CA PHE A 346 -16.90 31.04 6.08
C PHE A 346 -17.82 31.71 7.09
N SER A 347 -18.41 32.83 6.69
CA SER A 347 -19.36 33.58 7.50
C SER A 347 -20.40 34.19 6.57
N LYS A 348 -21.61 34.37 7.10
CA LYS A 348 -22.69 34.93 6.30
C LYS A 348 -22.55 36.42 6.06
N ASP A 349 -21.65 37.10 6.79
CA ASP A 349 -21.58 38.55 6.75
C ASP A 349 -20.50 39.10 5.83
N ASN A 350 -19.69 38.24 5.20
CA ASN A 350 -18.75 38.66 4.17
C ASN A 350 -18.74 37.62 3.07
N GLU A 351 -17.97 37.88 2.00
CA GLU A 351 -18.01 37.00 0.84
C GLU A 351 -17.27 35.68 1.05
N SER A 352 -16.59 35.51 2.19
CA SER A 352 -15.97 34.24 2.56
C SER A 352 -14.98 33.75 1.51
N LEU A 353 -14.16 34.66 0.99
CA LEU A 353 -13.07 34.27 0.12
C LEU A 353 -11.98 33.61 0.96
N ILE A 354 -11.61 32.38 0.60
CA ILE A 354 -10.73 31.58 1.44
C ILE A 354 -9.46 31.24 0.70
N SER A 355 -8.42 30.93 1.48
CA SER A 355 -7.15 30.49 0.93
C SER A 355 -7.23 29.03 0.53
N ARG A 356 -6.13 28.50 -0.02
CA ARG A 356 -6.13 27.09 -0.40
C ARG A 356 -6.07 26.20 0.82
N ALA A 357 -5.28 26.56 1.83
CA ALA A 357 -5.21 25.76 3.05
C ALA A 357 -6.56 25.67 3.73
N GLN A 358 -7.30 26.79 3.79
CA GLN A 358 -8.65 26.77 4.34
C GLN A 358 -9.57 25.87 3.52
N PHE A 359 -9.31 25.75 2.22
CA PHE A 359 -10.09 24.82 1.40
C PHE A 359 -9.75 23.38 1.73
N LEU A 360 -8.47 23.10 2.02
CA LEU A 360 -8.08 21.75 2.36
C LEU A 360 -8.69 21.33 3.70
N ALA A 361 -8.52 22.16 4.72
CA ALA A 361 -9.15 21.88 6.01
C ALA A 361 -10.67 21.82 5.87
N GLY A 362 -11.24 22.65 4.99
CA GLY A 362 -12.67 22.59 4.75
C GLY A 362 -13.10 21.28 4.14
N VAL A 363 -12.26 20.69 3.29
CA VAL A 363 -12.57 19.38 2.73
C VAL A 363 -12.47 18.31 3.81
N ARG A 364 -11.51 18.44 4.72
CA ARG A 364 -11.44 17.50 5.84
C ARG A 364 -12.69 17.59 6.73
N ILE A 365 -13.27 18.78 6.88
CA ILE A 365 -14.46 18.92 7.73
C ILE A 365 -15.72 18.51 6.99
N GLY A 366 -15.86 18.88 5.72
CA GLY A 366 -17.07 18.59 4.98
C GLY A 366 -17.20 17.14 4.55
N VAL A 367 -16.09 16.41 4.48
CA VAL A 367 -16.13 14.99 4.19
C VAL A 367 -15.46 14.29 5.37
N PRO A 368 -16.11 14.27 6.54
CA PRO A 368 -15.40 13.83 7.76
C PRO A 368 -15.00 12.38 7.73
N GLN A 369 -15.71 11.54 6.98
CA GLN A 369 -15.43 10.12 6.97
C GLN A 369 -14.31 9.74 6.01
N ALA A 370 -13.97 10.63 5.07
CA ALA A 370 -12.98 10.31 4.05
C ALA A 370 -11.60 10.11 4.67
N SER A 371 -10.86 9.14 4.13
CA SER A 371 -9.48 8.93 4.52
C SER A 371 -8.60 10.03 3.95
N ASP A 372 -7.30 9.96 4.24
CA ASP A 372 -6.37 10.95 3.68
C ASP A 372 -6.37 10.89 2.16
N LEU A 373 -6.26 9.69 1.61
CA LEU A 373 -6.24 9.55 0.15
C LEU A 373 -7.54 10.06 -0.46
N ALA A 374 -8.68 9.71 0.13
CA ALA A 374 -9.96 10.15 -0.40
C ALA A 374 -10.08 11.68 -0.35
N ALA A 375 -9.58 12.29 0.72
CA ALA A 375 -9.59 13.75 0.81
C ALA A 375 -8.73 14.36 -0.29
N GLU A 376 -7.54 13.81 -0.52
CA GLU A 376 -6.69 14.30 -1.61
C GLU A 376 -7.39 14.15 -2.95
N ALA A 377 -8.15 13.07 -3.13
CA ALA A 377 -8.91 12.89 -4.36
C ALA A 377 -9.98 13.96 -4.52
N VAL A 378 -10.72 14.27 -3.45
CA VAL A 378 -11.73 15.32 -3.50
C VAL A 378 -11.10 16.66 -3.85
N VAL A 379 -9.97 16.97 -3.19
CA VAL A 379 -9.26 18.22 -3.48
C VAL A 379 -8.87 18.29 -4.94
N LEU A 380 -8.19 17.27 -5.44
CA LEU A 380 -7.73 17.31 -6.82
C LEU A 380 -8.89 17.31 -7.82
N HIS A 381 -10.06 16.80 -7.43
CA HIS A 381 -11.20 16.80 -8.34
C HIS A 381 -11.88 18.16 -8.39
N TYR A 382 -11.99 18.84 -7.25
CA TYR A 382 -12.70 20.12 -7.19
C TYR A 382 -11.79 21.33 -7.40
N THR A 383 -10.49 21.12 -7.54
CA THR A 383 -9.57 22.22 -7.81
C THR A 383 -9.59 22.56 -9.30
N ASP A 384 -9.60 23.86 -9.60
CA ASP A 384 -9.29 24.36 -10.93
C ASP A 384 -7.79 24.62 -10.95
N TRP A 385 -7.07 23.87 -11.78
CA TRP A 385 -5.62 23.92 -11.81
C TRP A 385 -5.08 25.02 -12.72
N LEU A 386 -5.97 25.77 -13.38
CA LEU A 386 -5.58 27.04 -13.97
C LEU A 386 -5.56 28.16 -12.94
N HIS A 387 -6.38 28.07 -11.90
CA HIS A 387 -6.43 29.07 -10.82
C HIS A 387 -6.53 28.36 -9.48
N PRO A 388 -5.47 27.65 -9.06
CA PRO A 388 -5.57 26.87 -7.81
C PRO A 388 -5.64 27.72 -6.56
N GLU A 389 -5.20 28.98 -6.61
CA GLU A 389 -5.23 29.88 -5.46
C GLU A 389 -6.44 30.80 -5.45
N ASP A 390 -7.30 30.74 -6.47
CA ASP A 390 -8.37 31.72 -6.62
C ASP A 390 -9.39 31.59 -5.49
N PRO A 391 -9.57 32.62 -4.65
CA PRO A 391 -10.46 32.47 -3.49
C PRO A 391 -11.92 32.29 -3.85
N THR A 392 -12.41 32.94 -4.92
CA THR A 392 -13.79 32.77 -5.31
C THR A 392 -14.07 31.33 -5.71
N HIS A 393 -13.25 30.77 -6.59
CA HIS A 393 -13.42 29.38 -7.00
C HIS A 393 -13.25 28.43 -5.82
N LEU A 394 -12.38 28.76 -4.87
CA LEU A 394 -12.19 27.89 -3.71
C LEU A 394 -13.43 27.88 -2.83
N ARG A 395 -14.01 29.06 -2.56
CA ARG A 395 -15.24 29.12 -1.77
C ARG A 395 -16.37 28.36 -2.46
N ASP A 396 -16.60 28.66 -3.75
CA ASP A 396 -17.66 27.98 -4.49
C ASP A 396 -17.42 26.48 -4.53
N ALA A 397 -16.15 26.07 -4.61
CA ALA A 397 -15.82 24.65 -4.67
C ALA A 397 -16.06 23.96 -3.34
N MET A 398 -15.84 24.67 -2.23
CA MET A 398 -16.22 24.14 -0.92
C MET A 398 -17.72 23.89 -0.86
N SER A 399 -18.51 24.90 -1.22
CA SER A 399 -19.96 24.74 -1.26
C SER A 399 -20.37 23.57 -2.13
N ALA A 400 -19.69 23.39 -3.27
CA ALA A 400 -20.04 22.30 -4.18
C ALA A 400 -19.63 20.94 -3.62
N VAL A 401 -18.52 20.88 -2.89
CA VAL A 401 -18.12 19.63 -2.27
C VAL A 401 -19.18 19.18 -1.28
N VAL A 402 -19.60 20.08 -0.38
CA VAL A 402 -20.56 19.67 0.64
C VAL A 402 -21.91 19.36 0.00
N GLY A 403 -22.36 20.20 -0.93
CA GLY A 403 -23.65 19.96 -1.57
C GLY A 403 -23.68 18.68 -2.37
N ASP A 404 -22.70 18.49 -3.26
CA ASP A 404 -22.64 17.27 -4.07
C ASP A 404 -22.50 16.03 -3.19
N HIS A 405 -21.64 16.10 -2.18
CA HIS A 405 -21.39 14.93 -1.34
C HIS A 405 -22.65 14.53 -0.59
N ASN A 406 -23.30 15.49 0.08
CA ASN A 406 -24.44 15.16 0.96
C ASN A 406 -25.77 15.04 0.22
N VAL A 407 -25.98 15.77 -0.87
CA VAL A 407 -27.32 15.86 -1.43
C VAL A 407 -27.34 15.51 -2.92
N VAL A 408 -26.60 16.27 -3.73
CA VAL A 408 -26.75 16.18 -5.18
C VAL A 408 -26.45 14.77 -5.67
N CYS A 409 -25.27 14.25 -5.34
CA CYS A 409 -24.88 12.92 -5.82
C CYS A 409 -25.71 11.80 -5.20
N PRO A 410 -26.01 11.83 -3.90
CA PRO A 410 -27.00 10.85 -3.39
C PRO A 410 -28.30 10.85 -4.16
N VAL A 411 -28.82 12.04 -4.49
CA VAL A 411 -30.04 12.12 -5.27
C VAL A 411 -29.83 11.53 -6.67
N ALA A 412 -28.69 11.82 -7.28
CA ALA A 412 -28.41 11.30 -8.62
C ALA A 412 -28.36 9.78 -8.62
N GLN A 413 -27.75 9.19 -7.59
CA GLN A 413 -27.68 7.75 -7.49
C GLN A 413 -29.06 7.15 -7.25
N LEU A 414 -29.83 7.74 -6.34
CA LEU A 414 -31.18 7.23 -6.07
C LEU A 414 -32.03 7.28 -7.33
N ALA A 415 -31.98 8.39 -8.07
CA ALA A 415 -32.75 8.50 -9.31
C ALA A 415 -32.28 7.47 -10.34
N GLY A 416 -30.98 7.21 -10.38
CA GLY A 416 -30.47 6.18 -11.29
C GLY A 416 -30.98 4.80 -10.95
N ARG A 417 -30.96 4.45 -9.65
CA ARG A 417 -31.33 3.10 -9.27
C ARG A 417 -32.84 2.89 -9.36
N LEU A 418 -33.62 3.87 -8.90
CA LEU A 418 -35.08 3.78 -9.06
C LEU A 418 -35.46 3.72 -10.52
N ALA A 419 -34.82 4.52 -11.36
CA ALA A 419 -35.13 4.52 -12.79
C ALA A 419 -34.76 3.19 -13.43
N ALA A 420 -33.60 2.64 -13.07
CA ALA A 420 -33.13 1.41 -13.68
C ALA A 420 -34.03 0.24 -13.32
N GLN A 421 -34.56 0.24 -12.09
CA GLN A 421 -35.35 -0.86 -11.57
C GLN A 421 -36.84 -0.68 -11.80
N GLY A 422 -37.24 0.28 -12.62
CA GLY A 422 -38.57 0.28 -13.18
C GLY A 422 -39.55 1.27 -12.59
N ALA A 423 -39.08 2.19 -11.76
CA ALA A 423 -39.92 3.30 -11.31
C ALA A 423 -39.95 4.39 -12.37
N ARG A 424 -41.02 5.18 -12.33
CA ARG A 424 -41.13 6.36 -13.19
C ARG A 424 -40.61 7.55 -12.39
N VAL A 425 -39.50 8.13 -12.85
CA VAL A 425 -38.77 9.15 -12.10
C VAL A 425 -38.81 10.46 -12.88
N TYR A 426 -39.12 11.55 -12.19
CA TYR A 426 -39.00 12.91 -12.72
C TYR A 426 -38.00 13.68 -11.85
N ALA A 427 -37.09 14.40 -12.50
CA ALA A 427 -36.00 15.06 -11.81
C ALA A 427 -35.95 16.54 -12.16
N TYR A 428 -35.69 17.37 -11.16
CA TYR A 428 -35.65 18.82 -11.32
C TYR A 428 -34.42 19.38 -10.63
N ILE A 429 -34.11 20.63 -10.94
CA ILE A 429 -33.12 21.40 -10.19
C ILE A 429 -33.68 22.81 -10.02
N PHE A 430 -33.78 23.27 -8.77
CA PHE A 430 -34.45 24.53 -8.45
C PHE A 430 -33.39 25.63 -8.40
N GLU A 431 -33.39 26.49 -9.42
CA GLU A 431 -32.33 27.47 -9.61
C GLU A 431 -32.68 28.89 -9.19
N HIS A 432 -33.90 29.16 -8.73
CA HIS A 432 -34.32 30.54 -8.46
C HIS A 432 -34.03 30.92 -7.01
N ARG A 433 -33.42 32.08 -6.83
CA ARG A 433 -33.16 32.64 -5.51
C ARG A 433 -34.29 33.59 -5.14
N ALA A 434 -34.87 33.40 -3.96
CA ALA A 434 -35.98 34.24 -3.51
C ALA A 434 -35.55 35.69 -3.42
N SER A 435 -36.41 36.59 -3.91
CA SER A 435 -36.10 38.01 -3.83
C SER A 435 -36.00 38.49 -2.39
N THR A 436 -36.72 37.84 -1.48
CA THR A 436 -36.75 38.20 -0.07
C THR A 436 -35.72 37.43 0.76
N LEU A 437 -34.85 36.66 0.12
CA LEU A 437 -33.93 35.79 0.84
C LEU A 437 -32.90 36.63 1.58
N THR A 438 -32.72 36.34 2.87
CA THR A 438 -31.85 37.13 3.75
C THR A 438 -30.42 36.61 3.85
N TRP A 439 -30.13 35.40 3.35
CA TRP A 439 -28.78 34.90 3.39
C TRP A 439 -27.91 35.66 2.39
N PRO A 440 -26.59 35.68 2.59
CA PRO A 440 -25.72 36.46 1.70
C PRO A 440 -25.83 36.00 0.25
N LEU A 441 -25.42 36.89 -0.64
CA LEU A 441 -25.58 36.64 -2.07
C LEU A 441 -24.71 35.48 -2.55
N TRP A 442 -23.57 35.24 -1.89
CA TRP A 442 -22.67 34.18 -2.36
C TRP A 442 -23.22 32.78 -2.10
N MET A 443 -24.27 32.64 -1.29
CA MET A 443 -24.84 31.33 -1.03
C MET A 443 -25.85 30.90 -2.09
N GLY A 444 -26.20 31.77 -3.03
CA GLY A 444 -27.01 31.36 -4.17
C GLY A 444 -28.42 30.98 -3.75
N VAL A 445 -28.86 29.80 -4.17
CA VAL A 445 -30.13 29.25 -3.70
C VAL A 445 -29.81 28.19 -2.66
N PRO A 446 -29.97 28.47 -1.37
CA PRO A 446 -29.47 27.51 -0.37
C PRO A 446 -30.41 26.34 -0.08
N HIS A 447 -30.06 25.55 0.93
CA HIS A 447 -30.76 24.32 1.23
C HIS A 447 -32.14 24.65 1.79
N GLY A 448 -33.18 24.14 1.14
CA GLY A 448 -34.54 24.30 1.63
C GLY A 448 -35.26 25.58 1.25
N TYR A 449 -34.73 26.35 0.30
CA TYR A 449 -35.36 27.59 -0.10
C TYR A 449 -36.22 27.46 -1.35
N GLU A 450 -36.46 26.23 -1.80
CA GLU A 450 -37.53 25.99 -2.76
C GLU A 450 -38.89 25.78 -2.08
N ILE A 451 -38.92 25.53 -0.77
CA ILE A 451 -40.16 25.11 -0.11
C ILE A 451 -41.19 26.24 -0.15
N GLU A 452 -40.78 27.47 0.14
CA GLU A 452 -41.73 28.58 0.19
C GLU A 452 -42.39 28.80 -1.16
N PHE A 453 -41.74 28.41 -2.25
CA PHE A 453 -42.37 28.52 -3.55
C PHE A 453 -43.32 27.36 -3.83
N ILE A 454 -42.94 26.13 -3.41
CA ILE A 454 -43.81 24.98 -3.61
C ILE A 454 -45.11 25.16 -2.84
N PHE A 455 -45.03 25.72 -1.62
CA PHE A 455 -46.23 25.92 -0.83
C PHE A 455 -47.03 27.14 -1.23
N GLY A 456 -46.49 27.98 -2.12
CA GLY A 456 -47.25 29.11 -2.62
C GLY A 456 -47.29 30.33 -1.72
N LEU A 457 -46.31 30.49 -0.82
CA LEU A 457 -46.23 31.71 -0.03
C LEU A 457 -46.18 32.98 -0.86
N PRO A 458 -45.52 33.03 -2.03
CA PRO A 458 -45.58 34.26 -2.85
C PRO A 458 -46.98 34.68 -3.27
N LEU A 459 -47.99 33.81 -3.13
CA LEU A 459 -49.36 34.22 -3.42
C LEU A 459 -49.95 35.10 -2.32
N ASP A 460 -49.30 35.14 -1.15
CA ASP A 460 -49.62 36.10 -0.10
C ASP A 460 -49.00 37.43 -0.51
N PRO A 461 -49.81 38.45 -0.79
CA PRO A 461 -49.24 39.74 -1.24
C PRO A 461 -48.49 40.49 -0.15
N SER A 462 -48.81 40.24 1.12
CA SER A 462 -48.11 40.89 2.23
C SER A 462 -46.70 40.37 2.45
N LEU A 463 -46.30 39.29 1.78
CA LEU A 463 -44.96 38.76 1.95
C LEU A 463 -43.94 39.40 1.01
N ASN A 464 -44.36 40.37 0.20
CA ASN A 464 -43.46 41.22 -0.57
C ASN A 464 -42.65 40.44 -1.60
N TYR A 465 -43.26 39.41 -2.20
CA TYR A 465 -42.59 38.77 -3.32
C TYR A 465 -42.87 39.56 -4.61
N THR A 466 -42.20 39.16 -5.69
CA THR A 466 -42.41 39.73 -7.00
C THR A 466 -43.59 39.06 -7.71
N THR A 467 -44.16 39.77 -8.69
CA THR A 467 -45.18 39.15 -9.54
C THR A 467 -44.62 37.96 -10.29
N GLU A 468 -43.39 38.09 -10.80
CA GLU A 468 -42.69 36.95 -11.40
C GLU A 468 -42.70 35.75 -10.46
N GLU A 469 -42.36 35.98 -9.19
CA GLU A 469 -42.32 34.91 -8.21
C GLU A 469 -43.71 34.39 -7.86
N ARG A 470 -44.73 35.22 -7.97
CA ARG A 470 -46.10 34.73 -7.75
C ARG A 470 -46.49 33.74 -8.86
N ILE A 471 -46.26 34.13 -10.12
CA ILE A 471 -46.58 33.23 -11.23
C ILE A 471 -45.72 31.97 -11.16
N PHE A 472 -44.44 32.12 -10.80
CA PHE A 472 -43.56 30.96 -10.64
C PHE A 472 -44.11 30.01 -9.59
N ALA A 473 -44.49 30.55 -8.42
CA ALA A 473 -45.06 29.71 -7.37
C ALA A 473 -46.31 28.99 -7.85
N GLN A 474 -47.19 29.68 -8.59
CA GLN A 474 -48.38 29.01 -9.11
C GLN A 474 -48.00 27.87 -10.04
N ARG A 475 -46.99 28.08 -10.89
CA ARG A 475 -46.56 27.02 -11.81
C ARG A 475 -46.03 25.81 -11.04
N LEU A 476 -45.28 26.04 -9.96
CA LEU A 476 -44.75 24.94 -9.18
C LEU A 476 -45.85 24.20 -8.44
N MET A 477 -46.81 24.93 -7.86
CA MET A 477 -47.96 24.27 -7.25
C MET A 477 -48.69 23.41 -8.27
N LYS A 478 -48.80 23.90 -9.52
CA LYS A 478 -49.44 23.08 -10.54
C LYS A 478 -48.63 21.83 -10.86
N TYR A 479 -47.30 21.96 -10.90
CA TYR A 479 -46.46 20.77 -11.14
C TYR A 479 -46.65 19.75 -10.03
N TRP A 480 -46.61 20.19 -8.77
CA TRP A 480 -46.69 19.25 -7.65
C TRP A 480 -48.07 18.63 -7.53
N THR A 481 -49.13 19.42 -7.68
CA THR A 481 -50.46 18.84 -7.58
C THR A 481 -50.78 17.95 -8.78
N ASN A 482 -50.26 18.33 -9.96
CA ASN A 482 -50.35 17.44 -11.12
C ASN A 482 -49.67 16.10 -10.83
N PHE A 483 -48.48 16.13 -10.23
CA PHE A 483 -47.82 14.88 -9.92
C PHE A 483 -48.60 14.07 -8.90
N ALA A 484 -49.04 14.72 -7.80
CA ALA A 484 -49.78 14.02 -6.77
C ALA A 484 -51.05 13.39 -7.32
N ARG A 485 -51.67 14.06 -8.29
CA ARG A 485 -52.92 13.58 -8.90
C ARG A 485 -52.65 12.44 -9.88
N THR A 486 -51.94 12.73 -10.98
CA THR A 486 -51.78 11.80 -12.08
C THR A 486 -50.46 11.03 -12.06
N GLY A 487 -49.57 11.30 -11.12
CA GLY A 487 -48.23 10.73 -11.21
C GLY A 487 -47.38 11.33 -12.31
N ASP A 488 -47.80 12.45 -12.90
CA ASP A 488 -47.06 13.14 -13.93
C ASP A 488 -47.08 14.62 -13.56
N PRO A 489 -45.95 15.33 -13.65
CA PRO A 489 -45.97 16.77 -13.39
C PRO A 489 -46.63 17.57 -14.50
N ASN A 490 -46.59 17.08 -15.73
CA ASN A 490 -46.99 17.88 -16.88
C ASN A 490 -48.48 18.17 -16.87
N ASP A 491 -48.84 19.31 -17.43
CA ASP A 491 -50.23 19.72 -17.54
C ASP A 491 -50.94 18.78 -18.51
N PRO A 492 -51.99 18.06 -18.08
CA PRO A 492 -52.58 17.04 -18.98
C PRO A 492 -53.17 17.61 -20.25
N ARG A 493 -53.93 18.70 -20.16
CA ARG A 493 -54.62 19.28 -21.30
C ARG A 493 -53.75 20.23 -22.11
N ASP A 494 -52.48 20.37 -21.73
CA ASP A 494 -51.59 21.36 -22.33
C ASP A 494 -50.46 20.69 -23.09
N SER A 495 -50.22 21.19 -24.31
CA SER A 495 -48.97 21.02 -25.03
C SER A 495 -48.54 22.39 -25.56
N LYS A 496 -47.22 22.59 -25.68
CA LYS A 496 -46.50 23.84 -25.91
C LYS A 496 -46.19 24.57 -24.60
N SER A 497 -46.76 24.12 -23.48
CA SER A 497 -46.07 24.27 -22.20
C SER A 497 -44.99 23.20 -22.16
N PRO A 498 -43.71 23.56 -22.11
CA PRO A 498 -42.65 22.60 -22.42
C PRO A 498 -42.75 21.34 -21.58
N GLN A 499 -42.72 20.18 -22.25
CA GLN A 499 -42.92 18.92 -21.57
C GLN A 499 -41.74 18.57 -20.67
N TRP A 500 -42.04 17.85 -19.59
CA TRP A 500 -41.06 17.43 -18.60
C TRP A 500 -40.84 15.94 -18.76
N PRO A 501 -39.75 15.50 -19.37
CA PRO A 501 -39.58 14.06 -19.65
C PRO A 501 -39.13 13.31 -18.41
N PRO A 502 -39.44 12.02 -18.30
CA PRO A 502 -38.99 11.25 -17.15
C PRO A 502 -37.48 11.04 -17.19
N TYR A 503 -36.86 11.09 -16.01
CA TYR A 503 -35.44 10.73 -15.89
C TYR A 503 -35.27 9.25 -16.19
N THR A 504 -34.38 8.94 -17.12
CA THR A 504 -34.09 7.57 -17.51
C THR A 504 -32.60 7.33 -17.43
N THR A 505 -32.23 6.04 -17.40
CA THR A 505 -30.81 5.70 -17.37
C THR A 505 -30.14 6.12 -18.68
N ALA A 506 -30.79 5.87 -19.82
CA ALA A 506 -30.21 6.22 -21.10
C ALA A 506 -30.07 7.73 -21.27
N ALA A 507 -31.18 8.46 -21.15
CA ALA A 507 -31.19 9.89 -21.48
C ALA A 507 -30.68 10.75 -20.32
N GLN A 508 -31.04 10.40 -19.09
CA GLN A 508 -30.69 11.20 -17.90
C GLN A 508 -31.25 12.62 -18.01
N GLN A 509 -32.54 12.74 -18.30
CA GLN A 509 -33.15 14.04 -18.53
C GLN A 509 -33.76 14.59 -17.25
N TYR A 510 -33.45 15.86 -16.95
CA TYR A 510 -34.02 16.60 -15.84
C TYR A 510 -34.39 17.98 -16.35
N VAL A 511 -35.12 18.75 -15.53
CA VAL A 511 -35.53 20.09 -15.93
C VAL A 511 -35.03 21.08 -14.90
N SER A 512 -35.01 22.35 -15.31
CA SER A 512 -34.61 23.45 -14.43
C SER A 512 -35.86 24.24 -14.03
N LEU A 513 -36.03 24.43 -12.72
CA LEU A 513 -37.15 25.19 -12.20
C LEU A 513 -36.65 26.59 -11.85
N ASN A 514 -37.06 27.58 -12.63
CA ASN A 514 -36.64 28.96 -12.45
C ASN A 514 -37.69 29.85 -13.10
N LEU A 515 -37.39 31.15 -13.14
CA LEU A 515 -38.38 32.09 -13.67
C LEU A 515 -38.55 31.93 -15.17
N LYS A 516 -37.53 31.43 -15.86
CA LYS A 516 -37.64 31.12 -17.27
C LYS A 516 -38.52 29.87 -17.44
N PRO A 517 -39.09 29.66 -18.63
CA PRO A 517 -39.83 28.43 -18.88
C PRO A 517 -38.94 27.20 -18.74
N LEU A 518 -39.60 26.04 -18.61
CA LEU A 518 -38.91 24.78 -18.37
C LEU A 518 -37.81 24.55 -19.39
N GLU A 519 -36.61 24.22 -18.90
CA GLU A 519 -35.48 23.86 -19.73
C GLU A 519 -35.03 22.45 -19.38
N VAL A 520 -34.86 21.61 -20.40
CA VAL A 520 -34.47 20.21 -20.22
C VAL A 520 -32.97 20.10 -20.41
N ARG A 521 -32.30 19.54 -19.41
CA ARG A 521 -30.88 19.27 -19.44
C ARG A 521 -30.66 17.77 -19.25
N ARG A 522 -29.50 17.31 -19.68
CA ARG A 522 -29.12 15.91 -19.52
C ARG A 522 -27.90 15.84 -18.61
N GLY A 523 -27.74 14.69 -17.94
CA GLY A 523 -26.57 14.52 -17.10
C GLY A 523 -26.51 15.29 -15.79
N LEU A 524 -27.37 14.97 -14.82
CA LEU A 524 -27.34 15.70 -13.56
C LEU A 524 -25.99 15.47 -12.91
N ARG A 525 -25.15 16.51 -12.92
CA ARG A 525 -23.75 16.46 -12.48
C ARG A 525 -23.12 15.09 -12.76
N ALA A 526 -23.00 14.72 -14.05
CA ALA A 526 -22.76 13.32 -14.39
C ALA A 526 -21.35 12.87 -13.99
N GLN A 527 -20.34 13.62 -14.42
CA GLN A 527 -18.96 13.21 -14.17
C GLN A 527 -18.62 13.29 -12.68
N THR A 528 -19.05 14.36 -12.02
CA THR A 528 -18.70 14.57 -10.62
C THR A 528 -19.39 13.56 -9.72
N CYS A 529 -20.66 13.25 -9.99
CA CYS A 529 -21.35 12.24 -9.21
C CYS A 529 -20.93 10.83 -9.59
N ALA A 530 -20.38 10.63 -10.79
CA ALA A 530 -19.69 9.37 -11.06
C ALA A 530 -18.44 9.26 -10.21
N PHE A 531 -17.78 10.38 -9.94
CA PHE A 531 -16.63 10.36 -9.03
C PHE A 531 -17.08 10.00 -7.61
N TRP A 532 -18.17 10.63 -7.14
CA TRP A 532 -18.59 10.41 -5.76
C TRP A 532 -19.17 9.02 -5.55
N ASN A 533 -20.06 8.59 -6.45
CA ASN A 533 -20.84 7.37 -6.25
C ASN A 533 -20.09 6.11 -6.64
N ARG A 534 -19.27 6.18 -7.70
CA ARG A 534 -18.65 4.99 -8.30
C ARG A 534 -17.20 4.80 -7.84
N PHE A 535 -16.33 5.79 -8.10
CA PHE A 535 -14.91 5.67 -7.80
C PHE A 535 -14.62 5.84 -6.31
N LEU A 536 -14.96 6.99 -5.75
CA LEU A 536 -14.54 7.35 -4.39
C LEU A 536 -14.77 6.26 -3.34
N PRO A 537 -15.86 5.49 -3.36
CA PRO A 537 -15.96 4.36 -2.41
C PRO A 537 -14.81 3.38 -2.52
N LYS A 538 -14.36 3.05 -3.74
CA LYS A 538 -13.30 2.08 -3.94
C LYS A 538 -11.97 2.49 -3.31
N LEU A 539 -11.84 3.75 -2.88
CA LEU A 539 -10.63 4.17 -2.18
C LEU A 539 -10.57 3.62 -0.77
N LEU A 540 -11.74 3.33 -0.17
CA LEU A 540 -11.83 2.69 1.15
C LEU A 540 -10.96 3.42 2.15
N SER A 541 -10.37 2.66 3.07
CA SER A 541 -9.02 2.87 3.57
C SER A 541 -8.55 1.51 4.07
N ALA A 542 -7.28 1.19 3.83
CA ALA A 542 -6.78 -0.15 4.10
C ALA A 542 -6.49 -0.32 5.59
N THR A 543 -6.83 -1.50 6.12
CA THR A 543 -6.47 -1.88 7.47
C THR A 543 -5.56 -3.11 7.43
N GLU B 4 37.97 20.59 -59.43
CA GLU B 4 37.42 20.34 -58.10
C GLU B 4 36.73 21.57 -57.54
N ASP B 5 35.49 21.39 -57.09
CA ASP B 5 34.74 22.47 -56.46
C ASP B 5 35.42 22.87 -55.15
N PRO B 6 35.83 24.13 -55.00
CA PRO B 6 36.50 24.52 -53.75
C PRO B 6 35.60 24.42 -52.52
N GLN B 7 34.29 24.60 -52.69
CA GLN B 7 33.38 24.61 -51.55
C GLN B 7 33.00 23.22 -51.06
N LEU B 8 33.18 22.18 -51.88
CA LEU B 8 32.84 20.82 -51.48
C LEU B 8 33.99 20.07 -50.80
N LEU B 9 35.20 20.63 -50.81
CA LEU B 9 36.35 20.01 -50.15
C LEU B 9 36.55 20.68 -48.79
N VAL B 10 36.47 19.89 -47.71
CA VAL B 10 36.57 20.38 -46.34
C VAL B 10 37.55 19.51 -45.58
N ARG B 11 38.49 20.13 -44.88
CA ARG B 11 39.36 19.45 -43.93
C ARG B 11 38.67 19.41 -42.58
N VAL B 12 38.62 18.22 -41.96
CA VAL B 12 38.24 18.11 -40.56
C VAL B 12 39.43 17.54 -39.81
N ARG B 13 39.31 17.38 -38.49
CA ARG B 13 40.44 16.90 -37.70
C ARG B 13 40.87 15.49 -38.12
N GLY B 14 39.99 14.74 -38.77
CA GLY B 14 40.31 13.38 -39.17
C GLY B 14 40.78 13.22 -40.60
N GLY B 15 40.56 14.21 -41.45
CA GLY B 15 41.04 14.15 -42.81
C GLY B 15 40.16 14.95 -43.75
N GLN B 16 40.31 14.66 -45.05
CA GLN B 16 39.64 15.37 -46.12
C GLN B 16 38.27 14.78 -46.39
N LEU B 17 37.31 15.65 -46.73
CA LEU B 17 35.95 15.23 -47.06
C LEU B 17 35.53 15.84 -48.38
N ARG B 18 34.72 15.09 -49.12
CA ARG B 18 34.19 15.50 -50.42
C ARG B 18 32.68 15.46 -50.37
N GLY B 19 32.03 16.61 -50.55
CA GLY B 19 30.58 16.71 -50.54
C GLY B 19 29.99 16.72 -51.94
N ILE B 20 28.66 16.87 -51.98
CA ILE B 20 27.93 16.97 -53.24
C ILE B 20 27.04 18.21 -53.25
N ARG B 21 26.76 18.69 -54.45
CA ARG B 21 25.75 19.72 -54.68
C ARG B 21 24.47 19.05 -55.15
N LEU B 22 23.42 19.13 -54.34
CA LEU B 22 22.09 18.75 -54.77
C LEU B 22 21.23 20.00 -54.82
N LYS B 23 20.34 20.02 -55.81
CA LYS B 23 19.35 21.08 -55.92
C LYS B 23 18.57 21.22 -54.62
N ALA B 24 18.38 22.45 -54.20
CA ALA B 24 17.23 22.74 -53.36
C ALA B 24 16.31 23.67 -54.14
N PRO B 25 14.99 23.60 -53.92
CA PRO B 25 14.06 24.37 -54.76
C PRO B 25 14.39 25.86 -54.87
N GLY B 26 15.05 26.44 -53.86
CA GLY B 26 15.45 27.84 -53.89
C GLY B 26 16.92 28.12 -54.08
N GLY B 27 17.74 27.11 -54.34
CA GLY B 27 19.15 27.33 -54.62
C GLY B 27 19.97 26.09 -54.35
N PRO B 28 21.26 26.12 -54.69
CA PRO B 28 22.14 25.00 -54.37
C PRO B 28 22.52 24.97 -52.91
N VAL B 29 22.75 23.75 -52.40
CA VAL B 29 23.21 23.54 -51.03
C VAL B 29 24.39 22.57 -51.05
N SER B 30 25.20 22.66 -49.99
CA SER B 30 26.37 21.81 -49.80
C SER B 30 26.05 20.73 -48.78
N ALA B 31 26.27 19.47 -49.16
CA ALA B 31 25.88 18.33 -48.33
C ALA B 31 27.05 17.38 -48.17
N PHE B 32 27.33 17.00 -46.92
CA PHE B 32 28.33 15.98 -46.59
C PHE B 32 27.59 14.87 -45.84
N LEU B 33 27.50 13.69 -46.45
CA LEU B 33 26.66 12.61 -45.95
C LEU B 33 27.51 11.39 -45.60
N GLY B 34 27.40 10.94 -44.36
CA GLY B 34 28.15 9.78 -43.91
C GLY B 34 29.55 10.03 -43.40
N ILE B 35 29.79 11.18 -42.77
CA ILE B 35 31.07 11.46 -42.12
C ILE B 35 31.20 10.58 -40.88
N PRO B 36 32.16 9.65 -40.81
CA PRO B 36 32.30 8.86 -39.57
C PRO B 36 32.78 9.73 -38.42
N PHE B 37 32.06 9.69 -37.30
CA PHE B 37 32.53 10.27 -36.05
C PHE B 37 33.08 9.26 -35.06
N ALA B 38 33.01 7.96 -35.38
CA ALA B 38 33.43 6.95 -34.43
C ALA B 38 33.91 5.70 -35.16
N GLU B 39 34.86 5.00 -34.54
CA GLU B 39 35.24 3.69 -35.02
C GLU B 39 34.04 2.75 -34.93
N PRO B 40 33.87 1.82 -35.87
CA PRO B 40 32.67 0.97 -35.88
C PRO B 40 32.59 0.15 -34.60
N PRO B 41 31.38 0.17 -33.91
CA PRO B 41 31.21 -0.59 -32.66
C PRO B 41 30.79 -2.04 -32.93
N VAL B 42 31.68 -2.79 -33.60
CA VAL B 42 31.36 -4.11 -34.10
C VAL B 42 32.30 -5.12 -33.44
N GLY B 43 31.88 -6.38 -33.44
CA GLY B 43 32.68 -7.44 -32.83
C GLY B 43 32.77 -7.32 -31.33
N SER B 44 34.00 -7.23 -30.81
CA SER B 44 34.22 -7.04 -29.37
C SER B 44 33.83 -5.65 -28.90
N ARG B 45 33.51 -4.73 -29.80
CA ARG B 45 33.10 -3.39 -29.42
C ARG B 45 31.59 -3.23 -29.29
N ARG B 46 30.83 -4.31 -29.49
CA ARG B 46 29.38 -4.26 -29.33
C ARG B 46 29.02 -4.11 -27.85
N PHE B 47 28.07 -3.21 -27.59
CA PHE B 47 27.58 -2.80 -26.27
C PHE B 47 28.55 -1.85 -25.57
N MET B 48 29.70 -1.58 -26.14
CA MET B 48 30.71 -0.68 -25.57
C MET B 48 30.46 0.76 -26.00
N PRO B 49 30.93 1.72 -25.21
CA PRO B 49 30.87 3.14 -25.62
C PRO B 49 31.64 3.38 -26.90
N PRO B 50 31.28 4.39 -27.69
CA PRO B 50 31.99 4.64 -28.95
C PRO B 50 33.38 5.22 -28.72
N GLU B 51 34.34 4.73 -29.52
CA GLU B 51 35.68 5.30 -29.66
C GLU B 51 35.70 6.28 -30.83
N PRO B 52 36.38 7.42 -30.70
CA PRO B 52 36.40 8.41 -31.79
C PRO B 52 37.08 7.85 -33.04
N LYS B 53 36.61 8.31 -34.20
CA LYS B 53 37.11 7.81 -35.47
C LYS B 53 38.60 8.08 -35.62
N ARG B 54 39.37 7.04 -35.94
CA ARG B 54 40.80 7.19 -36.13
C ARG B 54 41.07 8.07 -37.34
N PRO B 55 42.10 8.92 -37.29
CA PRO B 55 42.41 9.77 -38.45
C PRO B 55 42.74 8.93 -39.68
N TRP B 56 42.33 9.45 -40.84
CA TRP B 56 42.46 8.75 -42.10
C TRP B 56 43.22 9.61 -43.11
N SER B 57 43.67 8.96 -44.19
CA SER B 57 44.38 9.63 -45.25
C SER B 57 43.57 9.58 -46.54
N GLY B 58 43.82 10.55 -47.40
CA GLY B 58 43.08 10.66 -48.63
C GLY B 58 41.85 11.53 -48.48
N VAL B 59 41.07 11.58 -49.56
CA VAL B 59 39.85 12.36 -49.61
C VAL B 59 38.68 11.41 -49.40
N LEU B 60 38.03 11.52 -48.24
CA LEU B 60 36.92 10.65 -47.91
C LEU B 60 35.66 11.11 -48.61
N ASP B 61 34.98 10.17 -49.25
CA ASP B 61 33.75 10.47 -49.97
C ASP B 61 32.60 10.54 -48.98
N ALA B 62 31.96 11.71 -48.87
CA ALA B 62 30.57 11.72 -48.43
C ALA B 62 29.76 12.23 -49.60
N THR B 63 29.23 11.32 -50.41
CA THR B 63 28.17 11.62 -51.37
C THR B 63 26.80 11.06 -51.01
N THR B 64 26.70 10.24 -49.97
CA THR B 64 25.55 9.37 -49.81
C THR B 64 25.35 9.05 -48.33
N PHE B 65 24.11 8.74 -47.98
CA PHE B 65 23.82 8.32 -46.62
C PHE B 65 24.47 6.97 -46.34
N GLN B 66 25.00 6.82 -45.13
CA GLN B 66 25.66 5.59 -44.72
C GLN B 66 24.60 4.59 -44.27
N ASN B 67 25.04 3.50 -43.66
CA ASN B 67 24.12 2.43 -43.28
C ASN B 67 23.24 2.86 -42.10
N VAL B 68 22.11 2.18 -41.97
CA VAL B 68 21.18 2.40 -40.87
C VAL B 68 21.58 1.49 -39.72
N CYS B 69 21.55 2.02 -38.50
CA CYS B 69 21.83 1.19 -37.34
C CYS B 69 20.90 -0.01 -37.30
N TYR B 70 21.45 -1.16 -36.89
CA TYR B 70 20.68 -2.40 -36.93
C TYR B 70 19.49 -2.31 -35.97
N GLN B 71 18.31 -2.65 -36.49
CA GLN B 71 17.08 -2.41 -35.75
C GLN B 71 15.98 -3.32 -36.26
N TYR B 72 14.92 -3.43 -35.46
CA TYR B 72 13.67 -4.02 -35.91
C TYR B 72 13.04 -3.18 -37.01
N VAL B 73 12.40 -3.85 -37.96
CA VAL B 73 11.75 -3.19 -39.09
C VAL B 73 10.26 -3.45 -39.00
N ASP B 74 9.45 -2.43 -39.33
CA ASP B 74 8.01 -2.54 -39.07
C ASP B 74 7.37 -3.36 -40.18
N THR B 75 6.84 -4.53 -39.80
CA THR B 75 6.18 -5.44 -40.71
C THR B 75 4.65 -5.36 -40.66
N LEU B 76 4.09 -4.52 -39.80
CA LEU B 76 2.65 -4.59 -39.52
C LEU B 76 1.83 -4.32 -40.77
N TYR B 77 2.16 -3.26 -41.51
CA TYR B 77 1.43 -2.86 -42.71
C TYR B 77 2.43 -2.78 -43.85
N PRO B 78 2.77 -3.91 -44.47
CA PRO B 78 3.80 -3.91 -45.52
C PRO B 78 3.38 -3.05 -46.72
N GLY B 79 4.32 -2.25 -47.19
CA GLY B 79 4.10 -1.36 -48.31
C GLY B 79 3.33 -0.09 -48.00
N PHE B 80 2.91 0.10 -46.75
CA PHE B 80 2.09 1.24 -46.37
C PHE B 80 2.96 2.44 -46.02
N GLU B 81 2.70 3.57 -46.69
CA GLU B 81 3.53 4.76 -46.53
C GLU B 81 3.59 5.23 -45.08
N GLY B 82 2.52 5.05 -44.31
CA GLY B 82 2.51 5.51 -42.93
C GLY B 82 3.57 4.83 -42.08
N THR B 83 3.63 3.50 -42.14
CA THR B 83 4.67 2.77 -41.42
C THR B 83 6.00 2.77 -42.15
N GLU B 84 5.99 2.52 -43.46
CA GLU B 84 7.24 2.34 -44.20
C GLU B 84 8.01 3.63 -44.36
N MET B 85 7.34 4.78 -44.22
CA MET B 85 8.02 6.07 -44.23
C MET B 85 9.13 6.12 -43.19
N TRP B 86 8.92 5.46 -42.05
CA TRP B 86 9.86 5.46 -40.95
C TRP B 86 10.85 4.30 -40.98
N ASN B 87 10.65 3.32 -41.86
CA ASN B 87 11.50 2.14 -41.88
C ASN B 87 12.87 2.49 -42.47
N PRO B 88 13.89 1.67 -42.24
CA PRO B 88 15.23 1.98 -42.77
C PRO B 88 15.21 2.03 -44.29
N ASN B 89 15.76 3.11 -44.85
CA ASN B 89 15.88 3.31 -46.28
C ASN B 89 17.25 2.92 -46.83
N ARG B 90 18.15 2.40 -46.00
CA ARG B 90 19.47 1.92 -46.43
C ARG B 90 19.72 0.53 -45.88
N GLU B 91 20.93 0.03 -46.11
CA GLU B 91 21.35 -1.26 -45.58
C GLU B 91 21.49 -1.19 -44.06
N LEU B 92 21.14 -2.30 -43.41
CA LEU B 92 21.28 -2.43 -41.96
C LEU B 92 22.66 -2.97 -41.63
N SER B 93 23.40 -2.26 -40.78
CA SER B 93 24.72 -2.68 -40.36
C SER B 93 25.00 -2.18 -38.95
N GLU B 94 25.82 -2.94 -38.22
CA GLU B 94 26.32 -2.46 -36.95
C GLU B 94 27.40 -1.40 -37.11
N ASP B 95 28.01 -1.25 -38.30
CA ASP B 95 28.82 -0.05 -38.49
C ASP B 95 27.83 0.93 -39.10
N CYS B 96 27.16 1.67 -38.21
CA CYS B 96 26.26 2.75 -38.57
C CYS B 96 26.74 4.14 -38.19
N LEU B 97 27.88 4.30 -37.53
CA LEU B 97 28.10 5.53 -36.79
C LEU B 97 28.73 6.55 -37.73
N TYR B 98 27.92 7.53 -38.11
CA TYR B 98 28.21 8.53 -39.11
C TYR B 98 27.24 9.67 -38.84
N LEU B 99 27.57 10.84 -39.37
CA LEU B 99 26.68 11.99 -39.27
C LEU B 99 26.69 12.74 -40.59
N ASN B 100 25.69 13.61 -40.74
CA ASN B 100 25.48 14.36 -41.97
C ASN B 100 25.44 15.84 -41.65
N VAL B 101 26.05 16.65 -42.50
CA VAL B 101 26.11 18.10 -42.34
C VAL B 101 25.56 18.75 -43.60
N TRP B 102 24.63 19.69 -43.42
CA TRP B 102 24.04 20.46 -44.50
C TRP B 102 24.39 21.94 -44.32
N THR B 103 24.91 22.56 -45.37
CA THR B 103 25.31 23.96 -45.41
C THR B 103 24.84 24.55 -46.73
N PRO B 104 24.46 25.82 -46.74
CA PRO B 104 24.14 26.48 -48.02
C PRO B 104 25.38 26.62 -48.89
N TYR B 105 25.13 26.88 -50.16
CA TYR B 105 26.17 27.09 -51.16
C TYR B 105 26.21 28.55 -51.54
N PRO B 106 27.30 29.26 -51.23
CA PRO B 106 28.55 28.90 -50.53
C PRO B 106 28.45 28.95 -49.01
N ARG B 107 29.59 28.83 -48.33
CA ARG B 107 29.63 28.94 -46.88
C ARG B 107 28.94 30.23 -46.44
N PRO B 108 28.17 30.21 -45.36
CA PRO B 108 27.35 31.38 -44.97
C PRO B 108 28.17 32.52 -44.36
N ALA B 109 29.26 32.90 -45.03
CA ALA B 109 30.11 34.00 -44.58
C ALA B 109 30.52 33.82 -43.13
N SER B 110 30.10 34.75 -42.26
CA SER B 110 30.36 34.66 -40.83
C SER B 110 29.75 33.39 -40.24
N PRO B 111 30.29 32.90 -39.11
CA PRO B 111 29.76 31.66 -38.52
C PRO B 111 28.29 31.80 -38.15
N THR B 112 27.52 30.75 -38.44
CA THR B 112 26.07 30.73 -38.28
C THR B 112 25.67 29.64 -37.28
N PRO B 113 24.59 29.85 -36.51
CA PRO B 113 24.18 28.85 -35.52
C PRO B 113 23.77 27.53 -36.17
N VAL B 114 24.08 26.43 -35.47
CA VAL B 114 23.89 25.09 -35.99
C VAL B 114 22.69 24.43 -35.31
N LEU B 115 22.01 23.58 -36.07
CA LEU B 115 20.89 22.77 -35.58
C LEU B 115 21.26 21.30 -35.70
N ILE B 116 21.23 20.59 -34.58
CA ILE B 116 21.53 19.15 -34.54
C ILE B 116 20.23 18.40 -34.30
N TRP B 117 19.89 17.50 -35.23
CA TRP B 117 18.66 16.73 -35.15
C TRP B 117 18.94 15.34 -34.60
N ILE B 118 18.15 14.94 -33.60
CA ILE B 118 18.24 13.61 -33.01
C ILE B 118 16.92 12.89 -33.30
N TYR B 119 16.97 11.86 -34.13
CA TYR B 119 15.77 11.20 -34.61
C TYR B 119 15.11 10.35 -33.51
N GLY B 120 13.83 10.06 -33.72
CA GLY B 120 13.02 9.31 -32.79
C GLY B 120 13.03 7.81 -33.08
N GLY B 121 11.91 7.16 -32.82
CA GLY B 121 11.81 5.72 -32.90
C GLY B 121 11.78 4.93 -31.58
N GLY B 122 11.54 5.58 -30.44
CA GLY B 122 11.36 4.84 -29.19
C GLY B 122 12.59 4.11 -28.70
N PHE B 123 13.76 4.52 -29.16
CA PHE B 123 15.07 3.91 -28.97
C PHE B 123 15.13 2.47 -29.47
N TYR B 124 14.17 2.02 -30.27
CA TYR B 124 14.30 0.76 -30.97
C TYR B 124 14.60 0.89 -32.47
N SER B 125 14.61 2.11 -33.02
CA SER B 125 14.61 2.22 -34.48
C SER B 125 14.93 3.66 -34.90
N GLY B 126 14.91 3.89 -36.20
CA GLY B 126 15.15 5.18 -36.80
C GLY B 126 16.56 5.31 -37.35
N ALA B 127 16.79 6.41 -38.07
CA ALA B 127 18.09 6.80 -38.60
C ALA B 127 17.92 8.13 -39.30
N ALA B 128 19.04 8.84 -39.48
CA ALA B 128 19.02 10.17 -40.08
C ALA B 128 18.88 10.14 -41.59
N SER B 129 18.94 8.95 -42.20
CA SER B 129 18.81 8.80 -43.64
C SER B 129 17.40 9.05 -44.14
N LEU B 130 16.41 9.08 -43.25
CA LEU B 130 15.01 9.16 -43.67
C LEU B 130 14.74 10.45 -44.42
N ASP B 131 13.73 10.40 -45.31
CA ASP B 131 13.42 11.55 -46.14
C ASP B 131 12.87 12.72 -45.33
N VAL B 132 12.04 12.45 -44.32
CA VAL B 132 11.47 13.51 -43.52
C VAL B 132 12.51 14.25 -42.69
N TYR B 133 13.72 13.71 -42.58
CA TYR B 133 14.84 14.33 -41.88
C TYR B 133 15.77 15.11 -42.80
N ASP B 134 15.43 15.23 -44.08
CA ASP B 134 16.26 15.96 -45.05
C ASP B 134 16.44 17.40 -44.61
N GLY B 135 17.69 17.84 -44.49
CA GLY B 135 18.00 19.16 -43.97
C GLY B 135 18.39 20.19 -45.00
N ARG B 136 18.16 19.92 -46.28
CA ARG B 136 18.54 20.86 -47.33
C ARG B 136 17.73 22.14 -47.26
N PHE B 137 16.52 22.08 -46.72
CA PHE B 137 15.62 23.23 -46.73
C PHE B 137 15.96 24.23 -45.64
N LEU B 138 16.32 23.74 -44.45
CA LEU B 138 16.77 24.64 -43.39
C LEU B 138 18.04 25.37 -43.79
N ALA B 139 18.95 24.69 -44.47
CA ALA B 139 20.22 25.29 -44.85
C ALA B 139 20.03 26.36 -45.91
N GLN B 140 19.21 26.08 -46.93
CA GLN B 140 19.03 27.04 -48.03
C GLN B 140 18.17 28.21 -47.60
N VAL B 141 16.99 27.94 -47.03
CA VAL B 141 16.03 29.00 -46.75
C VAL B 141 16.47 29.87 -45.58
N GLU B 142 16.78 29.24 -44.44
CA GLU B 142 17.11 29.98 -43.23
C GLU B 142 18.60 30.13 -42.99
N GLY B 143 19.45 29.61 -43.88
CA GLY B 143 20.88 29.77 -43.74
C GLY B 143 21.53 29.01 -42.62
N ALA B 144 20.84 28.03 -42.03
CA ALA B 144 21.36 27.23 -40.93
C ALA B 144 22.31 26.13 -41.41
N VAL B 145 23.18 25.70 -40.50
CA VAL B 145 24.03 24.52 -40.70
C VAL B 145 23.40 23.39 -39.89
N LEU B 146 22.88 22.37 -40.59
CA LEU B 146 22.08 21.34 -39.96
C LEU B 146 22.85 20.03 -39.91
N VAL B 147 23.10 19.52 -38.71
CA VAL B 147 23.80 18.26 -38.50
C VAL B 147 22.81 17.24 -37.95
N SER B 148 22.86 16.01 -38.46
CA SER B 148 22.06 14.92 -37.93
C SER B 148 22.88 13.65 -37.91
N MET B 149 22.88 12.95 -36.78
CA MET B 149 23.77 11.81 -36.57
C MET B 149 22.97 10.54 -36.36
N ASN B 150 23.59 9.41 -36.72
CA ASN B 150 23.07 8.08 -36.42
C ASN B 150 23.62 7.62 -35.08
N TYR B 151 22.75 7.06 -34.24
CA TYR B 151 23.15 6.49 -32.97
C TYR B 151 22.58 5.08 -32.86
N ARG B 152 23.23 4.27 -32.02
CA ARG B 152 22.85 2.87 -31.86
C ARG B 152 21.51 2.76 -31.14
N VAL B 153 20.64 1.88 -31.66
CA VAL B 153 19.29 1.71 -31.15
C VAL B 153 19.09 0.25 -30.78
N GLY B 154 18.03 0.00 -30.01
CA GLY B 154 17.70 -1.35 -29.61
C GLY B 154 18.71 -1.92 -28.63
N THR B 155 18.81 -3.25 -28.64
CA THR B 155 19.80 -3.95 -27.82
C THR B 155 21.20 -3.35 -27.98
N PHE B 156 21.56 -3.00 -29.21
CA PHE B 156 22.95 -2.67 -29.51
C PHE B 156 23.40 -1.44 -28.76
N GLY B 157 22.59 -0.37 -28.76
CA GLY B 157 22.92 0.75 -27.90
C GLY B 157 22.46 0.74 -26.45
N PHE B 158 21.28 0.20 -26.17
CA PHE B 158 20.73 0.30 -24.82
C PHE B 158 20.75 -0.96 -23.96
N LEU B 159 21.23 -2.11 -24.43
CA LEU B 159 21.29 -3.28 -23.55
C LEU B 159 22.31 -3.00 -22.45
N ALA B 160 21.91 -3.24 -21.21
CA ALA B 160 22.73 -2.88 -20.06
C ALA B 160 22.76 -4.01 -19.04
N LEU B 161 23.95 -4.23 -18.48
CA LEU B 161 24.13 -5.01 -17.24
C LEU B 161 24.79 -4.04 -16.27
N PRO B 162 24.01 -3.27 -15.51
CA PRO B 162 24.56 -2.14 -14.77
C PRO B 162 25.70 -2.55 -13.83
N GLY B 163 26.75 -1.73 -13.82
CA GLY B 163 27.94 -2.01 -13.05
C GLY B 163 29.00 -2.79 -13.79
N SER B 164 28.63 -3.51 -14.84
CA SER B 164 29.58 -4.27 -15.64
C SER B 164 30.35 -3.33 -16.58
N ARG B 165 31.56 -3.77 -16.95
CA ARG B 165 32.41 -2.97 -17.82
C ARG B 165 31.96 -3.08 -19.28
N GLU B 166 31.52 -4.26 -19.71
CA GLU B 166 31.31 -4.52 -21.13
C GLU B 166 29.92 -4.10 -21.63
N ALA B 167 28.96 -3.87 -20.74
CA ALA B 167 27.62 -3.39 -21.13
C ALA B 167 27.14 -2.39 -20.10
N PRO B 168 27.79 -1.22 -20.03
CA PRO B 168 27.43 -0.23 -19.00
C PRO B 168 26.08 0.43 -19.22
N GLY B 169 25.55 0.38 -20.45
CA GLY B 169 24.30 1.05 -20.76
C GLY B 169 24.52 2.43 -21.34
N ASN B 170 23.47 2.93 -22.01
CA ASN B 170 23.41 4.28 -22.55
C ASN B 170 24.46 4.53 -23.62
N VAL B 171 24.95 3.49 -24.32
CA VAL B 171 26.04 3.76 -25.26
C VAL B 171 25.50 4.44 -26.52
N GLY B 172 24.20 4.40 -26.76
CA GLY B 172 23.62 5.21 -27.83
C GLY B 172 23.61 6.69 -27.49
N LEU B 173 23.33 7.00 -26.23
CA LEU B 173 23.45 8.38 -25.77
C LEU B 173 24.90 8.85 -25.84
N LEU B 174 25.84 7.95 -25.56
CA LEU B 174 27.24 8.29 -25.72
C LEU B 174 27.62 8.44 -27.18
N ASP B 175 26.91 7.75 -28.09
CA ASP B 175 27.06 8.03 -29.51
C ASP B 175 26.64 9.46 -29.83
N GLN B 176 25.46 9.85 -29.32
CA GLN B 176 25.00 11.22 -29.54
C GLN B 176 25.98 12.24 -28.99
N ARG B 177 26.45 12.03 -27.76
CA ARG B 177 27.37 12.96 -27.12
C ARG B 177 28.70 13.03 -27.89
N LEU B 178 29.20 11.89 -28.36
CA LEU B 178 30.41 11.90 -29.16
C LEU B 178 30.21 12.68 -30.45
N ALA B 179 29.05 12.53 -31.09
CA ALA B 179 28.74 13.34 -32.27
C ALA B 179 28.75 14.82 -31.92
N LEU B 180 28.21 15.18 -30.74
CA LEU B 180 28.20 16.57 -30.32
C LEU B 180 29.62 17.11 -30.12
N GLN B 181 30.51 16.29 -29.54
CA GLN B 181 31.90 16.69 -29.42
C GLN B 181 32.55 16.87 -30.79
N TRP B 182 32.20 16.00 -31.74
CA TRP B 182 32.68 16.16 -33.11
C TRP B 182 32.19 17.48 -33.71
N VAL B 183 30.94 17.86 -33.42
CA VAL B 183 30.44 19.16 -33.88
C VAL B 183 31.24 20.29 -33.24
N GLN B 184 31.58 20.15 -31.96
CA GLN B 184 32.40 21.15 -31.27
C GLN B 184 33.73 21.35 -31.97
N GLU B 185 34.45 20.25 -32.24
CA GLU B 185 35.78 20.40 -32.84
C GLU B 185 35.71 20.81 -34.31
N ASN B 186 34.94 20.09 -35.12
CA ASN B 186 35.01 20.21 -36.57
C ASN B 186 33.96 21.11 -37.20
N ILE B 187 33.02 21.68 -36.45
CA ILE B 187 31.91 22.34 -37.14
C ILE B 187 32.30 23.69 -37.71
N ALA B 188 33.40 24.29 -37.25
CA ALA B 188 33.79 25.61 -37.73
C ALA B 188 34.23 25.56 -39.19
N ALA B 189 34.73 24.41 -39.65
CA ALA B 189 35.17 24.29 -41.04
C ALA B 189 34.02 24.36 -42.02
N PHE B 190 32.80 24.05 -41.60
CA PHE B 190 31.62 24.10 -42.46
C PHE B 190 30.90 25.44 -42.40
N GLY B 191 31.42 26.40 -41.64
CA GLY B 191 30.76 27.68 -41.47
C GLY B 191 29.86 27.77 -40.26
N GLY B 192 29.76 26.71 -39.46
CA GLY B 192 28.91 26.72 -38.28
C GLY B 192 29.58 27.33 -37.07
N ASP B 193 28.76 27.79 -36.14
CA ASP B 193 29.25 28.45 -34.93
C ASP B 193 29.18 27.47 -33.78
N PRO B 194 30.32 26.96 -33.28
CA PRO B 194 30.27 25.98 -32.19
C PRO B 194 29.74 26.53 -30.88
N MET B 195 29.72 27.85 -30.69
CA MET B 195 29.23 28.45 -29.46
C MET B 195 27.77 28.88 -29.51
N SER B 196 27.08 28.63 -30.62
CA SER B 196 25.61 28.65 -30.65
C SER B 196 25.17 27.30 -31.22
N VAL B 197 24.58 26.46 -30.38
CA VAL B 197 24.22 25.10 -30.75
C VAL B 197 22.85 24.80 -30.20
N THR B 198 21.96 24.30 -31.06
CA THR B 198 20.60 23.98 -30.67
C THR B 198 20.32 22.54 -31.06
N LEU B 199 20.12 21.69 -30.05
CA LEU B 199 19.64 20.34 -30.29
C LEU B 199 18.13 20.39 -30.46
N PHE B 200 17.60 19.57 -31.37
CA PHE B 200 16.16 19.42 -31.46
C PHE B 200 15.85 17.99 -31.89
N GLY B 201 14.80 17.42 -31.30
CA GLY B 201 14.48 16.02 -31.56
C GLY B 201 13.02 15.73 -31.30
N GLU B 202 12.60 14.57 -31.77
CA GLU B 202 11.22 14.12 -31.65
C GLU B 202 11.20 12.68 -31.16
N SER B 203 10.15 12.34 -30.41
CA SER B 203 9.94 11.00 -29.84
C SER B 203 11.16 10.69 -28.97
N ALA B 204 11.76 9.50 -29.06
CA ALA B 204 12.92 9.18 -28.25
C ALA B 204 14.02 10.22 -28.39
N GLY B 205 14.26 10.69 -29.62
CA GLY B 205 15.23 11.77 -29.83
C GLY B 205 14.95 12.97 -28.94
N ALA B 206 13.69 13.41 -28.91
CA ALA B 206 13.30 14.46 -27.98
C ALA B 206 13.73 14.11 -26.56
N ALA B 207 13.36 12.91 -26.11
CA ALA B 207 13.82 12.44 -24.80
C ALA B 207 15.33 12.49 -24.69
N SER B 208 16.03 12.03 -25.73
CA SER B 208 17.49 12.11 -25.74
C SER B 208 17.94 13.54 -25.48
N VAL B 209 17.32 14.51 -26.16
CA VAL B 209 17.69 15.91 -25.94
C VAL B 209 17.57 16.26 -24.47
N GLY B 210 16.44 15.89 -23.85
CA GLY B 210 16.26 16.16 -22.44
C GLY B 210 17.34 15.54 -21.58
N MET B 211 17.76 14.33 -21.95
CA MET B 211 18.80 13.66 -21.17
C MET B 211 20.17 14.29 -21.38
N HIS B 212 20.37 15.01 -22.49
CA HIS B 212 21.59 15.80 -22.59
C HIS B 212 21.53 17.03 -21.71
N ILE B 213 20.33 17.48 -21.36
CA ILE B 213 20.17 18.61 -20.43
C ILE B 213 20.52 18.18 -19.02
N LEU B 214 20.17 16.94 -18.66
CA LEU B 214 20.32 16.44 -17.30
C LEU B 214 21.66 15.75 -17.06
N SER B 215 22.47 15.53 -18.09
CA SER B 215 23.76 14.87 -17.95
C SER B 215 24.85 15.93 -17.97
N LEU B 216 25.55 16.07 -16.84
CA LEU B 216 26.52 17.15 -16.70
C LEU B 216 27.63 17.13 -17.74
N PRO B 217 28.20 15.98 -18.14
CA PRO B 217 29.20 16.03 -19.22
C PRO B 217 28.68 16.58 -20.54
N SER B 218 27.38 16.43 -20.81
CA SER B 218 26.82 16.89 -22.07
C SER B 218 26.57 18.39 -22.10
N ARG B 219 26.51 19.04 -20.92
CA ARG B 219 26.04 20.42 -20.82
C ARG B 219 26.98 21.43 -21.46
N SER B 220 28.19 21.03 -21.84
CA SER B 220 29.10 21.97 -22.49
C SER B 220 29.05 21.89 -24.01
N LEU B 221 28.29 20.94 -24.57
CA LEU B 221 28.25 20.71 -26.00
C LEU B 221 27.08 21.39 -26.71
N PHE B 222 26.18 22.06 -25.98
CA PHE B 222 25.02 22.66 -26.60
C PHE B 222 24.49 23.79 -25.73
N HIS B 223 23.61 24.60 -26.33
CA HIS B 223 23.05 25.78 -25.69
C HIS B 223 21.52 25.73 -25.60
N ARG B 224 20.81 25.60 -26.72
CA ARG B 224 19.35 25.58 -26.72
C ARG B 224 18.83 24.21 -27.16
N ALA B 225 17.60 23.89 -26.74
CA ALA B 225 17.02 22.57 -26.94
C ALA B 225 15.55 22.68 -27.36
N VAL B 226 15.12 21.71 -28.17
CA VAL B 226 13.74 21.59 -28.65
C VAL B 226 13.29 20.15 -28.52
N LEU B 227 12.21 19.92 -27.74
CA LEU B 227 11.64 18.60 -27.48
C LEU B 227 10.25 18.54 -28.12
N GLN B 228 10.14 17.71 -29.16
CA GLN B 228 8.90 17.55 -29.91
C GLN B 228 8.27 16.21 -29.52
N SER B 229 7.13 16.28 -28.83
CA SER B 229 6.36 15.12 -28.40
C SER B 229 7.24 14.01 -27.80
N GLY B 230 8.18 14.42 -26.93
CA GLY B 230 8.94 13.48 -26.12
C GLY B 230 9.65 14.11 -24.94
N THR B 231 9.91 13.34 -23.88
CA THR B 231 10.50 13.90 -22.67
C THR B 231 11.43 12.87 -22.04
N PRO B 232 12.46 13.31 -21.29
CA PRO B 232 13.25 12.34 -20.52
C PRO B 232 12.48 11.71 -19.38
N ASN B 233 11.63 12.50 -18.72
CA ASN B 233 10.73 11.98 -17.70
C ASN B 233 9.58 11.21 -18.33
N GLY B 234 8.91 10.43 -17.49
CA GLY B 234 7.72 9.72 -17.90
C GLY B 234 7.91 8.22 -18.04
N PRO B 235 6.84 7.53 -18.43
CA PRO B 235 6.82 6.06 -18.27
C PRO B 235 7.81 5.31 -19.15
N TRP B 236 7.95 5.68 -20.42
CA TRP B 236 8.66 4.85 -21.40
C TRP B 236 10.13 5.20 -21.60
N ALA B 237 10.61 6.34 -21.09
CA ALA B 237 11.89 6.88 -21.54
C ALA B 237 13.09 6.36 -20.76
N THR B 238 12.87 5.71 -19.63
CA THR B 238 13.94 5.15 -18.83
C THR B 238 13.46 3.89 -18.15
N VAL B 239 14.42 3.05 -17.76
CA VAL B 239 14.16 1.86 -16.96
C VAL B 239 15.16 1.86 -15.80
N SER B 240 14.74 1.27 -14.68
CA SER B 240 15.63 1.17 -13.53
C SER B 240 16.79 0.22 -13.85
N ALA B 241 17.87 0.37 -13.09
CA ALA B 241 19.02 -0.51 -13.27
C ALA B 241 18.61 -1.97 -13.15
N GLY B 242 17.84 -2.29 -12.11
CA GLY B 242 17.38 -3.66 -11.94
C GLY B 242 16.52 -4.14 -13.09
N GLU B 243 15.68 -3.25 -13.64
CA GLU B 243 14.81 -3.64 -14.75
C GLU B 243 15.61 -3.85 -16.04
N ALA B 244 16.59 -3.00 -16.29
CA ALA B 244 17.46 -3.22 -17.46
C ALA B 244 18.25 -4.51 -17.31
N ARG B 245 18.68 -4.82 -16.08
CA ARG B 245 19.36 -6.10 -15.86
C ARG B 245 18.41 -7.27 -16.11
N ARG B 246 17.16 -7.12 -15.68
CA ARG B 246 16.17 -8.18 -15.88
C ARG B 246 15.94 -8.43 -17.38
N ARG B 247 15.81 -7.35 -18.15
CA ARG B 247 15.55 -7.49 -19.59
C ARG B 247 16.78 -8.03 -20.31
N ALA B 248 17.97 -7.55 -19.96
CA ALA B 248 19.18 -8.04 -20.63
C ALA B 248 19.42 -9.51 -20.32
N THR B 249 19.28 -9.90 -19.05
CA THR B 249 19.47 -11.29 -18.67
C THR B 249 18.44 -12.18 -19.35
N LEU B 250 17.20 -11.71 -19.46
CA LEU B 250 16.17 -12.52 -20.11
C LEU B 250 16.46 -12.68 -21.60
N LEU B 251 16.82 -11.59 -22.29
CA LEU B 251 17.17 -11.73 -23.69
C LEU B 251 18.35 -12.68 -23.88
N ALA B 252 19.36 -12.57 -23.01
CA ALA B 252 20.49 -13.49 -23.06
C ALA B 252 20.03 -14.93 -22.84
N ARG B 253 19.02 -15.15 -22.01
CA ARG B 253 18.50 -16.49 -21.82
C ARG B 253 17.75 -16.99 -23.06
N LEU B 254 17.10 -16.10 -23.80
CA LEU B 254 16.38 -16.57 -24.98
C LEU B 254 17.33 -16.97 -26.09
N VAL B 255 18.52 -16.37 -26.14
CA VAL B 255 19.62 -16.90 -26.95
C VAL B 255 20.41 -17.85 -26.06
N GLY B 256 21.60 -18.23 -26.50
CA GLY B 256 22.29 -19.30 -25.80
C GLY B 256 23.13 -18.87 -24.62
N CYS B 257 22.84 -17.72 -24.01
CA CYS B 257 23.76 -17.12 -23.05
C CYS B 257 23.26 -17.02 -21.61
N PRO B 258 24.17 -17.16 -20.64
CA PRO B 258 25.55 -17.65 -20.85
C PRO B 258 25.54 -19.15 -21.08
N PRO B 259 26.34 -19.67 -22.02
CA PRO B 259 26.33 -21.13 -22.27
C PRO B 259 27.33 -21.89 -21.40
N GLY B 260 27.35 -21.59 -20.11
CA GLY B 260 28.32 -22.19 -19.23
C GLY B 260 27.99 -23.57 -18.71
N GLY B 261 26.75 -23.75 -18.31
CA GLY B 261 26.42 -24.68 -17.25
C GLY B 261 26.21 -24.02 -15.91
N ALA B 262 26.21 -22.69 -15.87
CA ALA B 262 25.91 -21.84 -14.71
C ALA B 262 25.99 -20.38 -15.15
N GLY B 263 25.37 -19.51 -14.35
CA GLY B 263 25.34 -18.09 -14.62
C GLY B 263 26.18 -17.28 -13.65
N GLY B 264 25.95 -15.97 -13.67
CA GLY B 264 26.50 -15.05 -12.71
C GLY B 264 27.69 -14.26 -13.18
N ASN B 265 28.43 -14.75 -14.18
CA ASN B 265 29.52 -13.97 -14.75
C ASN B 265 28.95 -13.06 -15.82
N ASP B 266 29.05 -11.73 -15.59
CA ASP B 266 28.54 -10.76 -16.55
C ASP B 266 29.42 -10.73 -17.79
N THR B 267 30.73 -10.87 -17.60
CA THR B 267 31.64 -10.89 -18.73
C THR B 267 31.33 -12.06 -19.67
N GLU B 268 31.05 -13.23 -19.11
CA GLU B 268 30.69 -14.36 -19.96
C GLU B 268 29.36 -14.13 -20.66
N LEU B 269 28.42 -13.49 -19.98
CA LEU B 269 27.10 -13.25 -20.57
C LEU B 269 27.21 -12.29 -21.76
N ILE B 270 27.88 -11.16 -21.57
CA ILE B 270 28.02 -10.20 -22.66
C ILE B 270 28.90 -10.75 -23.76
N ALA B 271 29.92 -11.53 -23.39
CA ALA B 271 30.81 -12.12 -24.40
C ALA B 271 30.07 -13.13 -25.26
N CYS B 272 29.13 -13.86 -24.65
CA CYS B 272 28.25 -14.73 -25.43
C CYS B 272 27.32 -13.90 -26.31
N LEU B 273 26.79 -12.79 -25.77
CA LEU B 273 25.91 -11.93 -26.56
C LEU B 273 26.62 -11.35 -27.77
N ARG B 274 27.93 -11.14 -27.67
CA ARG B 274 28.66 -10.52 -28.77
C ARG B 274 28.85 -11.46 -29.95
N THR B 275 28.75 -12.77 -29.75
CA THR B 275 28.93 -13.73 -30.83
C THR B 275 27.63 -14.12 -31.53
N ARG B 276 26.49 -13.61 -31.07
CA ARG B 276 25.24 -13.90 -31.76
C ARG B 276 25.07 -12.95 -32.94
N PRO B 277 24.56 -13.42 -34.08
CA PRO B 277 24.23 -12.51 -35.17
C PRO B 277 23.18 -11.50 -34.73
N ALA B 278 23.28 -10.29 -35.30
CA ALA B 278 22.46 -9.18 -34.84
C ALA B 278 20.97 -9.51 -34.89
N GLN B 279 20.55 -10.23 -35.94
CA GLN B 279 19.15 -10.57 -36.07
C GLN B 279 18.67 -11.46 -34.93
N ASP B 280 19.55 -12.31 -34.38
CA ASP B 280 19.18 -13.11 -33.21
C ASP B 280 18.77 -12.22 -32.05
N LEU B 281 19.50 -11.13 -31.82
CA LEU B 281 19.13 -10.20 -30.77
C LEU B 281 17.82 -9.49 -31.11
N VAL B 282 17.69 -9.03 -32.36
CA VAL B 282 16.49 -8.26 -32.73
C VAL B 282 15.22 -9.10 -32.66
N ASP B 283 15.31 -10.40 -32.96
CA ASP B 283 14.13 -11.24 -32.99
C ASP B 283 13.45 -11.30 -31.62
N HIS B 284 14.24 -11.39 -30.56
CA HIS B 284 13.71 -11.53 -29.21
C HIS B 284 13.53 -10.21 -28.49
N GLU B 285 13.76 -9.09 -29.18
CA GLU B 285 13.78 -7.77 -28.53
C GLU B 285 12.47 -7.50 -27.78
N TRP B 286 11.33 -7.68 -28.44
CA TRP B 286 10.04 -7.34 -27.86
C TRP B 286 9.56 -8.32 -26.80
N HIS B 287 10.24 -9.45 -26.62
CA HIS B 287 9.74 -10.49 -25.73
C HIS B 287 10.13 -10.27 -24.27
N VAL B 288 10.98 -9.29 -23.98
CA VAL B 288 11.41 -9.02 -22.63
C VAL B 288 10.57 -7.94 -21.95
N LEU B 289 9.54 -7.41 -22.61
CA LEU B 289 8.68 -6.42 -21.99
C LEU B 289 7.89 -7.08 -20.84
N PRO B 290 7.79 -6.41 -19.69
CA PRO B 290 7.23 -7.08 -18.50
C PRO B 290 5.74 -7.32 -18.55
N GLN B 291 4.98 -6.53 -19.31
CA GLN B 291 3.55 -6.74 -19.46
C GLN B 291 3.17 -6.47 -20.90
N GLU B 292 1.98 -6.96 -21.28
CA GLU B 292 1.48 -6.68 -22.61
C GLU B 292 1.15 -5.20 -22.70
N SER B 293 1.74 -4.51 -23.68
CA SER B 293 1.71 -3.07 -23.66
C SER B 293 1.90 -2.50 -25.05
N ILE B 294 1.46 -1.26 -25.22
CA ILE B 294 1.84 -0.42 -26.34
C ILE B 294 2.50 0.84 -25.77
N PHE B 295 3.27 1.51 -26.62
CA PHE B 295 4.07 2.66 -26.21
C PHE B 295 4.99 2.28 -25.05
N ARG B 296 5.61 1.12 -25.17
CA ARG B 296 6.69 0.66 -24.29
C ARG B 296 7.75 0.02 -25.15
N PHE B 297 9.02 0.31 -24.86
CA PHE B 297 10.11 -0.17 -25.68
C PHE B 297 11.13 -0.87 -24.79
N SER B 298 11.70 -1.96 -25.30
CA SER B 298 12.39 -2.92 -24.43
C SER B 298 13.73 -2.36 -23.94
N PHE B 299 14.55 -1.86 -24.83
CA PHE B 299 15.87 -1.37 -24.47
C PHE B 299 15.92 0.14 -24.71
N VAL B 300 15.95 0.90 -23.62
CA VAL B 300 15.90 2.36 -23.63
C VAL B 300 16.99 2.83 -22.67
N PRO B 301 17.21 4.13 -22.51
CA PRO B 301 18.20 4.59 -21.52
C PRO B 301 17.88 4.05 -20.14
N VAL B 302 18.94 3.73 -19.40
CA VAL B 302 18.84 3.18 -18.05
C VAL B 302 19.33 4.24 -17.08
N VAL B 303 18.82 4.22 -15.85
CA VAL B 303 19.32 5.15 -14.84
C VAL B 303 20.45 4.40 -14.14
N ASP B 304 21.68 4.79 -14.46
CA ASP B 304 22.88 4.10 -14.02
C ASP B 304 23.57 4.79 -12.85
N GLY B 305 23.08 5.95 -12.42
CA GLY B 305 23.87 6.80 -11.55
C GLY B 305 25.17 7.25 -12.17
N ASP B 306 25.27 7.30 -13.50
CA ASP B 306 26.45 7.84 -14.15
C ASP B 306 26.08 8.88 -15.20
N PHE B 307 25.51 8.43 -16.32
CA PHE B 307 25.03 9.37 -17.33
C PHE B 307 23.84 10.15 -16.81
N LEU B 308 22.91 9.47 -16.13
CA LEU B 308 21.83 10.09 -15.37
C LEU B 308 22.17 9.90 -13.89
N SER B 309 22.48 11.00 -13.21
CA SER B 309 22.88 10.92 -11.81
C SER B 309 21.74 10.43 -10.93
N ASP B 310 20.51 10.70 -11.33
CA ASP B 310 19.32 10.22 -10.63
C ASP B 310 18.25 9.97 -11.69
N THR B 311 17.06 9.57 -11.24
CA THR B 311 15.94 9.44 -12.14
C THR B 311 15.61 10.82 -12.74
N PRO B 312 15.27 10.89 -14.02
CA PRO B 312 14.93 12.19 -14.61
C PRO B 312 13.77 12.88 -13.91
N GLU B 313 12.88 12.11 -13.27
CA GLU B 313 11.82 12.74 -12.49
CA GLU B 313 11.82 12.73 -12.48
C GLU B 313 12.38 13.46 -11.27
N ALA B 314 13.50 12.99 -10.71
CA ALA B 314 14.17 13.70 -9.62
C ALA B 314 15.04 14.85 -10.12
N LEU B 315 15.69 14.69 -11.29
CA LEU B 315 16.64 15.70 -11.76
C LEU B 315 15.96 16.95 -12.29
N ILE B 316 14.77 16.82 -12.88
CA ILE B 316 14.05 18.01 -13.32
C ILE B 316 13.35 18.71 -12.15
N ASN B 317 13.07 17.98 -11.07
CA ASN B 317 12.47 18.58 -9.88
C ASN B 317 13.50 19.39 -9.09
N THR B 318 14.69 18.83 -8.87
CA THR B 318 15.72 19.44 -8.05
C THR B 318 16.80 20.20 -8.83
N GLY B 319 16.73 20.23 -10.15
CA GLY B 319 17.80 20.83 -10.94
C GLY B 319 17.88 22.34 -10.78
N ASP B 320 18.93 22.93 -11.33
CA ASP B 320 19.03 24.38 -11.46
C ASP B 320 19.17 24.72 -12.95
N PHE B 321 18.11 25.28 -13.50
CA PHE B 321 17.99 25.59 -14.92
C PHE B 321 18.24 27.06 -15.27
N GLN B 322 18.70 27.87 -14.31
CA GLN B 322 18.59 29.33 -14.33
C GLN B 322 18.92 29.98 -15.67
N ASP B 323 19.97 29.55 -16.37
CA ASP B 323 20.13 29.92 -17.76
C ASP B 323 19.91 28.65 -18.58
N LEU B 324 18.73 28.55 -19.20
CA LEU B 324 18.42 27.57 -20.22
C LEU B 324 17.27 28.13 -21.04
N GLN B 325 17.25 27.82 -22.34
CA GLN B 325 16.17 28.22 -23.22
C GLN B 325 15.65 26.99 -23.96
N VAL B 326 14.40 26.61 -23.69
CA VAL B 326 13.84 25.34 -24.13
C VAL B 326 12.52 25.59 -24.86
N LEU B 327 12.36 24.92 -26.00
CA LEU B 327 11.09 24.87 -26.71
C LEU B 327 10.56 23.44 -26.65
N VAL B 328 9.31 23.29 -26.21
CA VAL B 328 8.67 21.98 -26.11
C VAL B 328 7.29 22.04 -26.74
N GLY B 329 6.80 20.88 -27.16
CA GLY B 329 5.41 20.84 -27.58
C GLY B 329 4.97 19.44 -27.91
N VAL B 330 3.69 19.33 -28.28
CA VAL B 330 3.07 18.06 -28.63
C VAL B 330 2.29 18.21 -29.92
N VAL B 331 1.68 17.12 -30.38
CA VAL B 331 0.77 17.16 -31.52
C VAL B 331 -0.62 16.82 -31.00
N LYS B 332 -1.63 16.87 -31.89
CA LYS B 332 -3.01 16.84 -31.43
C LYS B 332 -3.38 15.49 -30.81
N ASP B 333 -3.24 14.41 -31.57
CA ASP B 333 -3.53 13.08 -31.04
C ASP B 333 -2.23 12.28 -31.05
N GLU B 334 -1.63 12.09 -29.88
CA GLU B 334 -0.33 11.45 -29.82
C GLU B 334 -0.44 9.94 -29.93
N GLY B 335 -1.34 9.33 -29.17
CA GLY B 335 -1.38 7.89 -29.07
C GLY B 335 -2.27 7.18 -30.05
N SER B 336 -2.67 7.84 -31.15
CA SER B 336 -3.60 7.27 -32.11
C SER B 336 -3.12 5.94 -32.67
N TYR B 337 -2.07 5.95 -33.50
CA TYR B 337 -1.73 4.73 -34.22
C TYR B 337 -1.13 3.65 -33.32
N PHE B 338 -0.60 4.02 -32.15
CA PHE B 338 -0.19 3.01 -31.19
C PHE B 338 -1.31 2.02 -30.91
N LEU B 339 -2.57 2.47 -31.00
CA LEU B 339 -3.70 1.60 -30.68
C LEU B 339 -3.80 0.42 -31.63
N VAL B 340 -3.37 0.57 -32.88
CA VAL B 340 -3.48 -0.53 -33.84
C VAL B 340 -2.35 -1.53 -33.67
N TYR B 341 -1.45 -1.28 -32.72
CA TYR B 341 -0.27 -2.08 -32.44
C TYR B 341 -0.56 -3.19 -31.44
N GLY B 342 -1.82 -3.54 -31.24
CA GLY B 342 -2.23 -4.52 -30.25
C GLY B 342 -3.07 -4.11 -29.05
N VAL B 343 -3.73 -2.95 -29.10
CA VAL B 343 -5.00 -2.82 -28.37
C VAL B 343 -6.11 -3.43 -29.23
N PRO B 344 -6.70 -4.56 -28.84
CA PRO B 344 -7.62 -5.28 -29.74
C PRO B 344 -8.88 -4.49 -30.04
N GLY B 345 -9.32 -4.57 -31.29
CA GLY B 345 -10.42 -3.78 -31.79
C GLY B 345 -10.01 -2.60 -32.64
N PHE B 346 -8.73 -2.25 -32.66
CA PHE B 346 -8.22 -1.07 -33.36
C PHE B 346 -7.44 -1.49 -34.60
N SER B 347 -7.84 -0.96 -35.75
CA SER B 347 -7.13 -1.19 -37.00
C SER B 347 -7.23 0.07 -37.84
N LYS B 348 -6.24 0.29 -38.69
CA LYS B 348 -6.26 1.47 -39.54
C LYS B 348 -7.29 1.36 -40.66
N ASP B 349 -7.76 0.16 -40.97
CA ASP B 349 -8.63 -0.07 -42.12
C ASP B 349 -10.11 -0.05 -41.79
N ASN B 350 -10.48 0.07 -40.52
CA ASN B 350 -11.87 0.31 -40.13
C ASN B 350 -11.90 1.45 -39.11
N GLU B 351 -13.10 1.96 -38.83
CA GLU B 351 -13.22 3.16 -38.01
C GLU B 351 -12.87 2.91 -36.54
N SER B 352 -12.61 1.65 -36.16
CA SER B 352 -12.13 1.32 -34.82
C SER B 352 -13.15 1.69 -33.75
N LEU B 353 -14.42 1.43 -34.03
CA LEU B 353 -15.46 1.61 -33.03
C LEU B 353 -15.39 0.45 -32.06
N ILE B 354 -15.20 0.76 -30.78
CA ILE B 354 -14.92 -0.26 -29.78
C ILE B 354 -16.04 -0.29 -28.75
N SER B 355 -16.22 -1.45 -28.14
CA SER B 355 -17.17 -1.61 -27.05
C SER B 355 -16.57 -1.06 -25.77
N ARG B 356 -17.34 -1.12 -24.68
CA ARG B 356 -16.82 -0.67 -23.39
C ARG B 356 -15.81 -1.67 -22.84
N ALA B 357 -16.05 -2.97 -23.05
CA ALA B 357 -15.09 -3.98 -22.60
C ALA B 357 -13.77 -3.85 -23.35
N GLN B 358 -13.84 -3.65 -24.67
CA GLN B 358 -12.64 -3.34 -25.44
C GLN B 358 -11.93 -2.12 -24.89
N PHE B 359 -12.69 -1.13 -24.40
CA PHE B 359 -12.05 0.06 -23.84
C PHE B 359 -11.37 -0.25 -22.52
N LEU B 360 -11.97 -1.09 -21.68
CA LEU B 360 -11.36 -1.44 -20.40
C LEU B 360 -10.06 -2.23 -20.60
N ALA B 361 -10.11 -3.29 -21.42
CA ALA B 361 -8.90 -4.02 -21.74
C ALA B 361 -7.87 -3.11 -22.40
N GLY B 362 -8.32 -2.23 -23.29
CA GLY B 362 -7.41 -1.30 -23.94
C GLY B 362 -6.71 -0.38 -22.95
N VAL B 363 -7.44 0.09 -21.94
CA VAL B 363 -6.79 0.84 -20.87
C VAL B 363 -5.73 0.00 -20.18
N ARG B 364 -6.04 -1.28 -19.93
CA ARG B 364 -5.07 -2.14 -19.26
C ARG B 364 -3.82 -2.34 -20.09
N ILE B 365 -3.93 -2.33 -21.42
CA ILE B 365 -2.76 -2.45 -22.27
C ILE B 365 -2.01 -1.13 -22.39
N GLY B 366 -2.74 -0.03 -22.57
CA GLY B 366 -2.13 1.27 -22.79
C GLY B 366 -1.55 1.89 -21.55
N VAL B 367 -2.01 1.46 -20.37
CA VAL B 367 -1.39 1.85 -19.11
C VAL B 367 -0.89 0.57 -18.45
N PRO B 368 0.18 -0.04 -18.96
CA PRO B 368 0.56 -1.39 -18.51
C PRO B 368 1.07 -1.43 -17.08
N GLN B 369 1.60 -0.33 -16.56
CA GLN B 369 2.11 -0.29 -15.20
CA GLN B 369 2.11 -0.30 -15.20
C GLN B 369 1.05 0.10 -14.18
N ALA B 370 -0.20 0.30 -14.62
CA ALA B 370 -1.29 0.68 -13.72
C ALA B 370 -1.76 -0.51 -12.91
N SER B 371 -2.03 -0.27 -11.63
CA SER B 371 -2.69 -1.27 -10.80
C SER B 371 -4.17 -1.34 -11.16
N ASP B 372 -4.89 -2.27 -10.52
CA ASP B 372 -6.33 -2.37 -10.78
C ASP B 372 -7.02 -1.05 -10.44
N LEU B 373 -6.73 -0.51 -9.25
CA LEU B 373 -7.39 0.70 -8.80
C LEU B 373 -7.03 1.89 -9.69
N ALA B 374 -5.74 2.02 -10.03
CA ALA B 374 -5.32 3.11 -10.90
C ALA B 374 -5.94 2.97 -12.28
N ALA B 375 -6.09 1.73 -12.77
CA ALA B 375 -6.76 1.52 -14.05
C ALA B 375 -8.21 1.96 -13.98
N GLU B 376 -8.88 1.67 -12.87
CA GLU B 376 -10.26 2.14 -12.71
C GLU B 376 -10.32 3.65 -12.62
N ALA B 377 -9.29 4.28 -12.04
CA ALA B 377 -9.24 5.74 -12.02
C ALA B 377 -9.11 6.30 -13.43
N VAL B 378 -8.28 5.69 -14.27
CA VAL B 378 -8.18 6.12 -15.65
C VAL B 378 -9.53 5.95 -16.36
N VAL B 379 -10.16 4.79 -16.15
CA VAL B 379 -11.44 4.52 -16.80
C VAL B 379 -12.47 5.57 -16.41
N LEU B 380 -12.56 5.88 -15.11
CA LEU B 380 -13.49 6.92 -14.67
C LEU B 380 -13.18 8.27 -15.30
N HIS B 381 -11.93 8.71 -15.21
CA HIS B 381 -11.61 10.06 -15.68
C HIS B 381 -11.87 10.22 -17.17
N TYR B 382 -11.58 9.19 -17.97
CA TYR B 382 -11.72 9.30 -19.41
C TYR B 382 -13.08 8.86 -19.94
N THR B 383 -13.97 8.39 -19.07
CA THR B 383 -15.31 7.99 -19.48
C THR B 383 -16.23 9.21 -19.49
N ASP B 384 -17.06 9.31 -20.53
CA ASP B 384 -18.15 10.26 -20.55
C ASP B 384 -19.37 9.52 -20.02
N TRP B 385 -19.84 9.90 -18.84
CA TRP B 385 -20.89 9.13 -18.20
C TRP B 385 -22.27 9.50 -18.71
N LEU B 386 -22.36 10.48 -19.63
CA LEU B 386 -23.60 10.72 -20.35
C LEU B 386 -23.78 9.74 -21.50
N HIS B 387 -22.69 9.32 -22.15
CA HIS B 387 -22.72 8.31 -23.21
C HIS B 387 -21.61 7.30 -22.94
N PRO B 388 -21.75 6.48 -21.89
CA PRO B 388 -20.65 5.57 -21.54
C PRO B 388 -20.42 4.46 -22.56
N GLU B 389 -21.40 4.15 -23.39
CA GLU B 389 -21.29 3.10 -24.40
C GLU B 389 -20.91 3.63 -25.78
N ASP B 390 -20.80 4.94 -25.95
CA ASP B 390 -20.61 5.51 -27.28
C ASP B 390 -19.26 5.09 -27.85
N PRO B 391 -19.22 4.32 -28.95
CA PRO B 391 -17.93 3.80 -29.42
C PRO B 391 -16.97 4.87 -29.94
N THR B 392 -17.48 5.97 -30.51
CA THR B 392 -16.60 6.99 -31.04
C THR B 392 -15.83 7.68 -29.91
N HIS B 393 -16.54 8.08 -28.84
CA HIS B 393 -15.87 8.65 -27.69
C HIS B 393 -14.98 7.64 -26.98
N LEU B 394 -15.35 6.36 -27.01
CA LEU B 394 -14.48 5.33 -26.43
C LEU B 394 -13.17 5.23 -27.19
N ARG B 395 -13.22 5.26 -28.52
CA ARG B 395 -12.00 5.15 -29.31
C ARG B 395 -11.14 6.40 -29.17
N ASP B 396 -11.74 7.58 -29.37
CA ASP B 396 -10.97 8.82 -29.20
C ASP B 396 -10.45 8.93 -27.77
N ALA B 397 -11.16 8.35 -26.81
CA ALA B 397 -10.73 8.41 -25.42
C ALA B 397 -9.60 7.42 -25.15
N MET B 398 -9.55 6.32 -25.90
CA MET B 398 -8.40 5.43 -25.84
C MET B 398 -7.15 6.13 -26.37
N SER B 399 -7.28 6.77 -27.53
CA SER B 399 -6.18 7.57 -28.06
C SER B 399 -5.76 8.65 -27.07
N ALA B 400 -6.73 9.23 -26.36
CA ALA B 400 -6.41 10.25 -25.37
C ALA B 400 -5.68 9.67 -24.18
N VAL B 401 -6.06 8.46 -23.75
CA VAL B 401 -5.37 7.81 -22.63
C VAL B 401 -3.91 7.59 -22.98
N VAL B 402 -3.64 6.95 -24.12
CA VAL B 402 -2.27 6.65 -24.49
C VAL B 402 -1.47 7.93 -24.70
N GLY B 403 -2.05 8.88 -25.44
CA GLY B 403 -1.33 10.11 -25.74
C GLY B 403 -1.01 10.93 -24.51
N ASP B 404 -2.00 11.16 -23.64
CA ASP B 404 -1.78 11.98 -22.46
C ASP B 404 -0.83 11.28 -21.48
N HIS B 405 -0.96 9.96 -21.35
CA HIS B 405 -0.09 9.21 -20.44
C HIS B 405 1.36 9.27 -20.89
N ASN B 406 1.62 8.90 -22.14
CA ASN B 406 3.00 8.75 -22.61
C ASN B 406 3.66 10.05 -23.06
N VAL B 407 2.90 11.07 -23.44
CA VAL B 407 3.52 12.25 -24.06
C VAL B 407 3.04 13.55 -23.41
N VAL B 408 1.76 13.86 -23.57
CA VAL B 408 1.28 15.22 -23.30
C VAL B 408 1.52 15.61 -21.85
N CYS B 409 1.09 14.77 -20.92
CA CYS B 409 1.30 15.08 -19.51
C CYS B 409 2.77 15.06 -19.10
N PRO B 410 3.59 14.10 -19.57
CA PRO B 410 5.04 14.25 -19.34
C PRO B 410 5.60 15.56 -19.87
N VAL B 411 5.08 16.05 -21.00
CA VAL B 411 5.55 17.32 -21.55
C VAL B 411 5.15 18.48 -20.65
N ALA B 412 3.90 18.49 -20.17
CA ALA B 412 3.45 19.55 -19.28
C ALA B 412 4.20 19.50 -17.95
N GLN B 413 4.51 18.30 -17.47
CA GLN B 413 5.32 18.15 -16.26
C GLN B 413 6.71 18.74 -16.47
N LEU B 414 7.36 18.38 -17.58
CA LEU B 414 8.68 18.93 -17.87
C LEU B 414 8.64 20.45 -17.95
N ALA B 415 7.67 21.00 -18.70
CA ALA B 415 7.60 22.46 -18.85
C ALA B 415 7.35 23.12 -17.50
N GLY B 416 6.51 22.52 -16.65
CA GLY B 416 6.24 23.10 -15.35
C GLY B 416 7.46 23.13 -14.45
N ARG B 417 8.24 22.04 -14.45
CA ARG B 417 9.43 22.01 -13.60
C ARG B 417 10.53 22.91 -14.16
N LEU B 418 10.75 22.87 -15.49
CA LEU B 418 11.73 23.75 -16.12
C LEU B 418 11.41 25.21 -15.82
N ALA B 419 10.15 25.60 -16.00
CA ALA B 419 9.74 26.98 -15.71
C ALA B 419 9.92 27.32 -14.24
N ALA B 420 9.55 26.38 -13.35
CA ALA B 420 9.66 26.63 -11.92
C ALA B 420 11.12 26.77 -11.49
N GLN B 421 12.05 26.16 -12.21
CA GLN B 421 13.46 26.20 -11.87
C GLN B 421 14.24 27.31 -12.56
N GLY B 422 13.58 28.20 -13.30
CA GLY B 422 14.22 29.37 -13.86
C GLY B 422 14.57 29.31 -15.33
N ALA B 423 14.14 28.27 -16.04
CA ALA B 423 14.36 28.19 -17.48
C ALA B 423 13.35 29.05 -18.22
N ARG B 424 13.74 29.48 -19.43
CA ARG B 424 12.84 30.18 -20.35
C ARG B 424 12.22 29.12 -21.26
N VAL B 425 10.91 28.92 -21.13
CA VAL B 425 10.23 27.80 -21.76
C VAL B 425 9.17 28.34 -22.71
N TYR B 426 9.11 27.77 -23.91
CA TYR B 426 8.03 28.00 -24.86
C TYR B 426 7.32 26.67 -25.13
N ALA B 427 6.01 26.73 -25.32
CA ALA B 427 5.22 25.51 -25.47
C ALA B 427 4.26 25.63 -26.65
N TYR B 428 4.15 24.53 -27.41
CA TYR B 428 3.31 24.51 -28.61
C TYR B 428 2.50 23.23 -28.67
N ILE B 429 1.38 23.30 -29.37
CA ILE B 429 0.57 22.14 -29.73
C ILE B 429 0.26 22.22 -31.22
N PHE B 430 0.62 21.16 -31.96
CA PHE B 430 0.52 21.15 -33.41
C PHE B 430 -0.82 20.51 -33.79
N GLU B 431 -1.75 21.33 -34.26
CA GLU B 431 -3.11 20.87 -34.54
C GLU B 431 -3.39 20.57 -36.02
N HIS B 432 -2.42 20.77 -36.91
CA HIS B 432 -2.66 20.68 -38.33
C HIS B 432 -2.32 19.27 -38.85
N ARG B 433 -3.25 18.69 -39.62
CA ARG B 433 -3.02 17.39 -40.25
C ARG B 433 -2.52 17.58 -41.67
N ALA B 434 -1.48 16.81 -42.03
CA ALA B 434 -0.90 16.90 -43.36
C ALA B 434 -1.88 16.40 -44.41
N SER B 435 -1.93 17.10 -45.55
CA SER B 435 -2.82 16.71 -46.62
C SER B 435 -2.42 15.36 -47.21
N THR B 436 -1.14 15.01 -47.13
CA THR B 436 -0.60 13.79 -47.72
C THR B 436 -0.64 12.61 -46.75
N LEU B 437 -1.23 12.78 -45.57
CA LEU B 437 -1.25 11.74 -44.55
C LEU B 437 -1.95 10.49 -45.05
N THR B 438 -1.28 9.34 -44.91
CA THR B 438 -1.82 8.06 -45.36
C THR B 438 -2.57 7.30 -44.27
N TRP B 439 -2.54 7.78 -43.02
CA TRP B 439 -3.25 7.11 -41.95
C TRP B 439 -4.75 7.44 -42.02
N PRO B 440 -5.59 6.65 -41.35
CA PRO B 440 -7.03 6.92 -41.40
C PRO B 440 -7.39 8.23 -40.71
N LEU B 441 -8.59 8.71 -41.05
CA LEU B 441 -9.02 10.03 -40.60
C LEU B 441 -9.16 10.09 -39.08
N TRP B 442 -9.57 8.99 -38.45
CA TRP B 442 -9.86 9.02 -37.02
C TRP B 442 -8.62 9.19 -36.14
N MET B 443 -7.42 9.09 -36.72
CA MET B 443 -6.19 9.27 -35.96
C MET B 443 -5.79 10.74 -35.82
N GLY B 444 -6.42 11.65 -36.57
CA GLY B 444 -6.14 13.07 -36.40
C GLY B 444 -4.73 13.42 -36.85
N VAL B 445 -4.00 14.12 -35.98
CA VAL B 445 -2.59 14.42 -36.20
C VAL B 445 -1.79 13.39 -35.39
N PRO B 446 -1.16 12.40 -36.02
CA PRO B 446 -0.56 11.30 -35.27
C PRO B 446 0.83 11.68 -34.76
N HIS B 447 1.45 10.71 -34.07
CA HIS B 447 2.70 10.96 -33.38
C HIS B 447 3.81 11.18 -34.40
N GLY B 448 4.49 12.33 -34.32
CA GLY B 448 5.64 12.61 -35.15
C GLY B 448 5.35 13.13 -36.54
N TYR B 449 4.12 13.56 -36.82
CA TYR B 449 3.77 14.07 -38.14
C TYR B 449 3.88 15.59 -38.25
N GLU B 450 4.40 16.26 -37.21
CA GLU B 450 4.84 17.65 -37.35
C GLU B 450 6.23 17.77 -37.95
N ILE B 451 6.98 16.66 -38.04
CA ILE B 451 8.36 16.71 -38.49
C ILE B 451 8.44 17.09 -39.97
N GLU B 452 7.51 16.58 -40.78
CA GLU B 452 7.50 16.93 -42.20
C GLU B 452 7.49 18.44 -42.40
N PHE B 453 6.73 19.16 -41.58
CA PHE B 453 6.58 20.60 -41.73
C PHE B 453 7.75 21.37 -41.13
N ILE B 454 8.32 20.89 -40.01
CA ILE B 454 9.44 21.59 -39.38
C ILE B 454 10.63 21.63 -40.32
N PHE B 455 10.91 20.51 -41.01
CA PHE B 455 12.05 20.43 -41.91
C PHE B 455 11.82 21.12 -43.26
N GLY B 456 10.61 21.61 -43.53
CA GLY B 456 10.35 22.31 -44.76
C GLY B 456 10.13 21.44 -45.97
N LEU B 457 9.65 20.21 -45.80
CA LEU B 457 9.32 19.37 -46.94
C LEU B 457 8.22 19.96 -47.84
N PRO B 458 7.19 20.64 -47.32
CA PRO B 458 6.19 21.24 -48.22
C PRO B 458 6.77 22.24 -49.22
N LEU B 459 7.98 22.75 -48.99
CA LEU B 459 8.62 23.64 -49.95
C LEU B 459 9.01 22.93 -51.24
N ASP B 460 9.18 21.60 -51.20
CA ASP B 460 9.44 20.84 -52.41
C ASP B 460 8.12 20.65 -53.14
N PRO B 461 7.94 21.23 -54.34
CA PRO B 461 6.61 21.20 -54.98
C PRO B 461 6.15 19.82 -55.43
N SER B 462 7.05 18.84 -55.55
CA SER B 462 6.70 17.57 -56.17
C SER B 462 5.95 16.60 -55.25
N LEU B 463 5.87 16.90 -53.95
CA LEU B 463 5.17 16.02 -53.02
C LEU B 463 3.68 16.32 -52.94
N ASN B 464 3.19 17.30 -53.70
CA ASN B 464 1.76 17.64 -53.78
C ASN B 464 1.20 18.14 -52.44
N TYR B 465 1.96 18.99 -51.74
CA TYR B 465 1.35 19.66 -50.61
C TYR B 465 0.58 20.89 -51.09
N THR B 466 -0.15 21.52 -50.16
CA THR B 466 -0.84 22.78 -50.41
C THR B 466 0.10 23.97 -50.24
N THR B 467 -0.25 25.07 -50.91
CA THR B 467 0.48 26.32 -50.73
C THR B 467 0.42 26.81 -49.28
N GLU B 468 -0.75 26.68 -48.65
CA GLU B 468 -0.87 27.03 -47.23
C GLU B 468 0.11 26.25 -46.39
N GLU B 469 0.32 24.97 -46.72
CA GLU B 469 1.31 24.17 -46.02
C GLU B 469 2.73 24.63 -46.33
N ARG B 470 2.94 25.28 -47.48
CA ARG B 470 4.25 25.83 -47.79
C ARG B 470 4.55 27.04 -46.90
N ILE B 471 3.64 28.02 -46.87
CA ILE B 471 3.87 29.19 -46.03
C ILE B 471 3.89 28.79 -44.56
N PHE B 472 3.07 27.80 -44.20
CA PHE B 472 3.09 27.25 -42.84
C PHE B 472 4.46 26.67 -42.51
N ALA B 473 5.01 25.87 -43.43
CA ALA B 473 6.30 25.25 -43.19
C ALA B 473 7.40 26.29 -43.02
N GLN B 474 7.43 27.30 -43.91
CA GLN B 474 8.50 28.29 -43.77
C GLN B 474 8.32 29.16 -42.54
N ARG B 475 7.07 29.41 -42.12
CA ARG B 475 6.86 30.12 -40.86
C ARG B 475 7.40 29.31 -39.68
N LEU B 476 7.16 28.00 -39.69
CA LEU B 476 7.70 27.14 -38.63
C LEU B 476 9.23 27.11 -38.67
N MET B 477 9.82 27.07 -39.86
CA MET B 477 11.28 27.14 -39.97
C MET B 477 11.79 28.45 -39.39
N LYS B 478 11.06 29.55 -39.59
CA LYS B 478 11.44 30.83 -38.99
C LYS B 478 11.35 30.77 -37.47
N TYR B 479 10.32 30.11 -36.93
CA TYR B 479 10.21 29.94 -35.48
C TYR B 479 11.39 29.17 -34.93
N TRP B 480 11.67 28.00 -35.51
CA TRP B 480 12.72 27.13 -35.01
C TRP B 480 14.10 27.78 -35.11
N THR B 481 14.41 28.38 -36.26
CA THR B 481 15.74 28.98 -36.43
C THR B 481 15.88 30.24 -35.57
N ASN B 482 14.84 31.07 -35.51
CA ASN B 482 14.85 32.21 -34.60
C ASN B 482 15.13 31.76 -33.17
N PHE B 483 14.48 30.67 -32.74
CA PHE B 483 14.78 30.11 -31.42
C PHE B 483 16.23 29.67 -31.31
N ALA B 484 16.77 29.09 -32.40
CA ALA B 484 18.14 28.60 -32.36
C ALA B 484 19.14 29.73 -32.12
N ARG B 485 19.03 30.81 -32.90
CA ARG B 485 20.01 31.89 -32.74
C ARG B 485 19.72 32.78 -31.54
N THR B 486 18.48 33.25 -31.38
CA THR B 486 18.18 34.23 -30.34
C THR B 486 17.62 33.65 -29.05
N GLY B 487 17.37 32.34 -28.99
CA GLY B 487 16.69 31.79 -27.83
C GLY B 487 15.24 32.23 -27.70
N ASP B 488 14.65 32.79 -28.76
CA ASP B 488 13.26 33.20 -28.79
C ASP B 488 12.70 32.75 -30.13
N PRO B 489 11.49 32.19 -30.17
CA PRO B 489 10.87 31.89 -31.46
C PRO B 489 10.40 33.11 -32.21
N ASN B 490 10.12 34.20 -31.50
CA ASN B 490 9.51 35.37 -32.13
C ASN B 490 10.52 36.10 -33.00
N ASP B 491 10.01 36.80 -34.00
CA ASP B 491 10.86 37.61 -34.86
C ASP B 491 11.44 38.76 -34.03
N PRO B 492 12.76 38.95 -34.06
CA PRO B 492 13.38 39.98 -33.19
C PRO B 492 12.90 41.39 -33.48
N ARG B 493 12.28 41.63 -34.64
CA ARG B 493 11.91 42.97 -35.04
CA ARG B 493 11.90 42.97 -35.06
C ARG B 493 10.40 43.19 -34.92
N ASP B 494 10.06 44.43 -34.58
CA ASP B 494 8.72 45.03 -34.51
C ASP B 494 7.78 44.21 -33.61
N SER B 495 6.50 44.17 -33.99
CA SER B 495 5.57 43.09 -33.68
C SER B 495 4.85 42.85 -34.99
N LYS B 496 5.07 41.70 -35.58
CA LYS B 496 4.36 41.31 -36.79
C LYS B 496 3.53 40.12 -36.35
N SER B 497 2.20 40.31 -36.21
CA SER B 497 1.37 39.12 -36.16
C SER B 497 1.56 38.43 -34.79
N PRO B 498 0.84 37.35 -34.50
CA PRO B 498 0.30 37.13 -33.13
C PRO B 498 1.30 37.10 -31.96
N GLN B 499 2.60 37.01 -32.22
CA GLN B 499 3.71 36.67 -31.33
C GLN B 499 3.63 35.29 -30.63
N TRP B 500 4.35 35.12 -29.48
CA TRP B 500 4.49 33.84 -28.74
C TRP B 500 4.85 33.99 -27.26
N PRO B 501 3.93 34.22 -26.32
CA PRO B 501 4.35 34.38 -24.93
C PRO B 501 5.09 33.14 -24.44
N PRO B 502 6.05 33.30 -23.53
CA PRO B 502 6.72 32.15 -22.91
C PRO B 502 5.86 31.46 -21.86
N TYR B 503 6.07 30.15 -21.74
CA TYR B 503 5.39 29.37 -20.72
C TYR B 503 5.90 29.73 -19.34
N THR B 504 4.98 29.99 -18.41
CA THR B 504 5.30 30.30 -17.02
C THR B 504 4.47 29.41 -16.10
N THR B 505 4.87 29.38 -14.83
CA THR B 505 4.11 28.63 -13.84
C THR B 505 2.74 29.28 -13.58
N ALA B 506 2.72 30.61 -13.51
CA ALA B 506 1.46 31.32 -13.21
C ALA B 506 0.50 31.27 -14.40
N ALA B 507 0.96 31.69 -15.58
CA ALA B 507 0.07 31.83 -16.73
C ALA B 507 -0.18 30.49 -17.42
N GLN B 508 0.86 29.67 -17.55
CA GLN B 508 0.79 28.39 -18.28
C GLN B 508 0.35 28.60 -19.74
N GLN B 509 1.00 29.53 -20.41
CA GLN B 509 0.63 29.92 -21.77
C GLN B 509 1.39 29.10 -22.81
N TYR B 510 0.64 28.51 -23.73
CA TYR B 510 1.18 27.80 -24.89
C TYR B 510 0.47 28.32 -26.14
N VAL B 511 1.07 28.03 -27.30
CA VAL B 511 0.49 28.44 -28.57
C VAL B 511 0.14 27.21 -29.37
N SER B 512 -0.80 27.38 -30.29
CA SER B 512 -1.21 26.34 -31.21
C SER B 512 -0.65 26.65 -32.58
N LEU B 513 0.06 25.69 -33.18
CA LEU B 513 0.47 25.84 -34.57
C LEU B 513 -0.52 24.99 -35.37
N ASN B 514 -1.48 25.68 -35.99
CA ASN B 514 -2.33 25.13 -37.04
C ASN B 514 -2.52 26.23 -38.06
N LEU B 515 -2.03 26.08 -39.30
CA LEU B 515 -2.65 26.84 -40.37
C LEU B 515 -2.73 28.32 -39.95
N LYS B 516 -3.95 28.75 -39.61
CA LYS B 516 -4.38 30.06 -39.13
C LYS B 516 -3.44 30.58 -38.04
N PRO B 517 -3.23 31.90 -37.96
CA PRO B 517 -2.14 32.44 -37.14
C PRO B 517 -2.24 32.04 -35.67
N LEU B 518 -1.12 32.17 -34.98
CA LEU B 518 -1.00 31.70 -33.60
C LEU B 518 -2.10 32.28 -32.74
N GLU B 519 -2.81 31.41 -32.04
CA GLU B 519 -3.73 31.82 -30.99
C GLU B 519 -3.18 31.29 -29.66
N VAL B 520 -3.18 32.14 -28.65
CA VAL B 520 -2.55 31.81 -27.37
C VAL B 520 -3.60 31.20 -26.46
N ARG B 521 -3.30 30.04 -25.91
CA ARG B 521 -4.15 29.36 -24.95
C ARG B 521 -3.35 29.15 -23.68
N ARG B 522 -4.06 28.86 -22.60
CA ARG B 522 -3.41 28.55 -21.33
C ARG B 522 -4.03 27.28 -20.75
N GLY B 523 -3.40 26.74 -19.72
CA GLY B 523 -3.90 25.49 -19.17
C GLY B 523 -3.71 24.23 -20.00
N LEU B 524 -2.46 23.85 -20.29
CA LEU B 524 -2.26 22.72 -21.19
C LEU B 524 -2.66 21.45 -20.45
N ARG B 525 -3.75 20.85 -20.94
CA ARG B 525 -4.36 19.65 -20.34
C ARG B 525 -4.36 19.75 -18.81
N ALA B 526 -4.78 20.91 -18.30
CA ALA B 526 -4.51 21.24 -16.90
C ALA B 526 -5.15 20.23 -15.96
N GLN B 527 -6.45 19.97 -16.12
CA GLN B 527 -7.15 19.04 -15.24
C GLN B 527 -6.65 17.61 -15.43
N THR B 528 -6.63 17.15 -16.68
CA THR B 528 -6.23 15.78 -16.98
C THR B 528 -4.80 15.52 -16.53
N CYS B 529 -3.87 16.38 -16.90
CA CYS B 529 -2.49 16.18 -16.49
C CYS B 529 -2.30 16.41 -15.00
N ALA B 530 -3.18 17.18 -14.35
CA ALA B 530 -3.16 17.18 -12.89
C ALA B 530 -3.55 15.82 -12.33
N PHE B 531 -4.46 15.12 -13.02
CA PHE B 531 -4.81 13.75 -12.61
C PHE B 531 -3.65 12.79 -12.81
N TRP B 532 -2.99 12.86 -13.98
CA TRP B 532 -1.88 11.94 -14.27
C TRP B 532 -0.69 12.21 -13.37
N ASN B 533 -0.24 13.47 -13.28
CA ASN B 533 0.97 13.79 -12.56
C ASN B 533 0.76 13.89 -11.05
N ARG B 534 -0.30 14.56 -10.60
CA ARG B 534 -0.47 14.77 -9.16
C ARG B 534 -1.11 13.59 -8.44
N PHE B 535 -2.16 12.99 -9.01
CA PHE B 535 -3.02 12.08 -8.26
C PHE B 535 -2.55 10.62 -8.37
N LEU B 536 -2.57 10.06 -9.57
CA LEU B 536 -2.19 8.67 -9.78
C LEU B 536 -0.92 8.26 -9.03
N PRO B 537 0.15 9.08 -8.95
CA PRO B 537 1.26 8.72 -8.04
C PRO B 537 0.84 8.50 -6.60
N LYS B 538 -0.03 9.35 -6.04
CA LYS B 538 -0.52 9.12 -4.68
C LYS B 538 -1.19 7.76 -4.56
N LEU B 539 -1.57 7.15 -5.67
CA LEU B 539 -2.21 5.84 -5.66
C LEU B 539 -1.21 4.69 -5.55
N LEU B 540 0.04 4.86 -6.02
CA LEU B 540 0.99 3.75 -5.97
C LEU B 540 1.86 3.77 -4.72
N SER B 541 1.71 4.77 -3.85
CA SER B 541 2.49 4.85 -2.62
C SER B 541 1.64 5.32 -1.44
N GLU C 4 22.53 -71.73 -18.16
CA GLU C 4 22.65 -72.98 -17.42
C GLU C 4 22.31 -72.79 -15.95
N ASP C 5 22.57 -71.60 -15.41
CA ASP C 5 22.29 -71.30 -14.01
C ASP C 5 20.79 -71.41 -13.75
N PRO C 6 20.33 -72.33 -12.91
CA PRO C 6 18.88 -72.49 -12.71
C PRO C 6 18.23 -71.33 -11.99
N GLN C 7 18.98 -70.55 -11.21
CA GLN C 7 18.39 -69.45 -10.45
C GLN C 7 18.17 -68.20 -11.29
N LEU C 8 18.85 -68.06 -12.42
CA LEU C 8 18.83 -66.83 -13.21
C LEU C 8 17.82 -66.86 -14.36
N LEU C 9 17.12 -67.97 -14.57
CA LEU C 9 16.11 -68.07 -15.62
C LEU C 9 14.74 -67.83 -14.98
N VAL C 10 14.10 -66.73 -15.37
CA VAL C 10 12.84 -66.28 -14.77
C VAL C 10 11.87 -65.93 -15.89
N ARG C 11 10.61 -66.34 -15.73
CA ARG C 11 9.57 -66.03 -16.70
C ARG C 11 8.60 -65.01 -16.11
N VAL C 12 8.49 -63.84 -16.76
CA VAL C 12 7.49 -62.83 -16.42
C VAL C 12 6.37 -62.86 -17.45
N ARG C 13 5.40 -61.96 -17.31
CA ARG C 13 4.22 -61.95 -18.18
C ARG C 13 4.60 -61.71 -19.64
N GLY C 14 5.64 -60.91 -19.89
CA GLY C 14 6.04 -60.60 -21.26
C GLY C 14 6.86 -61.67 -21.94
N GLY C 15 7.56 -62.49 -21.18
CA GLY C 15 8.40 -63.53 -21.76
C GLY C 15 9.43 -64.02 -20.76
N GLN C 16 10.41 -64.74 -21.28
CA GLN C 16 11.49 -65.27 -20.47
C GLN C 16 12.66 -64.31 -20.44
N LEU C 17 13.33 -64.22 -19.29
CA LEU C 17 14.52 -63.40 -19.19
C LEU C 17 15.58 -64.11 -18.37
N ARG C 18 16.85 -63.94 -18.77
CA ARG C 18 18.02 -64.56 -18.14
C ARG C 18 18.83 -63.47 -17.45
N GLY C 19 19.03 -63.60 -16.14
CA GLY C 19 19.74 -62.60 -15.36
C GLY C 19 21.22 -62.93 -15.19
N ILE C 20 21.84 -62.22 -14.25
CA ILE C 20 23.27 -62.36 -13.99
C ILE C 20 23.50 -62.44 -12.48
N ARG C 21 24.45 -63.29 -12.07
CA ARG C 21 24.88 -63.38 -10.69
C ARG C 21 25.98 -62.35 -10.45
N LEU C 22 25.79 -61.50 -9.46
CA LEU C 22 26.75 -60.47 -9.10
C LEU C 22 27.33 -60.77 -7.74
N LYS C 23 28.57 -60.31 -7.52
CA LYS C 23 29.24 -60.47 -6.23
C LYS C 23 29.07 -59.19 -5.41
N ALA C 24 28.32 -59.30 -4.31
CA ALA C 24 28.24 -58.32 -3.22
C ALA C 24 29.29 -58.64 -2.17
N PRO C 25 29.68 -57.67 -1.34
CA PRO C 25 30.77 -57.91 -0.39
C PRO C 25 30.61 -59.14 0.49
N GLY C 26 29.38 -59.49 0.89
CA GLY C 26 29.16 -60.62 1.76
C GLY C 26 28.54 -61.86 1.13
N GLY C 27 28.39 -61.89 -0.19
CA GLY C 27 27.79 -63.03 -0.86
C GLY C 27 27.20 -62.64 -2.20
N PRO C 28 26.69 -63.61 -2.95
CA PRO C 28 26.11 -63.33 -4.26
C PRO C 28 24.71 -62.73 -4.16
N VAL C 29 24.32 -62.04 -5.23
CA VAL C 29 22.95 -61.58 -5.43
C VAL C 29 22.55 -61.90 -6.87
N SER C 30 21.25 -61.84 -7.12
CA SER C 30 20.70 -62.00 -8.46
C SER C 30 20.33 -60.64 -9.01
N ALA C 31 20.73 -60.36 -10.24
CA ALA C 31 20.44 -59.10 -10.88
C ALA C 31 19.79 -59.34 -12.23
N PHE C 32 18.64 -58.71 -12.45
CA PHE C 32 17.97 -58.71 -13.74
C PHE C 32 17.84 -57.26 -14.18
N LEU C 33 18.59 -56.89 -15.22
CA LEU C 33 18.81 -55.49 -15.57
C LEU C 33 18.32 -55.22 -17.00
N GLY C 34 17.62 -54.11 -17.19
CA GLY C 34 17.17 -53.77 -18.53
C GLY C 34 15.97 -54.55 -19.02
N ILE C 35 15.06 -54.93 -18.14
CA ILE C 35 13.79 -55.56 -18.50
C ILE C 35 12.89 -54.49 -19.11
N PRO C 36 12.48 -54.59 -20.37
CA PRO C 36 11.56 -53.57 -20.90
C PRO C 36 10.20 -53.67 -20.23
N PHE C 37 9.72 -52.56 -19.67
CA PHE C 37 8.33 -52.46 -19.24
C PHE C 37 7.43 -51.68 -20.19
N ALA C 38 7.97 -51.10 -21.26
CA ALA C 38 7.15 -50.28 -22.13
C ALA C 38 7.69 -50.31 -23.56
N GLU C 39 6.79 -50.20 -24.52
CA GLU C 39 7.21 -50.01 -25.91
C GLU C 39 7.92 -48.67 -26.03
N PRO C 40 9.02 -48.61 -26.77
CA PRO C 40 9.87 -47.41 -26.75
C PRO C 40 9.11 -46.16 -27.16
N PRO C 41 9.16 -45.09 -26.30
CA PRO C 41 8.43 -43.83 -26.59
C PRO C 41 9.17 -42.97 -27.61
N VAL C 42 9.34 -43.51 -28.80
CA VAL C 42 10.19 -42.91 -29.82
C VAL C 42 9.34 -42.62 -31.06
N GLY C 43 9.87 -41.74 -31.92
CA GLY C 43 9.14 -41.37 -33.11
C GLY C 43 7.83 -40.69 -32.80
N SER C 44 6.73 -41.23 -33.32
CA SER C 44 5.42 -40.65 -33.08
C SER C 44 4.96 -40.78 -31.63
N ARG C 45 5.64 -41.56 -30.80
CA ARG C 45 5.24 -41.74 -29.42
C ARG C 45 5.89 -40.75 -28.46
N ARG C 46 6.72 -39.84 -28.97
CA ARG C 46 7.34 -38.85 -28.09
C ARG C 46 6.29 -37.93 -27.48
N PHE C 47 6.51 -37.58 -26.20
CA PHE C 47 5.60 -36.76 -25.38
C PHE C 47 4.33 -37.49 -24.99
N MET C 48 4.08 -38.73 -25.59
CA MET C 48 2.87 -39.52 -25.40
C MET C 48 3.02 -40.49 -24.23
N PRO C 49 1.91 -40.88 -23.62
CA PRO C 49 1.98 -41.81 -22.49
C PRO C 49 2.56 -43.13 -22.93
N PRO C 50 3.13 -43.89 -21.99
CA PRO C 50 3.78 -45.14 -22.37
C PRO C 50 2.77 -46.23 -22.67
N GLU C 51 3.20 -47.19 -23.47
CA GLU C 51 2.34 -48.32 -23.77
C GLU C 51 3.01 -49.60 -23.26
N PRO C 52 2.22 -50.56 -22.76
CA PRO C 52 2.81 -51.73 -22.11
C PRO C 52 3.69 -52.50 -23.07
N LYS C 53 4.80 -53.03 -22.55
CA LYS C 53 5.74 -53.75 -23.40
C LYS C 53 5.04 -54.98 -23.97
N ARG C 54 5.04 -55.08 -25.29
CA ARG C 54 4.37 -56.21 -25.91
C ARG C 54 5.23 -57.47 -25.76
N PRO C 55 4.61 -58.64 -25.68
CA PRO C 55 5.38 -59.87 -25.44
C PRO C 55 6.46 -60.09 -26.49
N TRP C 56 7.52 -60.76 -26.07
CA TRP C 56 8.68 -61.05 -26.92
C TRP C 56 8.94 -62.54 -26.94
N SER C 57 9.75 -62.97 -27.92
CA SER C 57 10.08 -64.38 -28.08
C SER C 57 11.55 -64.61 -27.74
N GLY C 58 11.83 -65.82 -27.26
CA GLY C 58 13.17 -66.14 -26.82
C GLY C 58 13.39 -65.76 -25.37
N VAL C 59 14.64 -65.88 -24.94
CA VAL C 59 15.06 -65.47 -23.61
C VAL C 59 15.74 -64.11 -23.70
N LEU C 60 15.16 -63.11 -23.04
CA LEU C 60 15.69 -61.75 -23.10
C LEU C 60 16.91 -61.62 -22.20
N ASP C 61 17.90 -60.87 -22.65
CA ASP C 61 19.13 -60.70 -21.89
C ASP C 61 18.91 -59.65 -20.81
N ALA C 62 18.99 -60.07 -19.55
CA ALA C 62 18.83 -59.20 -18.39
C ALA C 62 20.14 -58.77 -17.77
N THR C 63 21.28 -59.10 -18.37
CA THR C 63 22.56 -59.06 -17.66
C THR C 63 23.24 -57.70 -17.66
N THR C 64 22.68 -56.68 -18.30
CA THR C 64 23.32 -55.36 -18.34
C THR C 64 22.28 -54.26 -18.23
N PHE C 65 22.72 -53.11 -17.74
CA PHE C 65 21.85 -51.93 -17.72
C PHE C 65 21.54 -51.48 -19.13
N GLN C 66 20.33 -50.97 -19.33
CA GLN C 66 19.91 -50.45 -20.62
C GLN C 66 20.26 -48.96 -20.71
N ASN C 67 19.76 -48.30 -21.75
CA ASN C 67 20.09 -46.91 -22.03
C ASN C 67 19.53 -45.98 -20.95
N VAL C 68 20.15 -44.80 -20.84
CA VAL C 68 19.68 -43.72 -19.99
C VAL C 68 18.77 -42.82 -20.84
N CYS C 69 17.69 -42.34 -20.22
CA CYS C 69 16.78 -41.43 -20.91
C CYS C 69 17.52 -40.16 -21.34
N TYR C 70 17.20 -39.68 -22.54
CA TYR C 70 17.95 -38.58 -23.10
C TYR C 70 17.80 -37.34 -22.23
N GLN C 71 18.94 -36.78 -21.81
CA GLN C 71 18.93 -35.78 -20.77
C GLN C 71 20.15 -34.88 -20.90
N TYR C 72 20.08 -33.74 -20.23
CA TYR C 72 21.21 -32.84 -20.12
C TYR C 72 22.35 -33.50 -19.35
N VAL C 73 23.58 -33.18 -19.73
CA VAL C 73 24.79 -33.71 -19.10
C VAL C 73 25.49 -32.57 -18.38
N ASP C 74 25.91 -32.81 -17.14
CA ASP C 74 26.42 -31.72 -16.32
C ASP C 74 27.86 -31.41 -16.74
N THR C 75 28.07 -30.22 -17.28
CA THR C 75 29.37 -29.78 -17.77
C THR C 75 30.11 -28.83 -16.83
N LEU C 76 29.53 -28.45 -15.70
CA LEU C 76 30.06 -27.32 -14.94
C LEU C 76 31.48 -27.58 -14.47
N TYR C 77 31.75 -28.79 -13.98
CA TYR C 77 33.05 -29.15 -13.42
C TYR C 77 33.51 -30.44 -14.08
N PRO C 78 34.09 -30.36 -15.27
CA PRO C 78 34.49 -31.59 -15.97
C PRO C 78 35.58 -32.34 -15.21
N GLY C 79 35.42 -33.66 -15.15
CA GLY C 79 36.33 -34.52 -14.42
C GLY C 79 36.12 -34.57 -12.93
N PHE C 80 35.26 -33.71 -12.39
CA PHE C 80 35.00 -33.67 -10.95
C PHE C 80 34.02 -34.78 -10.58
N GLU C 81 34.37 -35.59 -9.58
CA GLU C 81 33.50 -36.69 -9.20
C GLU C 81 32.16 -36.18 -8.67
N GLY C 82 32.17 -35.07 -7.92
CA GLY C 82 30.94 -34.57 -7.32
C GLY C 82 29.82 -34.39 -8.32
N THR C 83 30.11 -33.76 -9.47
CA THR C 83 29.10 -33.62 -10.51
C THR C 83 28.98 -34.88 -11.36
N GLU C 84 30.11 -35.50 -11.71
CA GLU C 84 30.10 -36.58 -12.69
C GLU C 84 29.49 -37.87 -12.16
N MET C 85 29.44 -38.05 -10.83
CA MET C 85 28.82 -39.25 -10.29
C MET C 85 27.35 -39.32 -10.64
N TRP C 86 26.71 -38.19 -10.92
CA TRP C 86 25.30 -38.16 -11.29
C TRP C 86 25.07 -38.22 -12.80
N ASN C 87 26.13 -38.10 -13.61
CA ASN C 87 25.96 -38.05 -15.06
C ASN C 87 25.65 -39.43 -15.61
N PRO C 88 25.06 -39.50 -16.81
CA PRO C 88 24.70 -40.81 -17.39
C PRO C 88 25.92 -41.69 -17.59
N ASN C 89 25.85 -42.91 -17.07
CA ASN C 89 26.91 -43.90 -17.23
C ASN C 89 26.62 -44.91 -18.35
N ARG C 90 25.51 -44.77 -19.06
CA ARG C 90 25.25 -45.60 -20.22
C ARG C 90 24.89 -44.72 -21.41
N GLU C 91 24.65 -45.35 -22.55
CA GLU C 91 24.30 -44.64 -23.77
C GLU C 91 22.99 -43.88 -23.58
N LEU C 92 22.91 -42.69 -24.16
CA LEU C 92 21.69 -41.89 -24.13
C LEU C 92 20.84 -42.26 -25.33
N SER C 93 19.56 -42.51 -25.10
CA SER C 93 18.62 -42.82 -26.16
C SER C 93 17.22 -42.45 -25.73
N GLU C 94 16.37 -42.18 -26.72
CA GLU C 94 14.95 -42.02 -26.43
C GLU C 94 14.28 -43.35 -26.12
N ASP C 95 14.87 -44.48 -26.52
CA ASP C 95 14.32 -45.76 -26.06
C ASP C 95 15.11 -46.02 -24.80
N CYS C 96 14.56 -45.55 -23.68
CA CYS C 96 15.12 -45.76 -22.35
C CYS C 96 14.30 -46.61 -21.40
N LEU C 97 13.12 -47.09 -21.76
CA LEU C 97 12.18 -47.48 -20.71
C LEU C 97 12.41 -48.94 -20.35
N TYR C 98 13.02 -49.13 -19.19
CA TYR C 98 13.52 -50.40 -18.71
C TYR C 98 13.65 -50.29 -17.21
N LEU C 99 13.66 -51.43 -16.54
CA LEU C 99 13.76 -51.44 -15.10
C LEU C 99 14.72 -52.54 -14.68
N ASN C 100 15.15 -52.50 -13.43
CA ASN C 100 16.13 -53.42 -12.91
C ASN C 100 15.59 -54.07 -11.64
N VAL C 101 15.89 -55.36 -11.45
CA VAL C 101 15.44 -56.11 -10.29
C VAL C 101 16.64 -56.76 -9.62
N TRP C 102 16.74 -56.59 -8.30
CA TRP C 102 17.77 -57.23 -7.49
C TRP C 102 17.10 -58.15 -6.49
N THR C 103 17.55 -59.39 -6.41
CA THR C 103 17.08 -60.34 -5.42
C THR C 103 18.28 -61.07 -4.85
N PRO C 104 18.14 -61.67 -3.67
CA PRO C 104 19.24 -62.46 -3.12
C PRO C 104 19.52 -63.70 -3.95
N TYR C 105 20.70 -64.28 -3.72
CA TYR C 105 21.10 -65.52 -4.37
C TYR C 105 21.26 -66.63 -3.34
N PRO C 106 20.41 -67.67 -3.42
CA PRO C 106 19.40 -67.88 -4.46
C PRO C 106 18.14 -67.04 -4.25
N ARG C 107 17.21 -67.12 -5.19
CA ARG C 107 16.00 -66.31 -5.11
C ARG C 107 15.16 -66.74 -3.90
N PRO C 108 14.48 -65.80 -3.25
CA PRO C 108 13.91 -66.08 -1.92
C PRO C 108 12.80 -67.12 -1.96
N ALA C 109 12.75 -67.96 -0.93
CA ALA C 109 11.81 -69.07 -0.93
C ALA C 109 10.38 -68.60 -0.71
N SER C 110 10.19 -67.62 0.16
CA SER C 110 8.89 -67.05 0.51
C SER C 110 8.83 -65.58 0.10
N PRO C 111 7.64 -65.03 -0.13
CA PRO C 111 7.55 -63.68 -0.70
C PRO C 111 8.16 -62.62 0.20
N THR C 112 9.06 -61.81 -0.39
CA THR C 112 9.91 -60.79 0.21
C THR C 112 9.34 -59.40 -0.06
N PRO C 113 9.24 -58.54 0.96
CA PRO C 113 8.81 -57.15 0.71
C PRO C 113 9.68 -56.45 -0.32
N VAL C 114 9.02 -55.73 -1.22
CA VAL C 114 9.65 -55.10 -2.38
C VAL C 114 9.93 -53.63 -2.08
N LEU C 115 11.10 -53.16 -2.52
CA LEU C 115 11.49 -51.75 -2.46
C LEU C 115 11.67 -51.24 -3.88
N ILE C 116 10.96 -50.16 -4.22
CA ILE C 116 11.05 -49.55 -5.54
C ILE C 116 11.67 -48.17 -5.38
N TRP C 117 12.80 -47.95 -6.07
CA TRP C 117 13.54 -46.69 -6.02
C TRP C 117 13.20 -45.84 -7.23
N ILE C 118 12.89 -44.57 -6.99
CA ILE C 118 12.62 -43.59 -8.05
C ILE C 118 13.70 -42.51 -7.95
N TYR C 119 14.57 -42.44 -8.95
CA TYR C 119 15.74 -41.58 -8.86
C TYR C 119 15.36 -40.11 -9.01
N GLY C 120 16.25 -39.24 -8.52
CA GLY C 120 16.09 -37.81 -8.57
C GLY C 120 16.81 -37.16 -9.74
N GLY C 121 17.26 -35.94 -9.53
CA GLY C 121 17.76 -35.13 -10.62
C GLY C 121 16.86 -34.02 -11.11
N GLY C 122 15.83 -33.63 -10.36
CA GLY C 122 15.07 -32.45 -10.71
C GLY C 122 14.21 -32.58 -11.95
N PHE C 123 13.87 -33.81 -12.31
CA PHE C 123 13.12 -34.22 -13.48
C PHE C 123 13.78 -33.79 -14.79
N TYR C 124 15.04 -33.35 -14.77
CA TYR C 124 15.79 -33.16 -16.01
C TYR C 124 16.86 -34.22 -16.27
N SER C 125 17.08 -35.16 -15.36
CA SER C 125 18.27 -35.99 -15.42
C SER C 125 18.06 -37.26 -14.59
N GLY C 126 19.12 -38.05 -14.48
CA GLY C 126 19.16 -39.23 -13.65
C GLY C 126 18.98 -40.52 -14.44
N ALA C 127 19.12 -41.63 -13.73
CA ALA C 127 18.93 -42.97 -14.27
C ALA C 127 19.13 -43.95 -13.12
N ALA C 128 18.64 -45.18 -13.32
CA ALA C 128 18.76 -46.21 -12.29
C ALA C 128 20.09 -46.94 -12.35
N SER C 129 20.87 -46.75 -13.41
CA SER C 129 22.15 -47.43 -13.57
C SER C 129 23.27 -46.77 -12.79
N LEU C 130 23.02 -45.62 -12.16
CA LEU C 130 24.05 -44.93 -11.40
C LEU C 130 24.57 -45.81 -10.26
N ASP C 131 25.85 -45.63 -9.92
CA ASP C 131 26.48 -46.46 -8.91
C ASP C 131 25.84 -46.29 -7.54
N VAL C 132 25.37 -45.08 -7.21
CA VAL C 132 24.80 -44.86 -5.89
C VAL C 132 23.46 -45.56 -5.73
N TYR C 133 22.82 -45.95 -6.83
CA TYR C 133 21.53 -46.63 -6.78
C TYR C 133 21.67 -48.15 -6.85
N ASP C 134 22.90 -48.67 -6.85
CA ASP C 134 23.13 -50.11 -6.96
C ASP C 134 22.48 -50.85 -5.81
N GLY C 135 21.63 -51.81 -6.14
CA GLY C 135 20.81 -52.47 -5.15
C GLY C 135 21.37 -53.75 -4.60
N ARG C 136 22.61 -54.11 -4.95
CA ARG C 136 23.17 -55.40 -4.54
C ARG C 136 23.35 -55.49 -3.03
N PHE C 137 23.63 -54.37 -2.36
CA PHE C 137 23.91 -54.42 -0.93
C PHE C 137 22.62 -54.63 -0.14
N LEU C 138 21.56 -53.92 -0.51
CA LEU C 138 20.28 -54.14 0.16
C LEU C 138 19.72 -55.53 -0.13
N ALA C 139 20.05 -56.09 -1.28
CA ALA C 139 19.60 -57.44 -1.61
C ALA C 139 20.35 -58.48 -0.81
N GLN C 140 21.67 -58.36 -0.75
CA GLN C 140 22.47 -59.36 -0.04
C GLN C 140 22.27 -59.25 1.47
N VAL C 141 22.48 -58.06 2.03
CA VAL C 141 22.55 -57.91 3.48
C VAL C 141 21.17 -58.04 4.12
N GLU C 142 20.21 -57.27 3.64
CA GLU C 142 18.87 -57.21 4.21
C GLU C 142 17.85 -58.09 3.50
N GLY C 143 18.27 -58.87 2.50
CA GLY C 143 17.39 -59.81 1.83
C GLY C 143 16.28 -59.21 1.01
N ALA C 144 16.32 -57.90 0.74
CA ALA C 144 15.24 -57.21 0.05
C ALA C 144 15.25 -57.51 -1.44
N VAL C 145 14.07 -57.35 -2.06
CA VAL C 145 13.93 -57.35 -3.52
C VAL C 145 13.77 -55.90 -3.94
N LEU C 146 14.79 -55.35 -4.61
CA LEU C 146 14.81 -53.93 -4.93
C LEU C 146 14.63 -53.73 -6.43
N VAL C 147 13.64 -52.91 -6.79
CA VAL C 147 13.36 -52.56 -8.18
C VAL C 147 13.65 -51.09 -8.39
N SER C 148 14.19 -50.74 -9.56
CA SER C 148 14.40 -49.36 -9.96
C SER C 148 14.13 -49.25 -11.45
N MET C 149 13.42 -48.19 -11.84
CA MET C 149 13.01 -48.01 -13.22
C MET C 149 13.51 -46.70 -13.77
N ASN C 150 13.70 -46.68 -15.08
CA ASN C 150 13.96 -45.46 -15.82
C ASN C 150 12.63 -44.84 -16.22
N TYR C 151 12.54 -43.52 -16.08
CA TYR C 151 11.39 -42.77 -16.55
C TYR C 151 11.89 -41.58 -17.34
N ARG C 152 11.08 -41.12 -18.29
CA ARG C 152 11.46 -40.00 -19.13
C ARG C 152 11.61 -38.72 -18.31
N VAL C 153 12.68 -37.98 -18.61
CA VAL C 153 12.98 -36.71 -17.94
C VAL C 153 13.10 -35.62 -18.98
N GLY C 154 13.03 -34.38 -18.51
CA GLY C 154 13.15 -33.23 -19.39
C GLY C 154 11.94 -33.10 -20.29
N THR C 155 12.15 -32.48 -21.45
CA THR C 155 11.08 -32.32 -22.43
C THR C 155 10.41 -33.65 -22.73
N PHE C 156 11.19 -34.72 -22.78
CA PHE C 156 10.68 -35.98 -23.32
C PHE C 156 9.61 -36.59 -22.42
N GLY C 157 9.77 -36.50 -21.10
CA GLY C 157 8.61 -36.83 -20.29
C GLY C 157 7.69 -35.72 -19.83
N PHE C 158 8.21 -34.50 -19.62
CA PHE C 158 7.38 -33.46 -19.02
C PHE C 158 6.90 -32.33 -19.92
N LEU C 159 7.25 -32.30 -21.20
CA LEU C 159 6.73 -31.21 -22.04
C LEU C 159 5.23 -31.39 -22.22
N ALA C 160 4.47 -30.36 -21.89
CA ALA C 160 3.03 -30.46 -21.82
C ALA C 160 2.36 -29.31 -22.55
N LEU C 161 1.33 -29.64 -23.32
CA LEU C 161 0.35 -28.68 -23.83
C LEU C 161 -0.97 -29.12 -23.22
N PRO C 162 -1.23 -28.74 -21.97
CA PRO C 162 -2.32 -29.36 -21.19
C PRO C 162 -3.64 -29.39 -21.94
N GLY C 163 -4.35 -30.51 -21.79
CA GLY C 163 -5.61 -30.72 -22.48
C GLY C 163 -5.51 -31.33 -23.85
N SER C 164 -4.32 -31.35 -24.44
CA SER C 164 -4.11 -31.96 -25.76
C SER C 164 -4.00 -33.48 -25.64
N ARG C 165 -4.31 -34.14 -26.76
CA ARG C 165 -4.11 -35.58 -26.84
C ARG C 165 -2.65 -35.94 -27.08
N GLU C 166 -1.96 -35.17 -27.93
CA GLU C 166 -0.65 -35.58 -28.41
CA GLU C 166 -0.64 -35.56 -28.42
C GLU C 166 0.46 -35.35 -27.38
N ALA C 167 0.30 -34.40 -26.46
CA ALA C 167 1.26 -34.18 -25.39
C ALA C 167 0.55 -33.76 -24.10
N PRO C 168 -0.11 -34.71 -23.42
CA PRO C 168 -0.91 -34.34 -22.24
C PRO C 168 -0.09 -33.89 -21.04
N GLY C 169 1.19 -34.19 -20.99
CA GLY C 169 2.01 -33.88 -19.84
C GLY C 169 2.06 -35.03 -18.85
N ASN C 170 3.05 -34.95 -17.96
CA ASN C 170 3.27 -35.93 -16.89
C ASN C 170 3.53 -37.33 -17.42
N VAL C 171 4.00 -37.50 -18.66
CA VAL C 171 4.14 -38.86 -19.14
C VAL C 171 5.32 -39.57 -18.48
N GLY C 172 6.25 -38.82 -17.88
CA GLY C 172 7.29 -39.47 -17.08
C GLY C 172 6.73 -40.11 -15.83
N LEU C 173 5.77 -39.45 -15.19
CA LEU C 173 5.08 -40.07 -14.06
C LEU C 173 4.30 -41.30 -14.50
N LEU C 174 3.68 -41.26 -15.68
CA LEU C 174 3.00 -42.44 -16.19
C LEU C 174 3.98 -43.56 -16.49
N ASP C 175 5.20 -43.22 -16.92
CA ASP C 175 6.27 -44.22 -17.00
C ASP C 175 6.48 -44.88 -15.64
N GLN C 176 6.63 -44.06 -14.59
CA GLN C 176 6.81 -44.63 -13.27
C GLN C 176 5.65 -45.53 -12.88
N ARG C 177 4.42 -45.07 -13.10
CA ARG C 177 3.25 -45.87 -12.76
C ARG C 177 3.23 -47.19 -13.52
N LEU C 178 3.55 -47.15 -14.80
CA LEU C 178 3.58 -48.38 -15.59
C LEU C 178 4.60 -49.36 -15.03
N ALA C 179 5.76 -48.84 -14.61
CA ALA C 179 6.70 -49.72 -13.92
C ALA C 179 6.08 -50.31 -12.65
N LEU C 180 5.28 -49.52 -11.95
CA LEU C 180 4.67 -50.01 -10.71
C LEU C 180 3.64 -51.10 -11.00
N GLN C 181 2.90 -50.96 -12.09
CA GLN C 181 1.94 -51.98 -12.49
C GLN C 181 2.65 -53.26 -12.92
N TRP C 182 3.71 -53.11 -13.70
CA TRP C 182 4.56 -54.26 -14.04
C TRP C 182 5.02 -54.98 -12.78
N VAL C 183 5.51 -54.22 -11.79
CA VAL C 183 5.93 -54.84 -10.53
C VAL C 183 4.76 -55.58 -9.90
N GLN C 184 3.55 -55.01 -9.95
CA GLN C 184 2.40 -55.66 -9.33
C GLN C 184 2.13 -57.01 -9.96
N GLU C 185 2.16 -57.11 -11.29
CA GLU C 185 1.89 -58.40 -11.91
C GLU C 185 3.06 -59.37 -11.79
N ASN C 186 4.27 -58.91 -12.12
CA ASN C 186 5.41 -59.78 -12.37
C ASN C 186 6.39 -59.93 -11.21
N ILE C 187 6.20 -59.23 -10.09
CA ILE C 187 7.27 -59.30 -9.09
C ILE C 187 7.23 -60.58 -8.28
N ALA C 188 6.09 -61.28 -8.25
CA ALA C 188 6.04 -62.56 -7.55
C ALA C 188 6.95 -63.60 -8.21
N ALA C 189 7.21 -63.46 -9.51
CA ALA C 189 8.10 -64.39 -10.19
C ALA C 189 9.53 -64.28 -9.66
N PHE C 190 9.92 -63.12 -9.16
CA PHE C 190 11.27 -62.91 -8.62
C PHE C 190 11.36 -63.17 -7.12
N GLY C 191 10.26 -63.55 -6.49
CA GLY C 191 10.25 -63.73 -5.06
C GLY C 191 9.77 -62.53 -4.28
N GLY C 192 9.37 -61.46 -4.96
CA GLY C 192 8.85 -60.30 -4.27
C GLY C 192 7.41 -60.48 -3.84
N ASP C 193 7.02 -59.68 -2.85
CA ASP C 193 5.66 -59.71 -2.33
C ASP C 193 4.89 -58.52 -2.88
N PRO C 194 3.94 -58.71 -3.80
CA PRO C 194 3.21 -57.56 -4.37
C PRO C 194 2.35 -56.82 -3.35
N MET C 195 2.04 -57.45 -2.21
CA MET C 195 1.24 -56.80 -1.17
C MET C 195 2.07 -56.08 -0.13
N SER C 196 3.41 -56.10 -0.24
CA SER C 196 4.26 -55.18 0.50
C SER C 196 5.14 -54.49 -0.53
N VAL C 197 4.88 -53.21 -0.78
CA VAL C 197 5.63 -52.45 -1.77
C VAL C 197 5.86 -51.06 -1.18
N THR C 198 7.12 -50.67 -1.10
CA THR C 198 7.51 -49.39 -0.53
C THR C 198 8.20 -48.57 -1.61
N LEU C 199 7.62 -47.42 -1.94
CA LEU C 199 8.29 -46.46 -2.80
C LEU C 199 9.26 -45.63 -1.98
N PHE C 200 10.47 -45.45 -2.49
CA PHE C 200 11.39 -44.49 -1.90
C PHE C 200 12.20 -43.82 -3.00
N GLY C 201 12.39 -42.51 -2.86
CA GLY C 201 13.11 -41.73 -3.85
C GLY C 201 13.69 -40.48 -3.21
N GLU C 202 14.51 -39.79 -3.99
CA GLU C 202 15.22 -38.61 -3.52
C GLU C 202 15.09 -37.50 -4.57
N SER C 203 15.11 -36.25 -4.10
CA SER C 203 14.93 -35.06 -4.94
C SER C 203 13.65 -35.27 -5.76
N ALA C 204 13.69 -35.12 -7.08
CA ALA C 204 12.49 -35.24 -7.89
C ALA C 204 11.82 -36.59 -7.68
N GLY C 205 12.63 -37.66 -7.60
CA GLY C 205 12.07 -38.97 -7.28
C GLY C 205 11.18 -38.95 -6.05
N ALA C 206 11.68 -38.34 -4.97
CA ALA C 206 10.85 -38.12 -3.77
C ALA C 206 9.54 -37.43 -4.13
N ALA C 207 9.63 -36.30 -4.84
CA ALA C 207 8.43 -35.62 -5.31
C ALA C 207 7.51 -36.59 -6.04
N SER C 208 8.09 -37.37 -6.95
CA SER C 208 7.32 -38.36 -7.69
C SER C 208 6.58 -39.29 -6.74
N VAL C 209 7.29 -39.82 -5.74
CA VAL C 209 6.65 -40.66 -4.74
C VAL C 209 5.44 -39.95 -4.17
N GLY C 210 5.63 -38.70 -3.71
CA GLY C 210 4.53 -37.95 -3.14
C GLY C 210 3.36 -37.84 -4.10
N MET C 211 3.63 -37.66 -5.39
CA MET C 211 2.53 -37.52 -6.33
C MET C 211 1.81 -38.83 -6.54
N HIS C 212 2.53 -39.95 -6.49
CA HIS C 212 1.84 -41.24 -6.50
C HIS C 212 0.95 -41.38 -5.28
N ILE C 213 1.28 -40.70 -4.18
CA ILE C 213 0.38 -40.69 -3.03
C ILE C 213 -0.87 -39.88 -3.34
N LEU C 214 -0.71 -38.76 -4.05
CA LEU C 214 -1.82 -37.85 -4.31
C LEU C 214 -2.61 -38.19 -5.56
N SER C 215 -2.11 -39.10 -6.39
CA SER C 215 -2.79 -39.54 -7.60
C SER C 215 -3.51 -40.84 -7.29
N LEU C 216 -4.84 -40.85 -7.45
CA LEU C 216 -5.61 -41.99 -6.99
C LEU C 216 -5.32 -43.29 -7.75
N PRO C 217 -5.14 -43.29 -9.07
CA PRO C 217 -4.80 -44.57 -9.74
C PRO C 217 -3.52 -45.21 -9.23
N SER C 218 -2.53 -44.41 -8.80
CA SER C 218 -1.29 -44.99 -8.32
C SER C 218 -1.42 -45.59 -6.93
N ARG C 219 -2.54 -45.37 -6.24
CA ARG C 219 -2.64 -45.71 -4.83
C ARG C 219 -2.76 -47.21 -4.58
N SER C 220 -3.18 -47.98 -5.57
CA SER C 220 -3.31 -49.43 -5.42
C SER C 220 -2.02 -50.18 -5.76
N LEU C 221 -0.97 -49.48 -6.18
CA LEU C 221 0.29 -50.08 -6.56
C LEU C 221 1.35 -50.06 -5.46
N PHE C 222 1.06 -49.46 -4.30
CA PHE C 222 2.04 -49.40 -3.23
C PHE C 222 1.33 -49.21 -1.90
N HIS C 223 2.10 -49.41 -0.83
CA HIS C 223 1.63 -49.43 0.56
C HIS C 223 2.30 -48.35 1.39
N ARG C 224 3.62 -48.37 1.49
CA ARG C 224 4.38 -47.39 2.26
C ARG C 224 5.19 -46.51 1.31
N ALA C 225 5.53 -45.31 1.78
CA ALA C 225 6.29 -44.35 0.99
C ALA C 225 7.41 -43.72 1.82
N VAL C 226 8.50 -43.38 1.14
CA VAL C 226 9.64 -42.67 1.74
C VAL C 226 9.98 -41.50 0.84
N LEU C 227 10.00 -40.29 1.41
CA LEU C 227 10.35 -39.08 0.66
C LEU C 227 11.64 -38.51 1.22
N GLN C 228 12.71 -38.57 0.45
CA GLN C 228 14.03 -38.10 0.86
C GLN C 228 14.33 -36.80 0.11
N SER C 229 14.39 -35.68 0.85
CA SER C 229 14.78 -34.39 0.31
C SER C 229 13.98 -34.03 -0.94
N GLY C 230 12.66 -34.19 -0.84
CA GLY C 230 11.78 -33.75 -1.91
C GLY C 230 10.34 -33.92 -1.50
N THR C 231 9.48 -33.15 -2.16
CA THR C 231 8.06 -33.11 -1.85
C THR C 231 7.24 -32.86 -3.10
N PRO C 232 5.99 -33.33 -3.15
CA PRO C 232 5.09 -32.92 -4.25
C PRO C 232 4.69 -31.46 -4.17
N ASN C 233 4.47 -30.94 -2.97
CA ASN C 233 4.25 -29.53 -2.71
C ASN C 233 5.56 -28.74 -2.82
N GLY C 234 5.42 -27.42 -2.95
CA GLY C 234 6.55 -26.53 -2.95
C GLY C 234 6.85 -25.90 -4.29
N PRO C 235 7.89 -25.06 -4.32
CA PRO C 235 8.10 -24.18 -5.49
C PRO C 235 8.49 -24.89 -6.79
N TRP C 236 9.40 -25.87 -6.75
CA TRP C 236 9.99 -26.37 -7.98
C TRP C 236 9.34 -27.60 -8.59
N ALA C 237 8.45 -28.30 -7.87
CA ALA C 237 8.08 -29.64 -8.31
C ALA C 237 6.87 -29.67 -9.23
N THR C 238 6.16 -28.56 -9.40
CA THR C 238 5.00 -28.51 -10.26
C THR C 238 4.98 -27.17 -10.98
N VAL C 239 4.25 -27.14 -12.09
CA VAL C 239 3.93 -25.89 -12.77
C VAL C 239 2.45 -25.95 -13.13
N SER C 240 1.83 -24.78 -13.18
CA SER C 240 0.44 -24.67 -13.57
C SER C 240 0.27 -25.05 -15.04
N ALA C 241 -0.96 -25.39 -15.41
CA ALA C 241 -1.24 -25.72 -16.81
C ALA C 241 -0.80 -24.60 -17.74
N GLY C 242 -1.15 -23.35 -17.39
CA GLY C 242 -0.79 -22.22 -18.23
C GLY C 242 0.71 -21.97 -18.32
N GLU C 243 1.43 -22.23 -17.24
CA GLU C 243 2.89 -22.08 -17.27
C GLU C 243 3.53 -23.17 -18.11
N ALA C 244 3.05 -24.41 -17.98
CA ALA C 244 3.58 -25.49 -18.81
C ALA C 244 3.32 -25.22 -20.29
N ARG C 245 2.13 -24.69 -20.61
CA ARG C 245 1.84 -24.34 -21.99
C ARG C 245 2.74 -23.21 -22.47
N ARG C 246 2.98 -22.21 -21.61
CA ARG C 246 3.88 -21.11 -21.98
C ARG C 246 5.29 -21.63 -22.29
N ARG C 247 5.83 -22.47 -21.40
CA ARG C 247 7.18 -22.99 -21.61
C ARG C 247 7.24 -23.87 -22.85
N ALA C 248 6.24 -24.72 -23.05
CA ALA C 248 6.25 -25.61 -24.21
C ALA C 248 6.17 -24.83 -25.51
N THR C 249 5.32 -23.80 -25.56
CA THR C 249 5.21 -23.01 -26.78
C THR C 249 6.48 -22.21 -27.04
N LEU C 250 7.06 -21.64 -25.97
CA LEU C 250 8.31 -20.90 -26.15
C LEU C 250 9.41 -21.80 -26.66
N LEU C 251 9.56 -22.99 -26.08
CA LEU C 251 10.58 -23.92 -26.57
C LEU C 251 10.33 -24.29 -28.02
N ALA C 252 9.08 -24.62 -28.35
CA ALA C 252 8.74 -24.93 -29.74
C ALA C 252 9.18 -23.80 -30.67
N ARG C 253 8.95 -22.56 -30.26
CA ARG C 253 9.33 -21.46 -31.14
C ARG C 253 10.85 -21.30 -31.18
N LEU C 254 11.55 -21.61 -30.08
CA LEU C 254 12.99 -21.44 -30.05
C LEU C 254 13.71 -22.48 -30.89
N VAL C 255 13.11 -23.65 -31.07
CA VAL C 255 13.71 -24.71 -31.86
C VAL C 255 13.28 -24.52 -33.31
N GLY C 256 12.63 -23.39 -33.58
CA GLY C 256 12.33 -23.03 -34.96
C GLY C 256 11.10 -23.75 -35.45
N CYS C 257 10.12 -23.91 -34.58
CA CYS C 257 9.03 -24.87 -34.77
C CYS C 257 7.70 -24.21 -34.41
N PRO C 258 7.35 -23.06 -35.04
CA PRO C 258 5.96 -22.67 -34.85
C PRO C 258 4.94 -23.59 -35.58
N PRO C 259 5.18 -24.02 -36.85
CA PRO C 259 6.19 -23.76 -37.90
C PRO C 259 5.95 -22.52 -38.80
N GLY C 260 6.36 -21.38 -38.26
CA GLY C 260 6.67 -20.16 -38.97
C GLY C 260 5.65 -19.04 -38.87
N GLY C 261 4.36 -19.34 -38.66
CA GLY C 261 3.58 -18.25 -38.09
C GLY C 261 3.65 -18.00 -36.60
N ALA C 262 3.06 -18.91 -35.82
CA ALA C 262 3.05 -18.85 -34.36
C ALA C 262 3.14 -20.21 -33.61
N GLY C 263 2.07 -20.97 -33.81
CA GLY C 263 1.23 -21.51 -32.74
C GLY C 263 -0.08 -21.97 -33.36
N GLY C 264 -1.17 -21.85 -32.59
CA GLY C 264 -2.45 -22.43 -32.96
C GLY C 264 -2.51 -23.93 -32.76
N ASN C 265 -2.81 -24.68 -33.83
CA ASN C 265 -3.13 -26.10 -33.72
C ASN C 265 -2.09 -26.80 -32.85
N ASP C 266 -2.55 -27.50 -31.82
CA ASP C 266 -1.63 -28.20 -30.94
C ASP C 266 -1.12 -29.47 -31.61
N THR C 267 -1.94 -30.05 -32.47
CA THR C 267 -1.47 -31.19 -33.27
C THR C 267 -0.29 -30.79 -34.13
N GLU C 268 -0.30 -29.56 -34.67
CA GLU C 268 0.79 -29.11 -35.53
C GLU C 268 2.02 -28.71 -34.73
N LEU C 269 1.82 -28.08 -33.57
CA LEU C 269 2.96 -27.71 -32.73
C LEU C 269 3.67 -28.97 -32.22
N ILE C 270 2.91 -29.95 -31.73
CA ILE C 270 3.52 -31.18 -31.25
C ILE C 270 4.08 -32.00 -32.40
N ALA C 271 3.38 -32.01 -33.53
CA ALA C 271 3.87 -32.74 -34.70
C ALA C 271 5.22 -32.21 -35.15
N CYS C 272 5.36 -30.88 -35.22
CA CYS C 272 6.65 -30.28 -35.52
C CYS C 272 7.67 -30.58 -34.43
N LEU C 273 7.26 -30.52 -33.16
CA LEU C 273 8.22 -30.77 -32.07
C LEU C 273 8.76 -32.18 -32.11
N ARG C 274 7.99 -33.12 -32.66
CA ARG C 274 8.45 -34.51 -32.72
C ARG C 274 9.51 -34.74 -33.78
N THR C 275 9.73 -33.78 -34.67
CA THR C 275 10.74 -33.91 -35.72
C THR C 275 12.10 -33.37 -35.29
N ARG C 276 12.24 -32.92 -34.08
CA ARG C 276 13.43 -32.28 -33.57
C ARG C 276 14.40 -33.31 -33.01
N PRO C 277 15.69 -33.16 -33.32
CA PRO C 277 16.68 -34.05 -32.69
C PRO C 277 16.62 -33.92 -31.18
N ALA C 278 16.86 -35.04 -30.50
CA ALA C 278 16.79 -35.05 -29.04
C ALA C 278 17.74 -34.02 -28.44
N GLN C 279 18.95 -33.94 -28.97
CA GLN C 279 19.91 -32.97 -28.46
C GLN C 279 19.49 -31.54 -28.76
N ASP C 280 18.64 -31.32 -29.77
CA ASP C 280 18.12 -29.98 -30.02
C ASP C 280 17.24 -29.54 -28.85
N LEU C 281 16.29 -30.38 -28.47
CA LEU C 281 15.47 -30.13 -27.29
C LEU C 281 16.32 -29.92 -26.05
N VAL C 282 17.29 -30.81 -25.81
CA VAL C 282 18.12 -30.66 -24.62
C VAL C 282 18.89 -29.34 -24.66
N ASP C 283 19.37 -28.96 -25.85
CA ASP C 283 20.11 -27.71 -25.98
C ASP C 283 19.25 -26.51 -25.62
N HIS C 284 17.99 -26.52 -26.02
CA HIS C 284 17.10 -25.38 -25.79
C HIS C 284 16.22 -25.48 -24.56
N GLU C 285 16.36 -26.50 -23.72
CA GLU C 285 15.36 -26.71 -22.67
C GLU C 285 15.48 -25.70 -21.53
N TRP C 286 16.68 -25.21 -21.23
CA TRP C 286 16.83 -24.25 -20.13
C TRP C 286 16.46 -22.83 -20.52
N HIS C 287 16.22 -22.57 -21.81
CA HIS C 287 15.93 -21.21 -22.27
C HIS C 287 14.59 -20.69 -21.76
N VAL C 288 13.68 -21.58 -21.36
CA VAL C 288 12.30 -21.18 -21.11
C VAL C 288 12.01 -20.84 -19.66
N LEU C 289 13.00 -20.94 -18.77
CA LEU C 289 12.79 -20.57 -17.37
C LEU C 289 12.45 -19.07 -17.28
N PRO C 290 11.39 -18.69 -16.56
CA PRO C 290 10.90 -17.30 -16.65
C PRO C 290 11.79 -16.25 -15.99
N GLN C 291 12.54 -16.61 -14.94
CA GLN C 291 13.38 -15.66 -14.23
C GLN C 291 14.76 -16.28 -13.99
N GLU C 292 15.74 -15.41 -13.67
CA GLU C 292 17.07 -15.90 -13.33
C GLU C 292 17.02 -16.59 -11.98
N SER C 293 17.40 -17.87 -11.95
CA SER C 293 17.07 -18.68 -10.79
C SER C 293 18.02 -19.85 -10.68
N ILE C 294 18.07 -20.41 -9.47
CA ILE C 294 18.63 -21.73 -9.19
C ILE C 294 17.56 -22.54 -8.49
N PHE C 295 17.72 -23.86 -8.52
CA PHE C 295 16.72 -24.79 -8.02
C PHE C 295 15.37 -24.57 -8.72
N ARG C 296 15.43 -24.35 -10.04
CA ARG C 296 14.24 -24.31 -10.90
C ARG C 296 14.54 -25.09 -12.16
N PHE C 297 13.59 -25.93 -12.58
CA PHE C 297 13.77 -26.79 -13.72
C PHE C 297 12.63 -26.58 -14.70
N SER C 298 12.94 -26.55 -16.00
CA SER C 298 11.99 -26.06 -17.00
C SER C 298 10.76 -26.95 -17.08
N PHE C 299 10.94 -28.25 -17.28
CA PHE C 299 9.84 -29.17 -17.54
C PHE C 299 9.72 -30.15 -16.38
N VAL C 300 8.65 -30.00 -15.61
CA VAL C 300 8.39 -30.80 -14.41
C VAL C 300 6.94 -31.26 -14.51
N PRO C 301 6.41 -32.05 -13.57
CA PRO C 301 4.98 -32.37 -13.63
C PRO C 301 4.11 -31.13 -13.58
N VAL C 302 2.98 -31.20 -14.29
CA VAL C 302 2.05 -30.10 -14.44
C VAL C 302 0.78 -30.46 -13.69
N VAL C 303 0.05 -29.45 -13.22
CA VAL C 303 -1.24 -29.73 -12.61
C VAL C 303 -2.24 -29.67 -13.76
N ASP C 304 -2.66 -30.85 -14.20
CA ASP C 304 -3.48 -31.03 -15.38
C ASP C 304 -4.95 -31.26 -15.05
N GLY C 305 -5.30 -31.33 -13.77
CA GLY C 305 -6.62 -31.83 -13.42
C GLY C 305 -6.85 -33.28 -13.77
N ASP C 306 -5.79 -34.03 -14.05
CA ASP C 306 -5.91 -35.43 -14.42
C ASP C 306 -5.04 -36.30 -13.53
N PHE C 307 -3.72 -36.25 -13.71
CA PHE C 307 -2.84 -37.00 -12.81
C PHE C 307 -2.86 -36.39 -11.42
N LEU C 308 -2.83 -35.06 -11.35
CA LEU C 308 -3.09 -34.31 -10.13
C LEU C 308 -4.45 -33.66 -10.30
N SER C 309 -5.44 -34.15 -9.55
CA SER C 309 -6.78 -33.58 -9.64
C SER C 309 -6.80 -32.12 -9.23
N ASP C 310 -5.84 -31.71 -8.40
CA ASP C 310 -5.75 -30.34 -7.91
C ASP C 310 -4.27 -30.06 -7.68
N THR C 311 -3.96 -28.86 -7.19
CA THR C 311 -2.60 -28.56 -6.82
C THR C 311 -2.16 -29.45 -5.66
N PRO C 312 -0.88 -29.81 -5.59
CA PRO C 312 -0.43 -30.66 -4.48
C PRO C 312 -0.71 -30.08 -3.11
N GLU C 313 -0.56 -28.77 -2.93
CA GLU C 313 -0.88 -28.17 -1.64
C GLU C 313 -2.36 -28.37 -1.30
N ALA C 314 -3.24 -28.19 -2.29
CA ALA C 314 -4.66 -28.43 -2.08
C ALA C 314 -4.92 -29.88 -1.68
N LEU C 315 -4.26 -30.83 -2.35
CA LEU C 315 -4.55 -32.23 -2.12
C LEU C 315 -4.01 -32.70 -0.78
N ILE C 316 -2.87 -32.17 -0.34
CA ILE C 316 -2.34 -32.55 0.96
C ILE C 316 -3.07 -31.84 2.09
N ASN C 317 -3.73 -30.72 1.81
CA ASN C 317 -4.51 -30.06 2.85
C ASN C 317 -5.86 -30.74 3.07
N THR C 318 -6.50 -31.22 2.02
CA THR C 318 -7.84 -31.83 2.11
C THR C 318 -7.85 -33.36 2.14
N GLY C 319 -6.71 -34.02 2.01
CA GLY C 319 -6.72 -35.46 1.82
C GLY C 319 -7.05 -36.22 3.09
N ASP C 320 -7.33 -37.52 2.92
CA ASP C 320 -7.45 -38.45 4.05
C ASP C 320 -6.38 -39.53 3.89
N PHE C 321 -5.38 -39.47 4.75
CA PHE C 321 -4.20 -40.32 4.74
C PHE C 321 -4.26 -41.48 5.75
N GLN C 322 -5.41 -41.71 6.38
CA GLN C 322 -5.51 -42.55 7.59
C GLN C 322 -4.71 -43.85 7.50
N ASP C 323 -4.84 -44.61 6.42
CA ASP C 323 -3.91 -45.71 6.25
C ASP C 323 -2.90 -45.20 5.24
N LEU C 324 -1.76 -44.75 5.77
CA LEU C 324 -0.55 -44.44 5.03
C LEU C 324 0.59 -44.50 6.03
N GLN C 325 1.76 -44.90 5.56
CA GLN C 325 2.95 -44.90 6.41
C GLN C 325 4.09 -44.27 5.63
N VAL C 326 4.58 -43.13 6.12
CA VAL C 326 5.51 -42.30 5.38
C VAL C 326 6.77 -42.09 6.20
N LEU C 327 7.91 -42.12 5.52
CA LEU C 327 9.20 -41.74 6.10
C LEU C 327 9.72 -40.55 5.32
N VAL C 328 10.03 -39.44 6.01
CA VAL C 328 10.47 -38.21 5.37
C VAL C 328 11.72 -37.69 6.07
N GLY C 329 12.55 -36.96 5.33
CA GLY C 329 13.71 -36.35 5.95
C GLY C 329 14.47 -35.48 4.97
N VAL C 330 15.46 -34.77 5.51
CA VAL C 330 16.32 -33.85 4.78
C VAL C 330 17.76 -34.12 5.17
N VAL C 331 18.70 -33.39 4.55
CA VAL C 331 20.10 -33.46 4.97
C VAL C 331 20.47 -32.12 5.59
N LYS C 332 21.71 -32.01 6.10
CA LYS C 332 22.06 -30.84 6.89
C LYS C 332 22.05 -29.58 6.04
N ASP C 333 22.80 -29.55 4.94
CA ASP C 333 22.80 -28.41 4.03
C ASP C 333 22.19 -28.84 2.71
N GLU C 334 20.94 -28.44 2.46
CA GLU C 334 20.27 -28.86 1.24
C GLU C 334 20.66 -27.99 0.06
N GLY C 335 20.75 -26.68 0.26
CA GLY C 335 20.97 -25.77 -0.84
C GLY C 335 22.42 -25.45 -1.13
N SER C 336 23.35 -26.11 -0.45
CA SER C 336 24.78 -25.84 -0.55
C SER C 336 25.28 -25.70 -1.97
N TYR C 337 25.22 -26.77 -2.78
CA TYR C 337 25.88 -26.68 -4.08
C TYR C 337 25.02 -26.04 -5.15
N PHE C 338 23.74 -25.72 -4.87
CA PHE C 338 22.97 -24.97 -5.85
C PHE C 338 23.57 -23.59 -6.07
N LEU C 339 24.23 -23.05 -5.04
CA LEU C 339 24.73 -21.69 -5.10
C LEU C 339 25.81 -21.52 -6.16
N VAL C 340 26.58 -22.57 -6.45
CA VAL C 340 27.64 -22.47 -7.45
C VAL C 340 27.12 -22.57 -8.86
N TYR C 341 25.80 -22.71 -9.02
CA TYR C 341 25.11 -22.84 -10.29
C TYR C 341 24.71 -21.47 -10.87
N GLY C 342 25.30 -20.38 -10.38
CA GLY C 342 24.96 -19.03 -10.81
C GLY C 342 24.39 -18.01 -9.85
N VAL C 343 24.46 -18.27 -8.55
CA VAL C 343 24.52 -17.18 -7.57
C VAL C 343 25.95 -16.63 -7.56
N PRO C 344 26.18 -15.37 -7.92
CA PRO C 344 27.56 -14.89 -8.05
C PRO C 344 28.27 -14.82 -6.71
N GLY C 345 29.54 -15.20 -6.71
CA GLY C 345 30.35 -15.24 -5.51
C GLY C 345 30.53 -16.62 -4.93
N PHE C 346 29.87 -17.64 -5.50
CA PHE C 346 29.87 -18.98 -4.94
C PHE C 346 30.53 -19.95 -5.91
N SER C 347 31.61 -20.58 -5.45
CA SER C 347 32.33 -21.60 -6.22
C SER C 347 32.83 -22.67 -5.25
N LYS C 348 33.05 -23.87 -5.80
CA LYS C 348 33.47 -24.99 -4.97
C LYS C 348 34.96 -25.00 -4.69
N ASP C 349 35.73 -24.12 -5.34
CA ASP C 349 37.17 -24.14 -5.23
C ASP C 349 37.73 -23.15 -4.21
N ASN C 350 36.89 -22.37 -3.54
CA ASN C 350 37.35 -21.46 -2.49
C ASN C 350 36.37 -21.47 -1.34
N GLU C 351 36.70 -20.70 -0.29
CA GLU C 351 35.85 -20.63 0.89
C GLU C 351 34.54 -19.93 0.62
N SER C 352 34.42 -19.22 -0.51
CA SER C 352 33.15 -18.71 -1.01
C SER C 352 32.56 -17.67 -0.05
N LEU C 353 33.41 -16.84 0.54
CA LEU C 353 32.96 -15.78 1.43
C LEU C 353 32.42 -14.61 0.60
N ILE C 354 31.20 -14.19 0.90
CA ILE C 354 30.49 -13.25 0.05
C ILE C 354 30.22 -11.96 0.82
N SER C 355 30.02 -10.89 0.06
CA SER C 355 29.65 -9.60 0.62
C SER C 355 28.16 -9.56 0.93
N ARG C 356 27.70 -8.45 1.49
CA ARG C 356 26.28 -8.33 1.79
C ARG C 356 25.48 -8.11 0.51
N ALA C 357 26.00 -7.28 -0.40
CA ALA C 357 25.32 -7.07 -1.68
C ALA C 357 25.16 -8.38 -2.43
N GLN C 358 26.22 -9.20 -2.45
CA GLN C 358 26.12 -10.52 -3.05
C GLN C 358 25.09 -11.39 -2.35
N PHE C 359 24.88 -11.18 -1.04
CA PHE C 359 23.85 -11.94 -0.34
C PHE C 359 22.46 -11.49 -0.77
N LEU C 360 22.26 -10.20 -0.95
CA LEU C 360 20.95 -9.69 -1.39
C LEU C 360 20.62 -10.18 -2.80
N ALA C 361 21.55 -10.01 -3.75
CA ALA C 361 21.33 -10.55 -5.09
C ALA C 361 21.13 -12.06 -5.05
N GLY C 362 21.88 -12.74 -4.18
CA GLY C 362 21.71 -14.17 -4.03
C GLY C 362 20.33 -14.57 -3.55
N VAL C 363 19.73 -13.75 -2.68
CA VAL C 363 18.35 -14.02 -2.28
C VAL C 363 17.40 -13.79 -3.44
N ARG C 364 17.69 -12.78 -4.28
CA ARG C 364 16.84 -12.58 -5.45
C ARG C 364 16.91 -13.75 -6.43
N ILE C 365 18.07 -14.41 -6.51
CA ILE C 365 18.22 -15.55 -7.42
C ILE C 365 17.64 -16.82 -6.81
N GLY C 366 17.88 -17.04 -5.51
CA GLY C 366 17.46 -18.28 -4.88
C GLY C 366 15.97 -18.34 -4.60
N VAL C 367 15.32 -17.18 -4.44
CA VAL C 367 13.88 -17.14 -4.27
C VAL C 367 13.34 -16.33 -5.44
N PRO C 368 13.35 -16.90 -6.66
CA PRO C 368 13.14 -16.07 -7.86
C PRO C 368 11.73 -15.55 -8.02
N GLN C 369 10.71 -16.23 -7.50
CA GLN C 369 9.35 -15.73 -7.63
C GLN C 369 8.96 -14.79 -6.50
N ALA C 370 9.87 -14.51 -5.56
CA ALA C 370 9.56 -13.60 -4.47
C ALA C 370 9.40 -12.18 -4.97
N SER C 371 8.49 -11.44 -4.35
CA SER C 371 8.35 -10.02 -4.60
C SER C 371 9.50 -9.27 -3.92
N ASP C 372 9.52 -7.96 -4.10
CA ASP C 372 10.55 -7.14 -3.44
C ASP C 372 10.39 -7.19 -1.93
N LEU C 373 9.16 -7.02 -1.44
CA LEU C 373 8.92 -7.07 0.00
C LEU C 373 9.23 -8.44 0.56
N ALA C 374 8.86 -9.50 -0.17
CA ALA C 374 9.14 -10.85 0.31
C ALA C 374 10.64 -11.10 0.41
N ALA C 375 11.41 -10.60 -0.56
CA ALA C 375 12.85 -10.72 -0.48
C ALA C 375 13.40 -9.93 0.71
N GLU C 376 12.90 -8.72 0.93
CA GLU C 376 13.31 -7.97 2.11
C GLU C 376 13.05 -8.77 3.38
N ALA C 377 11.91 -9.46 3.44
CA ALA C 377 11.60 -10.25 4.62
C ALA C 377 12.56 -11.42 4.78
N VAL C 378 12.91 -12.08 3.67
CA VAL C 378 13.86 -13.18 3.74
C VAL C 378 15.20 -12.67 4.26
N VAL C 379 15.69 -11.56 3.69
CA VAL C 379 16.99 -11.02 4.11
C VAL C 379 16.96 -10.67 5.59
N LEU C 380 15.86 -10.06 6.04
CA LEU C 380 15.70 -9.77 7.46
C LEU C 380 15.85 -11.05 8.29
N HIS C 381 15.09 -12.09 7.92
CA HIS C 381 15.00 -13.27 8.76
C HIS C 381 16.33 -14.00 8.84
N TYR C 382 17.06 -14.07 7.72
CA TYR C 382 18.29 -14.84 7.65
C TYR C 382 19.53 -14.04 8.00
N THR C 383 19.41 -12.73 8.22
CA THR C 383 20.56 -11.93 8.64
C THR C 383 20.77 -12.06 10.13
N ASP C 384 22.04 -12.14 10.54
CA ASP C 384 22.42 -11.93 11.94
C ASP C 384 22.72 -10.45 12.10
N TRP C 385 21.97 -9.78 12.95
CA TRP C 385 22.11 -8.34 13.09
C TRP C 385 23.13 -7.93 14.13
N LEU C 386 23.78 -8.90 14.78
CA LEU C 386 25.04 -8.62 15.47
C LEU C 386 26.24 -8.63 14.52
N HIS C 387 26.21 -9.45 13.48
CA HIS C 387 27.27 -9.49 12.47
C HIS C 387 26.64 -9.54 11.09
N PRO C 388 26.04 -8.42 10.65
CA PRO C 388 25.38 -8.42 9.34
C PRO C 388 26.35 -8.49 8.17
N GLU C 389 27.60 -8.07 8.35
CA GLU C 389 28.59 -8.08 7.29
C GLU C 389 29.46 -9.34 7.28
N ASP C 390 29.30 -10.23 8.25
CA ASP C 390 30.21 -11.36 8.37
C ASP C 390 30.09 -12.24 7.14
N PRO C 391 31.15 -12.39 6.33
CA PRO C 391 31.00 -13.12 5.06
C PRO C 391 30.67 -14.58 5.24
N THR C 392 31.22 -15.23 6.26
CA THR C 392 30.95 -16.65 6.49
C THR C 392 29.47 -16.88 6.82
N HIS C 393 28.94 -16.09 7.77
CA HIS C 393 27.54 -16.22 8.10
C HIS C 393 26.65 -15.93 6.90
N LEU C 394 27.08 -15.03 6.00
CA LEU C 394 26.27 -14.72 4.84
C LEU C 394 26.28 -15.86 3.83
N ARG C 395 27.44 -16.52 3.67
CA ARG C 395 27.50 -17.68 2.79
C ARG C 395 26.61 -18.81 3.30
N ASP C 396 26.79 -19.18 4.58
CA ASP C 396 25.94 -20.21 5.17
C ASP C 396 24.46 -19.82 5.14
N ALA C 397 24.17 -18.54 5.34
CA ALA C 397 22.78 -18.09 5.33
C ALA C 397 22.17 -18.20 3.95
N MET C 398 22.96 -17.90 2.91
CA MET C 398 22.50 -18.11 1.54
C MET C 398 22.15 -19.57 1.29
N SER C 399 23.07 -20.47 1.67
CA SER C 399 22.78 -21.90 1.57
C SER C 399 21.50 -22.27 2.32
N ALA C 400 21.30 -21.67 3.50
CA ALA C 400 20.11 -21.99 4.29
C ALA C 400 18.84 -21.45 3.64
N VAL C 401 18.92 -20.29 2.99
CA VAL C 401 17.77 -19.78 2.26
C VAL C 401 17.34 -20.77 1.18
N VAL C 402 18.29 -21.18 0.33
CA VAL C 402 17.92 -22.07 -0.77
C VAL C 402 17.41 -23.41 -0.22
N GLY C 403 18.13 -23.97 0.76
CA GLY C 403 17.75 -25.25 1.32
C GLY C 403 16.37 -25.22 1.96
N ASP C 404 16.13 -24.26 2.85
CA ASP C 404 14.86 -24.19 3.55
C ASP C 404 13.71 -23.89 2.58
N HIS C 405 13.94 -23.00 1.61
CA HIS C 405 12.89 -22.65 0.67
C HIS C 405 12.48 -23.84 -0.18
N ASN C 406 13.44 -24.50 -0.82
CA ASN C 406 13.09 -25.56 -1.76
C ASN C 406 12.85 -26.92 -1.12
N VAL C 407 13.41 -27.19 0.06
CA VAL C 407 13.41 -28.56 0.56
C VAL C 407 12.88 -28.66 1.98
N VAL C 408 13.60 -28.05 2.93
CA VAL C 408 13.36 -28.35 4.34
C VAL C 408 11.94 -27.95 4.75
N CYS C 409 11.55 -26.71 4.45
CA CYS C 409 10.22 -26.24 4.82
C CYS C 409 9.09 -26.95 4.05
N PRO C 410 9.25 -27.24 2.76
CA PRO C 410 8.24 -28.11 2.12
C PRO C 410 8.11 -29.46 2.79
N VAL C 411 9.22 -30.07 3.21
CA VAL C 411 9.16 -31.34 3.92
C VAL C 411 8.44 -31.16 5.25
N ALA C 412 8.67 -30.04 5.93
CA ALA C 412 8.01 -29.80 7.21
C ALA C 412 6.52 -29.60 7.03
N GLN C 413 6.12 -28.93 5.95
CA GLN C 413 4.69 -28.78 5.68
C GLN C 413 4.05 -30.13 5.35
N LEU C 414 4.70 -30.92 4.50
CA LEU C 414 4.15 -32.23 4.14
C LEU C 414 4.02 -33.11 5.38
N ALA C 415 5.08 -33.17 6.19
CA ALA C 415 5.04 -33.96 7.41
C ALA C 415 3.90 -33.52 8.32
N GLY C 416 3.76 -32.21 8.52
CA GLY C 416 2.69 -31.70 9.37
C GLY C 416 1.30 -32.04 8.85
N ARG C 417 1.09 -31.87 7.54
CA ARG C 417 -0.23 -32.11 6.96
C ARG C 417 -0.57 -33.59 6.98
N LEU C 418 0.39 -34.46 6.64
CA LEU C 418 0.14 -35.90 6.67
C LEU C 418 -0.13 -36.37 8.09
N ALA C 419 0.63 -35.84 9.05
CA ALA C 419 0.43 -36.23 10.45
C ALA C 419 -0.93 -35.78 10.97
N ALA C 420 -1.35 -34.56 10.60
CA ALA C 420 -2.64 -34.05 11.08
C ALA C 420 -3.81 -34.82 10.50
N GLN C 421 -3.67 -35.33 9.28
CA GLN C 421 -4.73 -36.04 8.58
C GLN C 421 -4.67 -37.55 8.76
N GLY C 422 -3.81 -38.03 9.64
CA GLY C 422 -3.89 -39.40 10.13
C GLY C 422 -2.87 -40.38 9.60
N ALA C 423 -1.89 -39.93 8.83
CA ALA C 423 -0.80 -40.81 8.45
C ALA C 423 0.13 -41.02 9.63
N ARG C 424 0.89 -42.12 9.58
CA ARG C 424 1.97 -42.37 10.52
C ARG C 424 3.27 -41.88 9.87
N VAL C 425 3.86 -40.83 10.44
CA VAL C 425 4.99 -40.14 9.84
C VAL C 425 6.22 -40.35 10.71
N TYR C 426 7.34 -40.70 10.09
CA TYR C 426 8.65 -40.72 10.73
C TYR C 426 9.54 -39.73 9.99
N ALA C 427 10.27 -38.92 10.74
CA ALA C 427 11.05 -37.82 10.17
C ALA C 427 12.49 -37.88 10.65
N TYR C 428 13.43 -37.60 9.75
CA TYR C 428 14.85 -37.65 10.07
C TYR C 428 15.55 -36.38 9.55
N ILE C 429 16.77 -36.17 10.04
CA ILE C 429 17.68 -35.18 9.46
C ILE C 429 19.06 -35.83 9.36
N PHE C 430 19.64 -35.84 8.16
CA PHE C 430 20.87 -36.58 7.91
C PHE C 430 22.05 -35.62 8.07
N GLU C 431 22.82 -35.80 9.15
CA GLU C 431 23.89 -34.88 9.52
C GLU C 431 25.31 -35.33 9.17
N HIS C 432 25.50 -36.52 8.60
CA HIS C 432 26.85 -37.06 8.45
C HIS C 432 27.40 -36.79 7.06
N ARG C 433 28.57 -36.18 7.00
CA ARG C 433 29.25 -35.92 5.74
C ARG C 433 30.17 -37.08 5.40
N ALA C 434 30.02 -37.63 4.19
CA ALA C 434 30.85 -38.74 3.77
C ALA C 434 32.32 -38.36 3.78
N SER C 435 33.15 -39.24 4.34
CA SER C 435 34.58 -39.01 4.33
C SER C 435 35.14 -38.93 2.92
N THR C 436 34.48 -39.57 1.96
CA THR C 436 34.94 -39.59 0.58
C THR C 436 34.40 -38.41 -0.24
N LEU C 437 33.66 -37.50 0.39
CA LEU C 437 32.98 -36.44 -0.33
C LEU C 437 33.98 -35.48 -0.98
N THR C 438 33.78 -35.21 -2.28
CA THR C 438 34.67 -34.36 -3.05
C THR C 438 34.25 -32.90 -3.07
N TRP C 439 33.06 -32.56 -2.59
CA TRP C 439 32.66 -31.16 -2.55
C TRP C 439 33.38 -30.44 -1.41
N PRO C 440 33.52 -29.11 -1.49
CA PRO C 440 34.33 -28.40 -0.48
C PRO C 440 33.70 -28.47 0.90
N LEU C 441 34.53 -28.15 1.90
CA LEU C 441 34.11 -28.28 3.30
C LEU C 441 32.89 -27.43 3.61
N TRP C 442 32.83 -26.21 3.05
CA TRP C 442 31.77 -25.28 3.43
C TRP C 442 30.39 -25.73 3.00
N MET C 443 30.29 -26.71 2.10
CA MET C 443 28.98 -27.19 1.67
C MET C 443 28.37 -28.17 2.65
N GLY C 444 29.13 -28.66 3.62
CA GLY C 444 28.58 -29.55 4.64
C GLY C 444 28.13 -30.87 4.06
N VAL C 445 26.90 -31.26 4.40
CA VAL C 445 26.28 -32.46 3.83
C VAL C 445 25.34 -31.98 2.74
N PRO C 446 25.69 -32.14 1.47
CA PRO C 446 24.92 -31.50 0.40
C PRO C 446 23.71 -32.34 0.00
N HIS C 447 23.02 -31.87 -1.05
CA HIS C 447 21.78 -32.47 -1.51
C HIS C 447 22.06 -33.84 -2.14
N GLY C 448 21.41 -34.87 -1.62
CA GLY C 448 21.52 -36.21 -2.17
C GLY C 448 22.69 -37.04 -1.71
N TYR C 449 23.41 -36.63 -0.68
CA TYR C 449 24.58 -37.36 -0.22
C TYR C 449 24.29 -38.33 0.92
N GLU C 450 23.03 -38.54 1.27
CA GLU C 450 22.66 -39.66 2.12
C GLU C 450 22.45 -40.96 1.35
N ILE C 451 22.27 -40.90 0.02
CA ILE C 451 21.88 -42.09 -0.75
C ILE C 451 22.98 -43.15 -0.71
N GLU C 452 24.25 -42.72 -0.79
CA GLU C 452 25.37 -43.64 -0.68
C GLU C 452 25.20 -44.55 0.53
N PHE C 453 24.80 -43.99 1.66
CA PHE C 453 24.70 -44.76 2.89
C PHE C 453 23.43 -45.59 2.96
N ILE C 454 22.33 -45.06 2.40
CA ILE C 454 21.08 -45.83 2.40
C ILE C 454 21.23 -47.10 1.58
N PHE C 455 21.92 -47.01 0.43
CA PHE C 455 22.10 -48.17 -0.43
C PHE C 455 23.25 -49.06 0.03
N GLY C 456 23.97 -48.69 1.08
CA GLY C 456 24.97 -49.57 1.65
C GLY C 456 26.28 -49.63 0.92
N LEU C 457 26.57 -48.65 0.07
CA LEU C 457 27.87 -48.61 -0.60
C LEU C 457 29.06 -48.69 0.35
N PRO C 458 29.05 -48.07 1.55
CA PRO C 458 30.22 -48.19 2.43
C PRO C 458 30.58 -49.62 2.81
N LEU C 459 29.67 -50.58 2.63
CA LEU C 459 30.03 -51.98 2.88
C LEU C 459 30.99 -52.53 1.85
N ASP C 460 31.15 -51.86 0.72
CA ASP C 460 32.17 -52.22 -0.26
C ASP C 460 33.52 -51.73 0.23
N PRO C 461 34.48 -52.63 0.51
CA PRO C 461 35.78 -52.17 1.04
C PRO C 461 36.61 -51.42 0.01
N SER C 462 36.39 -51.62 -1.28
CA SER C 462 37.19 -50.91 -2.27
C SER C 462 36.86 -49.43 -2.35
N LEU C 463 35.73 -49.01 -1.80
CA LEU C 463 35.30 -47.61 -1.88
C LEU C 463 35.95 -46.71 -0.85
N ASN C 464 36.79 -47.28 0.01
CA ASN C 464 37.62 -46.48 0.93
C ASN C 464 36.76 -45.67 1.90
N TYR C 465 35.68 -46.26 2.41
CA TYR C 465 35.00 -45.61 3.52
C TYR C 465 35.64 -46.04 4.85
N THR C 466 35.18 -45.43 5.93
CA THR C 466 35.60 -45.80 7.27
C THR C 466 34.76 -46.98 7.79
N THR C 467 35.34 -47.71 8.74
CA THR C 467 34.58 -48.76 9.43
C THR C 467 33.35 -48.19 10.11
N GLU C 468 33.49 -47.03 10.78
CA GLU C 468 32.36 -46.39 11.41
CA GLU C 468 32.34 -46.39 11.40
C GLU C 468 31.24 -46.12 10.40
N GLU C 469 31.62 -45.83 9.15
CA GLU C 469 30.63 -45.60 8.09
C GLU C 469 30.06 -46.91 7.58
N ARG C 470 30.81 -48.02 7.69
CA ARG C 470 30.20 -49.32 7.46
C ARG C 470 29.07 -49.56 8.45
N ILE C 471 29.35 -49.40 9.75
CA ILE C 471 28.32 -49.60 10.77
C ILE C 471 27.15 -48.65 10.56
N PHE C 472 27.46 -47.40 10.22
CA PHE C 472 26.40 -46.41 9.97
C PHE C 472 25.51 -46.83 8.81
N ALA C 473 26.13 -47.21 7.68
CA ALA C 473 25.35 -47.64 6.53
C ALA C 473 24.49 -48.85 6.87
N GLN C 474 25.04 -49.79 7.65
CA GLN C 474 24.25 -50.95 8.06
C GLN C 474 23.05 -50.53 8.89
N ARG C 475 23.25 -49.61 9.83
CA ARG C 475 22.15 -49.17 10.69
C ARG C 475 21.06 -48.47 9.88
N LEU C 476 21.47 -47.66 8.90
CA LEU C 476 20.50 -47.01 8.02
C LEU C 476 19.73 -48.01 7.17
N MET C 477 20.44 -48.99 6.60
CA MET C 477 19.76 -50.04 5.84
C MET C 477 18.75 -50.78 6.70
N LYS C 478 19.08 -50.97 7.98
CA LYS C 478 18.15 -51.64 8.88
C LYS C 478 16.92 -50.78 9.16
N TYR C 479 17.11 -49.46 9.28
CA TYR C 479 15.95 -48.58 9.46
C TYR C 479 15.06 -48.59 8.23
N TRP C 480 15.65 -48.48 7.03
CA TRP C 480 14.86 -48.41 5.81
C TRP C 480 14.13 -49.73 5.55
N THR C 481 14.83 -50.86 5.65
CA THR C 481 14.19 -52.14 5.38
C THR C 481 13.20 -52.52 6.48
N ASN C 482 13.49 -52.15 7.72
CA ASN C 482 12.49 -52.32 8.78
C ASN C 482 11.22 -51.53 8.45
N PHE C 483 11.37 -50.30 7.96
CA PHE C 483 10.19 -49.52 7.61
C PHE C 483 9.43 -50.15 6.45
N ALA C 484 10.14 -50.57 5.41
CA ALA C 484 9.48 -51.19 4.27
C ALA C 484 8.76 -52.47 4.69
N ARG C 485 9.35 -53.23 5.60
CA ARG C 485 8.76 -54.50 6.03
C ARG C 485 7.55 -54.28 6.93
N THR C 486 7.74 -53.57 8.04
CA THR C 486 6.72 -53.43 9.07
C THR C 486 5.94 -52.11 9.04
N GLY C 487 6.30 -51.18 8.16
CA GLY C 487 5.75 -49.84 8.36
C GLY C 487 6.29 -49.09 9.56
N ASP C 488 7.35 -49.60 10.20
CA ASP C 488 8.01 -48.93 11.31
C ASP C 488 9.51 -49.06 11.09
N PRO C 489 10.29 -47.99 11.30
CA PRO C 489 11.75 -48.11 11.17
C PRO C 489 12.41 -48.86 12.31
N ASN C 490 11.76 -48.92 13.47
CA ASN C 490 12.41 -49.43 14.67
C ASN C 490 12.56 -50.94 14.62
N ASP C 491 13.62 -51.42 15.25
CA ASP C 491 13.84 -52.85 15.40
C ASP C 491 12.70 -53.43 16.23
N PRO C 492 11.92 -54.37 15.67
CA PRO C 492 10.77 -54.91 16.43
C PRO C 492 11.18 -55.56 17.73
N ARG C 493 12.25 -56.36 17.72
CA ARG C 493 12.77 -56.95 18.94
C ARG C 493 13.95 -56.10 19.35
N ASP C 494 13.74 -55.28 20.39
CA ASP C 494 14.75 -54.37 20.94
C ASP C 494 14.12 -53.51 22.04
N SER C 495 14.94 -52.92 22.91
CA SER C 495 14.45 -51.86 23.78
C SER C 495 15.65 -50.97 24.10
N LYS C 496 15.38 -49.68 24.27
CA LYS C 496 16.41 -48.72 24.70
C LYS C 496 17.59 -48.68 23.72
N SER C 497 17.27 -48.71 22.42
CA SER C 497 18.28 -48.55 21.36
C SER C 497 18.90 -47.14 21.25
N PRO C 498 18.09 -46.06 21.33
CA PRO C 498 16.68 -45.81 21.62
C PRO C 498 15.72 -45.95 20.43
N GLN C 499 14.46 -45.57 20.66
CA GLN C 499 13.39 -45.70 19.69
C GLN C 499 13.21 -44.43 18.86
N TRP C 500 12.82 -44.63 17.61
CA TRP C 500 12.50 -43.53 16.68
C TRP C 500 11.01 -43.25 16.75
N PRO C 501 10.58 -42.14 17.36
CA PRO C 501 9.14 -41.88 17.54
C PRO C 501 8.51 -41.34 16.27
N PRO C 502 7.20 -41.56 16.08
CA PRO C 502 6.52 -40.98 14.92
C PRO C 502 6.35 -39.47 15.06
N TYR C 503 6.51 -38.77 13.94
CA TYR C 503 6.28 -37.33 13.93
C TYR C 503 4.80 -37.03 14.14
N THR C 504 4.50 -36.14 15.09
CA THR C 504 3.15 -35.70 15.35
C THR C 504 3.11 -34.18 15.33
N THR C 505 1.89 -33.63 15.23
CA THR C 505 1.76 -32.18 15.23
C THR C 505 2.01 -31.61 16.63
N ALA C 506 1.58 -32.32 17.66
CA ALA C 506 1.81 -31.85 19.03
C ALA C 506 3.28 -31.90 19.41
N ALA C 507 3.90 -33.07 19.29
CA ALA C 507 5.28 -33.26 19.74
C ALA C 507 6.31 -32.78 18.73
N GLN C 508 6.08 -33.04 17.44
CA GLN C 508 7.01 -32.68 16.36
C GLN C 508 8.39 -33.33 16.55
N GLN C 509 8.39 -34.63 16.83
CA GLN C 509 9.63 -35.34 17.08
C GLN C 509 10.22 -35.90 15.79
N TYR C 510 11.52 -35.65 15.59
CA TYR C 510 12.28 -36.21 14.48
C TYR C 510 13.63 -36.68 15.04
N VAL C 511 14.36 -37.46 14.26
CA VAL C 511 15.62 -38.01 14.74
C VAL C 511 16.76 -37.50 13.87
N SER C 512 17.95 -37.51 14.45
CA SER C 512 19.18 -37.17 13.74
C SER C 512 19.87 -38.46 13.32
N LEU C 513 20.18 -38.57 12.03
CA LEU C 513 20.92 -39.71 11.50
C LEU C 513 22.37 -39.27 11.28
N ASN C 514 23.26 -39.78 12.12
CA ASN C 514 24.69 -39.46 12.06
C ASN C 514 25.45 -40.60 12.72
N LEU C 515 26.74 -40.40 12.93
CA LEU C 515 27.56 -41.45 13.53
C LEU C 515 27.16 -41.72 14.97
N LYS C 516 26.68 -40.70 15.67
CA LYS C 516 26.24 -40.87 17.05
C LYS C 516 24.92 -41.65 17.08
N PRO C 517 24.58 -42.22 18.23
CA PRO C 517 23.29 -42.92 18.36
C PRO C 517 22.12 -41.96 18.14
N LEU C 518 20.95 -42.56 17.87
CA LEU C 518 19.76 -41.77 17.58
C LEU C 518 19.47 -40.77 18.70
N GLU C 519 19.31 -39.52 18.30
CA GLU C 519 18.97 -38.43 19.19
C GLU C 519 17.62 -37.88 18.74
N VAL C 520 16.70 -37.76 19.70
CA VAL C 520 15.34 -37.30 19.41
C VAL C 520 15.29 -35.79 19.60
N ARG C 521 14.88 -35.08 18.56
CA ARG C 521 14.73 -33.64 18.60
C ARG C 521 13.30 -33.27 18.25
N ARG C 522 12.92 -32.06 18.66
CA ARG C 522 11.59 -31.53 18.42
C ARG C 522 11.69 -30.30 17.54
N GLY C 523 10.61 -29.98 16.84
CA GLY C 523 10.62 -28.74 16.10
C GLY C 523 11.52 -28.64 14.90
N LEU C 524 11.30 -29.45 13.86
CA LEU C 524 12.16 -29.36 12.69
C LEU C 524 11.95 -28.00 12.03
N ARG C 525 13.01 -27.18 12.03
CA ARG C 525 13.03 -25.83 11.47
C ARG C 525 11.73 -25.07 11.78
N ALA C 526 11.32 -25.13 13.05
CA ALA C 526 9.95 -24.78 13.41
C ALA C 526 9.63 -23.32 13.12
N GLN C 527 10.45 -22.40 13.65
CA GLN C 527 10.20 -20.97 13.47
C GLN C 527 10.41 -20.54 12.02
N THR C 528 11.52 -20.96 11.43
CA THR C 528 11.86 -20.53 10.07
C THR C 528 10.82 -21.03 9.07
N CYS C 529 10.42 -22.29 9.19
CA CYS C 529 9.37 -22.80 8.30
C CYS C 529 8.00 -22.25 8.64
N ALA C 530 7.77 -21.82 9.88
CA ALA C 530 6.59 -21.00 10.15
C ALA C 530 6.64 -19.73 9.32
N PHE C 531 7.83 -19.15 9.15
CA PHE C 531 7.98 -17.97 8.30
C PHE C 531 7.69 -18.30 6.84
N TRP C 532 8.23 -19.42 6.34
CA TRP C 532 8.11 -19.72 4.92
C TRP C 532 6.69 -20.15 4.55
N ASN C 533 6.12 -21.07 5.33
CA ASN C 533 4.84 -21.68 4.98
C ASN C 533 3.64 -20.80 5.36
N ARG C 534 3.72 -20.07 6.48
CA ARG C 534 2.58 -19.34 7.01
C ARG C 534 2.60 -17.86 6.61
N PHE C 535 3.64 -17.13 7.02
CA PHE C 535 3.66 -15.68 6.83
C PHE C 535 3.96 -15.29 5.38
N LEU C 536 5.13 -15.66 4.88
CA LEU C 536 5.63 -15.25 3.57
C LEU C 536 4.58 -15.31 2.46
N PRO C 537 3.72 -16.33 2.40
CA PRO C 537 2.65 -16.31 1.37
C PRO C 537 1.78 -15.05 1.41
N LYS C 538 1.48 -14.52 2.59
CA LYS C 538 0.59 -13.36 2.72
C LYS C 538 1.16 -12.09 2.09
N LEU C 539 2.43 -12.08 1.69
CA LEU C 539 3.00 -10.94 0.99
C LEU C 539 2.78 -11.08 -0.52
N GLU D 4 18.15 30.27 63.97
CA GLU D 4 18.26 30.73 62.60
C GLU D 4 19.55 30.22 61.93
N ASP D 5 19.39 29.30 60.98
CA ASP D 5 20.53 28.62 60.37
C ASP D 5 20.95 29.35 59.11
N PRO D 6 22.20 29.83 59.02
CA PRO D 6 22.62 30.54 57.80
C PRO D 6 22.69 29.66 56.56
N GLN D 7 22.87 28.34 56.71
CA GLN D 7 22.94 27.46 55.55
C GLN D 7 21.60 27.25 54.88
N LEU D 8 20.49 27.41 55.62
CA LEU D 8 19.16 27.23 55.06
C LEU D 8 18.56 28.51 54.50
N LEU D 9 19.24 29.66 54.65
CA LEU D 9 18.79 30.91 54.06
C LEU D 9 19.58 31.15 52.77
N VAL D 10 18.87 31.17 51.65
CA VAL D 10 19.48 31.32 50.33
C VAL D 10 18.70 32.38 49.57
N ARG D 11 19.41 33.25 48.85
CA ARG D 11 18.79 34.26 47.99
C ARG D 11 19.03 33.89 46.54
N VAL D 12 17.94 33.77 45.78
CA VAL D 12 18.00 33.58 44.33
C VAL D 12 17.62 34.89 43.65
N ARG D 13 17.55 34.87 42.32
CA ARG D 13 17.18 36.08 41.57
C ARG D 13 15.88 36.67 42.09
N GLY D 14 14.84 35.84 42.23
CA GLY D 14 13.52 36.33 42.60
C GLY D 14 13.40 36.82 44.02
N GLY D 15 14.24 36.32 44.92
CA GLY D 15 14.17 36.76 46.31
C GLY D 15 14.84 35.76 47.23
N GLN D 16 14.53 35.88 48.52
CA GLN D 16 15.10 35.03 49.55
C GLN D 16 14.26 33.77 49.74
N LEU D 17 14.94 32.66 50.03
CA LEU D 17 14.30 31.38 50.28
C LEU D 17 14.76 30.82 51.62
N ARG D 18 13.83 30.18 52.31
CA ARG D 18 14.12 29.43 53.52
C ARG D 18 13.96 27.94 53.23
N GLY D 19 15.01 27.17 53.51
CA GLY D 19 14.98 25.73 53.34
C GLY D 19 14.79 25.00 54.65
N ILE D 20 14.94 23.68 54.58
CA ILE D 20 14.76 22.82 55.74
C ILE D 20 15.91 21.82 55.79
N ARG D 21 16.42 21.55 57.00
CA ARG D 21 17.44 20.53 57.19
C ARG D 21 16.79 19.17 57.36
N LEU D 22 17.10 18.24 56.46
CA LEU D 22 16.56 16.89 56.50
C LEU D 22 17.64 15.91 56.93
N LYS D 23 17.23 14.81 57.55
CA LYS D 23 18.15 13.81 58.06
C LYS D 23 18.20 12.63 57.09
N ALA D 24 19.32 12.48 56.40
CA ALA D 24 19.63 11.30 55.62
C ALA D 24 20.36 10.29 56.50
N PRO D 25 20.38 9.01 56.10
CA PRO D 25 21.00 8.00 56.98
C PRO D 25 22.45 8.30 57.37
N GLY D 26 23.24 8.90 56.49
CA GLY D 26 24.63 9.17 56.75
C GLY D 26 25.00 10.60 57.09
N GLY D 27 24.03 11.49 57.22
CA GLY D 27 24.29 12.87 57.57
C GLY D 27 23.18 13.80 57.14
N PRO D 28 23.28 15.07 57.54
CA PRO D 28 22.23 16.03 57.17
C PRO D 28 22.35 16.50 55.74
N VAL D 29 21.20 16.90 55.18
CA VAL D 29 21.14 17.52 53.86
C VAL D 29 20.27 18.77 53.95
N SER D 30 20.46 19.67 52.99
CA SER D 30 19.65 20.87 52.87
C SER D 30 18.65 20.68 51.75
N ALA D 31 17.38 20.99 52.02
CA ALA D 31 16.32 20.84 51.03
C ALA D 31 15.59 22.16 50.88
N PHE D 32 15.38 22.57 49.64
CA PHE D 32 14.52 23.70 49.30
C PHE D 32 13.41 23.17 48.41
N LEU D 33 12.20 23.09 48.95
CA LEU D 33 11.10 22.37 48.32
C LEU D 33 9.96 23.33 47.99
N GLY D 34 9.51 23.31 46.73
CA GLY D 34 8.44 24.20 46.32
C GLY D 34 8.87 25.59 45.92
N ILE D 35 10.06 25.74 45.35
CA ILE D 35 10.51 27.01 44.79
C ILE D 35 9.74 27.28 43.51
N PRO D 36 8.92 28.34 43.43
CA PRO D 36 8.25 28.63 42.15
C PRO D 36 9.25 29.10 41.11
N PHE D 37 9.25 28.45 39.96
CA PHE D 37 10.01 28.93 38.81
C PHE D 37 9.15 29.60 37.76
N ALA D 38 7.82 29.63 37.93
CA ALA D 38 6.95 30.20 36.92
C ALA D 38 5.69 30.75 37.57
N GLU D 39 5.15 31.82 36.98
CA GLU D 39 3.84 32.31 37.38
C GLU D 39 2.81 31.20 37.19
N PRO D 40 1.86 31.05 38.10
CA PRO D 40 0.91 29.93 38.03
C PRO D 40 0.16 29.96 36.70
N PRO D 41 0.16 28.81 35.96
CA PRO D 41 -0.49 28.75 34.64
C PRO D 41 -2.00 28.52 34.76
N VAL D 42 -2.68 29.47 35.39
CA VAL D 42 -4.07 29.32 35.78
C VAL D 42 -4.91 30.36 35.03
N GLY D 43 -6.22 30.11 34.96
CA GLY D 43 -7.10 31.05 34.32
C GLY D 43 -6.89 31.14 32.82
N SER D 44 -6.59 32.35 32.34
CA SER D 44 -6.34 32.56 30.92
C SER D 44 -4.93 32.16 30.51
N ARG D 45 -4.13 31.63 31.45
CA ARG D 45 -2.83 31.05 31.13
C ARG D 45 -2.90 29.58 30.76
N ARG D 46 -4.03 28.91 30.98
CA ARG D 46 -4.13 27.48 30.71
C ARG D 46 -3.80 27.18 29.25
N PHE D 47 -3.02 26.12 29.04
CA PHE D 47 -2.53 25.65 27.73
C PHE D 47 -1.41 26.53 27.16
N MET D 48 -1.12 27.64 27.81
CA MET D 48 -0.15 28.58 27.28
C MET D 48 1.25 28.33 27.83
N PRO D 49 2.28 28.80 27.13
CA PRO D 49 3.64 28.59 27.61
C PRO D 49 3.84 29.26 28.96
N PRO D 50 4.79 28.77 29.77
CA PRO D 50 4.99 29.34 31.09
C PRO D 50 5.75 30.67 31.03
N GLU D 51 5.49 31.51 32.02
CA GLU D 51 6.20 32.76 32.15
C GLU D 51 6.98 32.77 33.46
N PRO D 52 8.15 33.41 33.49
CA PRO D 52 9.01 33.32 34.68
C PRO D 52 8.35 33.92 35.91
N LYS D 53 8.57 33.28 37.05
CA LYS D 53 7.97 33.73 38.31
C LYS D 53 8.42 35.15 38.63
N ARG D 54 7.43 36.02 38.84
CA ARG D 54 7.72 37.40 39.19
C ARG D 54 8.46 37.46 40.53
N PRO D 55 9.39 38.40 40.70
CA PRO D 55 10.09 38.51 41.98
C PRO D 55 9.13 38.77 43.12
N TRP D 56 9.55 38.38 44.33
CA TRP D 56 8.72 38.47 45.51
C TRP D 56 9.47 39.19 46.62
N SER D 57 8.72 39.54 47.66
CA SER D 57 9.24 40.28 48.80
C SER D 57 9.26 39.38 50.03
N GLY D 58 10.15 39.69 50.97
CA GLY D 58 10.30 38.90 52.17
C GLY D 58 10.97 37.58 51.91
N VAL D 59 10.83 36.68 52.87
CA VAL D 59 11.40 35.33 52.77
C VAL D 59 10.27 34.39 52.36
N LEU D 60 10.39 33.82 51.17
CA LEU D 60 9.45 32.84 50.67
C LEU D 60 9.75 31.48 51.29
N ASP D 61 8.72 30.82 51.81
CA ASP D 61 8.90 29.54 52.48
C ASP D 61 9.03 28.45 51.42
N ALA D 62 10.19 27.81 51.35
CA ALA D 62 10.24 26.47 50.75
C ALA D 62 10.77 25.51 51.81
N THR D 63 9.86 24.99 52.63
CA THR D 63 10.12 23.86 53.51
C THR D 63 9.35 22.61 53.15
N THR D 64 8.45 22.67 52.16
CA THR D 64 7.49 21.61 51.92
C THR D 64 7.22 21.48 50.43
N PHE D 65 6.92 20.26 49.99
CA PHE D 65 6.52 20.04 48.61
C PHE D 65 5.25 20.82 48.30
N GLN D 66 5.19 21.39 47.09
CA GLN D 66 4.01 22.09 46.62
C GLN D 66 3.04 21.08 46.00
N ASN D 67 1.98 21.60 45.37
CA ASN D 67 0.92 20.74 44.86
C ASN D 67 1.35 20.02 43.58
N VAL D 68 0.64 18.93 43.28
CA VAL D 68 0.87 18.11 42.10
C VAL D 68 0.09 18.69 40.93
N CYS D 69 0.68 18.68 39.74
CA CYS D 69 -0.03 19.13 38.56
C CYS D 69 -1.29 18.29 38.34
N TYR D 70 -2.33 18.93 37.83
CA TYR D 70 -3.62 18.26 37.75
C TYR D 70 -3.56 17.11 36.75
N GLN D 71 -4.03 15.93 37.17
CA GLN D 71 -3.81 14.73 36.40
C GLN D 71 -4.85 13.67 36.75
N TYR D 72 -4.99 12.70 35.86
CA TYR D 72 -5.75 11.50 36.15
C TYR D 72 -5.07 10.71 37.27
N VAL D 73 -5.87 10.10 38.13
CA VAL D 73 -5.39 9.36 39.28
C VAL D 73 -5.76 7.89 39.09
N ASP D 74 -4.81 6.99 39.34
CA ASP D 74 -4.97 5.58 38.99
C ASP D 74 -5.88 4.91 40.01
N THR D 75 -7.06 4.49 39.56
CA THR D 75 -8.05 3.84 40.41
C THR D 75 -8.17 2.33 40.22
N LEU D 76 -7.31 1.71 39.39
CA LEU D 76 -7.51 0.31 39.03
C LEU D 76 -7.47 -0.60 40.26
N TYR D 77 -6.43 -0.49 41.08
CA TYR D 77 -6.25 -1.34 42.25
C TYR D 77 -6.16 -0.45 43.49
N PRO D 78 -7.31 0.04 43.99
CA PRO D 78 -7.27 0.95 45.14
C PRO D 78 -6.64 0.30 46.37
N GLY D 79 -5.82 1.09 47.07
CA GLY D 79 -5.14 0.63 48.25
C GLY D 79 -3.89 -0.20 48.00
N PHE D 80 -3.59 -0.51 46.74
CA PHE D 80 -2.45 -1.35 46.39
C PHE D 80 -1.19 -0.50 46.23
N GLU D 81 -0.12 -0.89 46.93
CA GLU D 81 1.12 -0.13 46.92
C GLU D 81 1.71 0.01 45.52
N GLY D 82 1.50 -0.99 44.67
CA GLY D 82 2.11 -0.96 43.34
C GLY D 82 1.65 0.22 42.51
N THR D 83 0.33 0.46 42.47
CA THR D 83 -0.16 1.64 41.76
C THR D 83 -0.07 2.90 42.62
N GLU D 84 -0.42 2.78 43.91
CA GLU D 84 -0.56 3.95 44.76
C GLU D 84 0.78 4.65 45.01
N MET D 85 1.90 3.93 44.92
CA MET D 85 3.20 4.58 45.09
C MET D 85 3.44 5.65 44.05
N TRP D 86 2.83 5.50 42.86
CA TRP D 86 2.99 6.47 41.78
C TRP D 86 1.93 7.56 41.77
N ASN D 87 0.87 7.41 42.58
CA ASN D 87 -0.22 8.37 42.58
C ASN D 87 0.20 9.66 43.28
N PRO D 88 -0.49 10.77 43.02
CA PRO D 88 -0.13 12.03 43.67
C PRO D 88 -0.20 11.92 45.18
N ASN D 89 0.87 12.34 45.85
CA ASN D 89 0.94 12.39 47.30
C ASN D 89 0.64 13.78 47.88
N ARG D 90 0.27 14.75 47.05
CA ARG D 90 -0.11 16.08 47.51
C ARG D 90 -1.41 16.48 46.81
N GLU D 91 -1.92 17.67 47.17
CA GLU D 91 -3.13 18.18 46.56
C GLU D 91 -2.92 18.40 45.06
N LEU D 92 -3.98 18.22 44.28
CA LEU D 92 -3.94 18.49 42.85
C LEU D 92 -4.33 19.93 42.60
N SER D 93 -3.52 20.64 41.80
CA SER D 93 -3.86 22.01 41.44
C SER D 93 -3.22 22.36 40.10
N GLU D 94 -3.86 23.28 39.37
CA GLU D 94 -3.23 23.83 38.19
C GLU D 94 -2.10 24.78 38.56
N ASP D 95 -2.03 25.24 39.81
CA ASP D 95 -0.86 26.02 40.23
C ASP D 95 0.08 24.96 40.76
N CYS D 96 0.85 24.37 39.85
CA CYS D 96 1.80 23.32 40.17
C CYS D 96 3.25 23.60 39.82
N LEU D 97 3.60 24.74 39.25
CA LEU D 97 4.93 24.85 38.64
C LEU D 97 5.89 25.29 39.73
N TYR D 98 6.68 24.34 40.20
CA TYR D 98 7.58 24.49 41.34
C TYR D 98 8.68 23.45 41.17
N LEU D 99 9.83 23.71 41.77
CA LEU D 99 10.95 22.77 41.70
C LEU D 99 11.55 22.58 43.08
N ASN D 100 12.33 21.51 43.21
CA ASN D 100 12.92 21.11 44.48
C ASN D 100 14.42 20.98 44.30
N VAL D 101 15.17 21.34 45.35
CA VAL D 101 16.63 21.32 45.33
C VAL D 101 17.13 20.62 46.59
N TRP D 102 18.02 19.64 46.40
CA TRP D 102 18.70 18.95 47.48
C TRP D 102 20.19 19.23 47.37
N THR D 103 20.80 19.68 48.48
CA THR D 103 22.25 19.89 48.51
C THR D 103 22.81 19.30 49.79
N PRO D 104 24.09 18.90 49.77
CA PRO D 104 24.72 18.42 51.01
C PRO D 104 24.73 19.52 52.07
N TYR D 105 24.91 19.08 53.31
CA TYR D 105 25.00 20.01 54.43
C TYR D 105 26.40 19.94 55.03
N PRO D 106 27.16 21.04 54.95
CA PRO D 106 26.77 22.34 54.40
C PRO D 106 26.91 22.46 52.88
N ARG D 107 26.71 23.66 52.36
CA ARG D 107 26.93 23.92 50.94
C ARG D 107 28.34 23.48 50.55
N PRO D 108 28.52 22.95 49.33
CA PRO D 108 29.84 22.45 48.94
C PRO D 108 30.85 23.59 48.75
N ALA D 109 32.10 23.31 49.09
CA ALA D 109 33.13 24.33 48.97
C ALA D 109 33.37 24.73 47.52
N SER D 110 33.32 23.77 46.60
CA SER D 110 33.52 23.96 45.18
C SER D 110 32.26 23.58 44.41
N PRO D 111 32.03 24.18 43.23
CA PRO D 111 30.80 23.90 42.49
C PRO D 111 30.68 22.43 42.12
N THR D 112 29.53 21.83 42.45
CA THR D 112 29.20 20.41 42.36
C THR D 112 28.34 20.15 41.13
N PRO D 113 28.66 19.12 40.33
CA PRO D 113 27.78 18.76 39.21
C PRO D 113 26.34 18.62 39.66
N VAL D 114 25.43 19.05 38.79
CA VAL D 114 24.00 19.13 39.07
C VAL D 114 23.29 18.01 38.31
N LEU D 115 22.30 17.41 38.97
CA LEU D 115 21.45 16.38 38.37
C LEU D 115 20.01 16.89 38.38
N ILE D 116 19.38 16.89 37.22
CA ILE D 116 18.00 17.36 37.08
C ILE D 116 17.13 16.16 36.72
N TRP D 117 16.21 15.81 37.61
CA TRP D 117 15.32 14.68 37.39
C TRP D 117 14.01 15.14 36.77
N ILE D 118 13.61 14.47 35.69
CA ILE D 118 12.33 14.72 35.04
C ILE D 118 11.51 13.44 35.16
N TYR D 119 10.39 13.51 35.89
CA TYR D 119 9.61 12.32 36.18
C TYR D 119 8.83 11.85 34.96
N GLY D 120 8.44 10.59 34.99
CA GLY D 120 7.64 9.96 33.96
C GLY D 120 6.17 9.89 34.32
N GLY D 121 5.51 8.85 33.82
CA GLY D 121 4.07 8.80 33.82
C GLY D 121 3.38 9.03 32.47
N GLY D 122 4.09 8.91 31.35
CA GLY D 122 3.41 8.94 30.05
C GLY D 122 2.86 10.28 29.65
N PHE D 123 3.39 11.35 30.23
CA PHE D 123 2.93 12.72 30.08
C PHE D 123 1.48 12.91 30.52
N TYR D 124 0.89 11.94 31.20
CA TYR D 124 -0.42 12.14 31.81
C TYR D 124 -0.40 12.24 33.32
N SER D 125 0.75 12.06 33.98
CA SER D 125 0.75 11.96 35.44
C SER D 125 2.17 12.12 35.97
N GLY D 126 2.30 12.04 37.28
CA GLY D 126 3.59 12.10 37.96
C GLY D 126 3.77 13.40 38.73
N ALA D 127 4.74 13.36 39.66
CA ALA D 127 5.14 14.55 40.40
C ALA D 127 6.54 14.33 40.95
N ALA D 128 7.22 15.43 41.26
CA ALA D 128 8.55 15.32 41.85
C ALA D 128 8.50 15.12 43.36
N SER D 129 7.32 15.14 43.97
CA SER D 129 7.19 14.93 45.41
C SER D 129 7.11 13.46 45.79
N LEU D 130 7.05 12.55 44.81
CA LEU D 130 6.94 11.13 45.09
C LEU D 130 8.15 10.63 45.87
N ASP D 131 7.91 9.61 46.71
CA ASP D 131 8.95 9.13 47.61
C ASP D 131 10.13 8.54 46.85
N VAL D 132 9.89 7.92 45.69
CA VAL D 132 10.96 7.27 44.96
C VAL D 132 11.92 8.28 44.32
N TYR D 133 11.51 9.54 44.21
CA TYR D 133 12.32 10.61 43.64
C TYR D 133 13.08 11.39 44.70
N ASP D 134 13.05 10.94 45.96
CA ASP D 134 13.73 11.63 47.04
C ASP D 134 15.23 11.72 46.77
N GLY D 135 15.74 12.92 46.78
CA GLY D 135 17.13 13.14 46.40
C GLY D 135 18.08 13.33 47.56
N ARG D 136 17.64 13.06 48.78
CA ARG D 136 18.50 13.23 49.94
C ARG D 136 19.64 12.23 49.96
N PHE D 137 19.43 11.03 49.39
CA PHE D 137 20.46 10.00 49.44
C PHE D 137 21.59 10.29 48.46
N LEU D 138 21.25 10.72 47.23
CA LEU D 138 22.28 11.09 46.28
C LEU D 138 23.05 12.32 46.77
N ALA D 139 22.34 13.33 47.27
CA ALA D 139 22.98 14.54 47.76
C ALA D 139 23.90 14.24 48.93
N GLN D 140 23.46 13.42 49.89
CA GLN D 140 24.27 13.15 51.06
C GLN D 140 25.45 12.25 50.72
N VAL D 141 25.20 11.13 50.03
CA VAL D 141 26.24 10.13 49.81
C VAL D 141 27.23 10.60 48.75
N GLU D 142 26.74 11.00 47.58
CA GLU D 142 27.62 11.38 46.49
C GLU D 142 27.88 12.88 46.42
N GLY D 143 27.36 13.65 47.37
CA GLY D 143 27.60 15.09 47.40
C GLY D 143 26.95 15.86 46.28
N ALA D 144 26.03 15.26 45.54
CA ALA D 144 25.45 15.90 44.36
C ALA D 144 24.44 16.97 44.75
N VAL D 145 24.22 17.91 43.83
CA VAL D 145 23.13 18.87 43.90
C VAL D 145 22.05 18.36 42.96
N LEU D 146 20.92 17.94 43.52
CA LEU D 146 19.86 17.31 42.75
C LEU D 146 18.66 18.24 42.66
N VAL D 147 18.22 18.52 41.44
CA VAL D 147 17.05 19.36 41.17
C VAL D 147 15.98 18.51 40.51
N SER D 148 14.73 18.73 40.91
CA SER D 148 13.60 18.08 40.26
C SER D 148 12.43 19.07 40.20
N MET D 149 11.82 19.20 39.02
CA MET D 149 10.75 20.16 38.81
C MET D 149 9.44 19.45 38.48
N ASN D 150 8.34 20.12 38.80
CA ASN D 150 7.02 19.71 38.34
C ASN D 150 6.74 20.38 37.01
N TYR D 151 6.17 19.62 36.08
CA TYR D 151 5.75 20.15 34.78
C TYR D 151 4.32 19.72 34.51
N ARG D 152 3.62 20.50 33.69
CA ARG D 152 2.22 20.22 33.42
C ARG D 152 2.06 18.96 32.58
N VAL D 153 1.11 18.11 32.96
CA VAL D 153 0.85 16.84 32.31
C VAL D 153 -0.60 16.83 31.84
N GLY D 154 -0.90 15.89 30.94
CA GLY D 154 -2.25 15.79 30.43
C GLY D 154 -2.60 16.98 29.56
N THR D 155 -3.90 17.20 29.38
CA THR D 155 -4.38 18.33 28.59
C THR D 155 -3.66 19.60 28.97
N PHE D 156 -3.61 19.89 30.28
CA PHE D 156 -3.05 21.13 30.78
C PHE D 156 -1.64 21.35 30.25
N GLY D 157 -0.84 20.31 30.15
CA GLY D 157 0.44 20.49 29.49
C GLY D 157 0.46 20.24 28.00
N PHE D 158 -0.32 19.30 27.49
CA PHE D 158 -0.15 18.92 26.11
C PHE D 158 -1.32 19.12 25.16
N LEU D 159 -2.48 19.58 25.62
CA LEU D 159 -3.57 19.83 24.67
C LEU D 159 -3.13 20.89 23.68
N ALA D 160 -3.23 20.56 22.40
CA ALA D 160 -2.68 21.41 21.35
C ALA D 160 -3.66 21.55 20.21
N LEU D 161 -3.75 22.77 19.67
CA LEU D 161 -4.41 23.04 18.40
C LEU D 161 -3.32 23.62 17.51
N PRO D 162 -2.58 22.77 16.79
CA PRO D 162 -1.36 23.23 16.12
C PRO D 162 -1.60 24.39 15.18
N GLY D 163 -0.73 25.39 15.27
CA GLY D 163 -0.85 26.61 14.50
C GLY D 163 -1.55 27.73 15.23
N SER D 164 -2.37 27.43 16.23
CA SER D 164 -3.04 28.44 17.03
C SER D 164 -2.08 29.02 18.06
N ARG D 165 -2.30 30.29 18.42
CA ARG D 165 -1.48 30.90 19.44
C ARG D 165 -1.92 30.56 20.86
N GLU D 166 -3.19 30.19 21.08
CA GLU D 166 -3.67 29.96 22.44
C GLU D 166 -3.26 28.59 22.98
N ALA D 167 -3.24 27.57 22.12
CA ALA D 167 -2.85 26.21 22.51
C ALA D 167 -1.76 25.72 21.56
N PRO D 168 -0.54 26.27 21.69
CA PRO D 168 0.53 25.89 20.75
C PRO D 168 1.05 24.47 20.95
N GLY D 169 0.80 23.85 22.09
CA GLY D 169 1.29 22.53 22.37
C GLY D 169 2.67 22.54 23.00
N ASN D 170 3.02 21.40 23.59
CA ASN D 170 4.33 21.16 24.20
C ASN D 170 4.64 22.12 25.35
N VAL D 171 3.62 22.68 26.00
CA VAL D 171 3.93 23.68 27.02
C VAL D 171 4.44 23.02 28.29
N GLY D 172 4.22 21.71 28.48
CA GLY D 172 4.86 21.03 29.59
C GLY D 172 6.35 20.86 29.39
N LEU D 173 6.77 20.57 28.15
CA LEU D 173 8.19 20.61 27.83
C LEU D 173 8.75 22.00 28.06
N LEU D 174 7.94 23.04 27.80
CA LEU D 174 8.40 24.40 28.05
C LEU D 174 8.48 24.71 29.54
N ASP D 175 7.62 24.07 30.35
CA ASP D 175 7.80 24.14 31.80
C ASP D 175 9.16 23.57 32.19
N GLN D 176 9.47 22.36 31.67
CA GLN D 176 10.77 21.76 31.96
C GLN D 176 11.91 22.68 31.54
N ARG D 177 11.84 23.21 30.32
CA ARG D 177 12.91 24.09 29.84
C ARG D 177 13.07 25.32 30.73
N LEU D 178 11.94 25.90 31.18
CA LEU D 178 12.03 27.05 32.07
C LEU D 178 12.70 26.67 33.38
N ALA D 179 12.43 25.46 33.88
CA ALA D 179 13.13 25.01 35.09
C ALA D 179 14.62 24.85 34.84
N LEU D 180 14.98 24.42 33.63
CA LEU D 180 16.40 24.32 33.26
C LEU D 180 17.06 25.70 33.25
N GLN D 181 16.39 26.69 32.64
CA GLN D 181 16.93 28.05 32.67
C GLN D 181 17.02 28.58 34.09
N TRP D 182 16.07 28.19 34.93
CA TRP D 182 16.14 28.59 36.33
C TRP D 182 17.37 27.98 37.01
N VAL D 183 17.68 26.72 36.67
CA VAL D 183 18.89 26.10 37.20
C VAL D 183 20.12 26.86 36.70
N GLN D 184 20.10 27.25 35.42
CA GLN D 184 21.22 28.01 34.85
C GLN D 184 21.47 29.29 35.64
N GLU D 185 20.42 30.07 35.92
CA GLU D 185 20.64 31.35 36.58
C GLU D 185 20.89 31.20 38.08
N ASN D 186 20.09 30.39 38.78
CA ASN D 186 20.11 30.37 40.23
C ASN D 186 20.86 29.20 40.89
N ILE D 187 21.36 28.22 40.14
CA ILE D 187 21.86 27.03 40.84
C ILE D 187 23.19 27.28 41.53
N ALA D 188 23.96 28.28 41.08
CA ALA D 188 25.25 28.55 41.69
C ALA D 188 25.10 28.92 43.15
N ALA D 189 23.95 29.48 43.53
CA ALA D 189 23.74 29.89 44.92
C ALA D 189 23.61 28.71 45.87
N PHE D 190 23.26 27.54 45.36
CA PHE D 190 23.15 26.34 46.19
C PHE D 190 24.42 25.51 46.21
N GLY D 191 25.48 25.97 45.56
CA GLY D 191 26.71 25.21 45.44
C GLY D 191 26.82 24.38 44.19
N GLY D 192 25.81 24.41 43.32
CA GLY D 192 25.86 23.65 42.09
C GLY D 192 26.62 24.38 41.00
N ASP D 193 27.15 23.59 40.07
CA ASP D 193 27.89 24.11 38.93
C ASP D 193 26.96 24.20 37.73
N PRO D 194 26.56 25.40 37.30
CA PRO D 194 25.72 25.50 36.09
C PRO D 194 26.39 24.98 34.83
N MET D 195 27.70 24.79 34.83
CA MET D 195 28.41 24.27 33.67
C MET D 195 28.56 22.75 33.67
N SER D 196 28.07 22.06 34.71
CA SER D 196 27.90 20.61 34.65
C SER D 196 26.47 20.31 35.06
N VAL D 197 25.63 19.97 34.08
CA VAL D 197 24.21 19.75 34.30
C VAL D 197 23.82 18.49 33.55
N THR D 198 23.32 17.50 34.27
CA THR D 198 22.95 16.23 33.70
C THR D 198 21.46 16.02 33.91
N LEU D 199 20.72 15.90 32.81
CA LEU D 199 19.32 15.54 32.88
C LEU D 199 19.19 14.03 32.93
N PHE D 200 18.31 13.54 33.79
CA PHE D 200 17.99 12.12 33.80
C PHE D 200 16.54 11.93 34.17
N GLY D 201 15.88 10.99 33.50
CA GLY D 201 14.45 10.77 33.66
C GLY D 201 14.07 9.38 33.22
N GLU D 202 12.86 8.99 33.61
CA GLU D 202 12.34 7.66 33.33
C GLU D 202 10.96 7.78 32.70
N SER D 203 10.63 6.82 31.83
CA SER D 203 9.35 6.79 31.10
C SER D 203 9.25 8.11 30.33
N ALA D 204 8.13 8.83 30.42
CA ALA D 204 7.96 10.07 29.64
C ALA D 204 9.07 11.06 29.95
N GLY D 205 9.45 11.18 31.23
CA GLY D 205 10.58 12.02 31.58
C GLY D 205 11.80 11.72 30.72
N ALA D 206 12.16 10.43 30.59
CA ALA D 206 13.25 10.05 29.71
C ALA D 206 13.03 10.57 28.29
N ALA D 207 11.84 10.34 27.73
CA ALA D 207 11.51 10.88 26.42
C ALA D 207 11.73 12.39 26.40
N SER D 208 11.25 13.08 27.44
CA SER D 208 11.43 14.52 27.54
C SER D 208 12.90 14.88 27.42
N VAL D 209 13.77 14.13 28.11
CA VAL D 209 15.20 14.37 28.04
C VAL D 209 15.66 14.33 26.58
N GLY D 210 15.29 13.26 25.87
CA GLY D 210 15.64 13.17 24.47
C GLY D 210 15.19 14.38 23.67
N MET D 211 14.00 14.90 23.98
CA MET D 211 13.49 16.03 23.22
C MET D 211 14.27 17.31 23.52
N HIS D 212 14.75 17.47 24.75
CA HIS D 212 15.65 18.60 25.02
C HIS D 212 16.94 18.45 24.25
N ILE D 213 17.32 17.22 23.90
CA ILE D 213 18.47 17.00 23.03
C ILE D 213 18.16 17.47 21.62
N LEU D 214 16.94 17.25 21.16
CA LEU D 214 16.57 17.47 19.76
C LEU D 214 16.00 18.85 19.51
N SER D 215 15.86 19.67 20.55
CA SER D 215 15.35 21.03 20.44
C SER D 215 16.51 21.98 20.72
N LEU D 216 16.89 22.76 19.71
CA LEU D 216 18.08 23.60 19.82
C LEU D 216 18.07 24.55 21.02
N PRO D 217 16.97 25.23 21.35
CA PRO D 217 17.01 26.13 22.52
C PRO D 217 17.34 25.43 23.82
N SER D 218 17.04 24.14 23.96
CA SER D 218 17.32 23.44 25.21
C SER D 218 18.77 22.98 25.32
N ARG D 219 19.49 22.89 24.20
CA ARG D 219 20.81 22.26 24.20
C ARG D 219 21.84 23.04 25.01
N SER D 220 21.63 24.33 25.24
CA SER D 220 22.60 25.11 26.01
C SER D 220 22.31 25.08 27.50
N LEU D 221 21.28 24.37 27.95
CA LEU D 221 20.94 24.28 29.36
C LEU D 221 21.45 23.01 30.04
N PHE D 222 22.08 22.10 29.29
CA PHE D 222 22.54 20.85 29.87
C PHE D 222 23.68 20.29 29.01
N HIS D 223 24.40 19.33 29.59
CA HIS D 223 25.63 18.80 29.04
C HIS D 223 25.54 17.30 28.77
N ARG D 224 25.26 16.49 29.79
CA ARG D 224 25.06 15.05 29.65
C ARG D 224 23.60 14.70 29.89
N ALA D 225 23.18 13.56 29.36
CA ALA D 225 21.79 13.13 29.43
C ALA D 225 21.71 11.64 29.73
N VAL D 226 20.66 11.25 30.46
CA VAL D 226 20.37 9.85 30.78
C VAL D 226 18.91 9.58 30.46
N LEU D 227 18.65 8.57 29.63
CA LEU D 227 17.29 8.19 29.27
C LEU D 227 17.02 6.79 29.81
N GLN D 228 16.13 6.70 30.81
CA GLN D 228 15.78 5.45 31.46
C GLN D 228 14.40 5.02 30.98
N SER D 229 14.34 3.96 30.16
CA SER D 229 13.07 3.36 29.73
C SER D 229 12.17 4.38 29.04
N GLY D 230 12.76 5.15 28.13
CA GLY D 230 11.97 6.05 27.30
C GLY D 230 12.83 6.71 26.24
N THR D 231 12.17 7.14 25.17
CA THR D 231 12.85 7.73 24.03
C THR D 231 11.94 8.81 23.43
N PRO D 232 12.50 9.82 22.77
CA PRO D 232 11.65 10.75 22.01
C PRO D 232 10.96 10.08 20.83
N ASN D 233 11.70 9.26 20.09
CA ASN D 233 11.15 8.47 18.99
C ASN D 233 10.32 7.30 19.53
N GLY D 234 9.54 6.70 18.64
CA GLY D 234 8.74 5.57 18.99
C GLY D 234 7.25 5.85 19.01
N PRO D 235 6.45 4.80 19.27
CA PRO D 235 5.01 4.91 18.99
C PRO D 235 4.26 5.87 19.90
N TRP D 236 4.54 5.89 21.21
CA TRP D 236 3.70 6.59 22.18
C TRP D 236 4.15 8.01 22.52
N ALA D 237 5.38 8.42 22.18
CA ALA D 237 5.95 9.62 22.76
C ALA D 237 5.60 10.90 22.04
N THR D 238 5.09 10.82 20.81
CA THR D 238 4.70 11.99 20.04
C THR D 238 3.41 11.72 19.30
N VAL D 239 2.76 12.80 18.88
CA VAL D 239 1.62 12.73 17.98
C VAL D 239 1.83 13.74 16.87
N SER D 240 1.22 13.47 15.72
CA SER D 240 1.27 14.42 14.62
C SER D 240 0.42 15.64 14.94
N ALA D 241 0.67 16.73 14.22
CA ALA D 241 -0.15 17.93 14.36
C ALA D 241 -1.62 17.61 14.17
N GLY D 242 -1.96 16.95 13.06
CA GLY D 242 -3.35 16.63 12.79
C GLY D 242 -3.99 15.74 13.85
N GLU D 243 -3.21 14.84 14.43
CA GLU D 243 -3.76 13.95 15.45
C GLU D 243 -4.00 14.69 16.76
N ALA D 244 -3.09 15.60 17.13
CA ALA D 244 -3.31 16.41 18.31
C ALA D 244 -4.50 17.34 18.13
N ARG D 245 -4.69 17.87 16.91
CA ARG D 245 -5.90 18.63 16.62
C ARG D 245 -7.14 17.76 16.75
N ARG D 246 -7.07 16.51 16.27
CA ARG D 246 -8.23 15.63 16.36
C ARG D 246 -8.59 15.35 17.82
N ARG D 247 -7.59 15.00 18.63
CA ARG D 247 -7.87 14.67 20.03
C ARG D 247 -8.35 15.89 20.80
N ALA D 248 -7.74 17.05 20.55
CA ALA D 248 -8.15 18.27 21.24
C ALA D 248 -9.58 18.66 20.85
N THR D 249 -9.88 18.65 19.55
CA THR D 249 -11.23 18.99 19.10
C THR D 249 -12.26 18.01 19.64
N LEU D 250 -11.91 16.72 19.72
CA LEU D 250 -12.84 15.74 20.26
C LEU D 250 -13.09 15.96 21.75
N LEU D 251 -12.03 16.20 22.54
CA LEU D 251 -12.23 16.46 23.96
C LEU D 251 -13.07 17.72 24.18
N ALA D 252 -12.78 18.78 23.42
CA ALA D 252 -13.61 19.97 23.47
C ALA D 252 -15.06 19.65 23.12
N ARG D 253 -15.27 18.77 22.14
CA ARG D 253 -16.64 18.37 21.80
C ARG D 253 -17.30 17.63 22.96
N LEU D 254 -16.54 16.86 23.73
CA LEU D 254 -17.14 16.14 24.84
C LEU D 254 -17.45 17.04 26.02
N VAL D 255 -16.71 18.13 26.21
CA VAL D 255 -16.99 19.04 27.32
C VAL D 255 -17.94 20.15 26.90
N GLY D 256 -18.46 20.06 25.67
CA GLY D 256 -19.41 21.06 25.21
C GLY D 256 -18.78 22.35 24.70
N CYS D 257 -17.65 22.26 24.02
CA CYS D 257 -16.96 23.43 23.48
C CYS D 257 -16.73 23.33 21.97
N PRO D 258 -16.85 24.46 21.26
CA PRO D 258 -17.33 25.76 21.73
C PRO D 258 -18.85 25.77 21.86
N PRO D 259 -19.45 26.87 22.36
CA PRO D 259 -20.91 26.96 22.34
C PRO D 259 -21.46 27.71 21.12
N GLY D 260 -22.78 27.85 21.06
CA GLY D 260 -23.45 28.80 20.18
C GLY D 260 -23.17 28.71 18.70
N GLY D 261 -23.44 27.55 18.09
CA GLY D 261 -23.20 27.36 16.67
C GLY D 261 -21.80 26.89 16.31
N ALA D 262 -20.94 26.66 17.30
CA ALA D 262 -19.60 26.10 17.13
C ALA D 262 -18.81 26.97 16.15
N GLY D 263 -18.38 26.45 15.01
CA GLY D 263 -17.51 27.19 14.12
C GLY D 263 -16.10 26.67 14.19
N GLY D 264 -15.25 27.35 13.44
CA GLY D 264 -13.89 26.91 13.29
C GLY D 264 -12.96 27.86 14.01
N ASN D 265 -13.52 28.67 14.91
CA ASN D 265 -12.68 29.55 15.71
C ASN D 265 -11.91 28.71 16.72
N ASP D 266 -10.57 28.75 16.62
CA ASP D 266 -9.74 28.06 17.59
C ASP D 266 -9.68 28.84 18.90
N THR D 267 -9.61 30.16 18.80
CA THR D 267 -9.61 31.01 19.99
C THR D 267 -10.89 30.85 20.79
N GLU D 268 -12.02 30.60 20.12
CA GLU D 268 -13.27 30.38 20.83
C GLU D 268 -13.32 29.00 21.48
N LEU D 269 -12.79 27.98 20.79
CA LEU D 269 -12.72 26.65 21.37
C LEU D 269 -11.85 26.63 22.62
N ILE D 270 -10.64 27.20 22.52
CA ILE D 270 -9.74 27.22 23.67
C ILE D 270 -10.26 28.17 24.74
N ALA D 271 -10.96 29.23 24.34
CA ALA D 271 -11.58 30.12 25.31
C ALA D 271 -12.65 29.39 26.12
N CYS D 272 -13.45 28.56 25.45
CA CYS D 272 -14.44 27.74 26.15
C CYS D 272 -13.75 26.72 27.05
N LEU D 273 -12.69 26.08 26.57
CA LEU D 273 -11.98 25.08 27.37
C LEU D 273 -11.35 25.69 28.62
N ARG D 274 -10.93 26.95 28.54
CA ARG D 274 -10.28 27.59 29.67
C ARG D 274 -11.25 27.95 30.79
N THR D 275 -12.55 27.87 30.54
CA THR D 275 -13.56 28.05 31.57
C THR D 275 -14.03 26.75 32.20
N ARG D 276 -13.58 25.63 31.72
CA ARG D 276 -14.03 24.36 32.28
C ARG D 276 -13.19 23.98 33.50
N PRO D 277 -13.82 23.46 34.53
CA PRO D 277 -13.07 22.92 35.67
C PRO D 277 -12.12 21.82 35.20
N ALA D 278 -10.98 21.72 35.86
CA ALA D 278 -9.94 20.78 35.44
C ALA D 278 -10.48 19.37 35.33
N GLN D 279 -11.25 18.94 36.34
CA GLN D 279 -11.75 17.57 36.35
C GLN D 279 -12.70 17.30 35.20
N ASP D 280 -13.34 18.33 34.65
CA ASP D 280 -14.17 18.13 33.46
C ASP D 280 -13.32 17.65 32.29
N LEU D 281 -12.10 18.15 32.19
CA LEU D 281 -11.18 17.70 31.14
C LEU D 281 -10.66 16.31 31.46
N VAL D 282 -10.21 16.11 32.70
CA VAL D 282 -9.63 14.81 33.06
C VAL D 282 -10.66 13.69 32.93
N ASP D 283 -11.95 14.00 33.12
CA ASP D 283 -12.99 12.99 32.99
C ASP D 283 -12.98 12.35 31.61
N HIS D 284 -12.79 13.16 30.56
CA HIS D 284 -12.80 12.68 29.19
C HIS D 284 -11.40 12.45 28.61
N GLU D 285 -10.35 12.62 29.41
CA GLU D 285 -8.98 12.45 28.91
C GLU D 285 -8.80 11.15 28.11
N TRP D 286 -9.23 10.02 28.67
CA TRP D 286 -8.92 8.74 28.03
C TRP D 286 -9.87 8.38 26.89
N HIS D 287 -10.95 9.13 26.68
CA HIS D 287 -11.92 8.78 25.66
C HIS D 287 -11.48 9.15 24.26
N VAL D 288 -10.42 9.94 24.10
CA VAL D 288 -10.04 10.45 22.79
C VAL D 288 -8.94 9.63 22.13
N LEU D 289 -8.50 8.54 22.76
CA LEU D 289 -7.54 7.65 22.10
C LEU D 289 -8.16 7.02 20.87
N PRO D 290 -7.47 6.99 19.73
CA PRO D 290 -8.12 6.55 18.49
C PRO D 290 -8.51 5.09 18.48
N GLN D 291 -7.72 4.21 19.10
CA GLN D 291 -8.02 2.78 19.14
C GLN D 291 -7.93 2.27 20.56
N GLU D 292 -8.53 1.09 20.79
CA GLU D 292 -8.41 0.45 22.09
C GLU D 292 -6.97 -0.02 22.27
N SER D 293 -6.34 0.43 23.35
CA SER D 293 -4.89 0.32 23.43
C SER D 293 -4.42 0.32 24.87
N ILE D 294 -3.18 -0.14 25.06
CA ILE D 294 -2.39 0.10 26.25
C ILE D 294 -1.07 0.71 25.80
N PHE D 295 -0.41 1.40 26.74
CA PHE D 295 0.82 2.12 26.45
C PHE D 295 0.59 3.15 25.34
N ARG D 296 -0.56 3.80 25.38
CA ARG D 296 -0.85 4.99 24.58
C ARG D 296 -1.42 6.05 25.50
N PHE D 297 -1.04 7.30 25.26
CA PHE D 297 -1.44 8.41 26.11
C PHE D 297 -2.01 9.52 25.25
N SER D 298 -3.12 10.12 25.72
CA SER D 298 -3.94 10.97 24.86
C SER D 298 -3.21 12.26 24.48
N PHE D 299 -2.60 12.92 25.44
CA PHE D 299 -1.97 14.21 25.20
C PHE D 299 -0.48 14.11 25.54
N VAL D 300 0.34 14.14 24.50
CA VAL D 300 1.79 13.96 24.60
C VAL D 300 2.42 15.05 23.75
N PRO D 301 3.76 15.17 23.70
CA PRO D 301 4.37 16.15 22.79
C PRO D 301 3.90 15.97 21.36
N VAL D 302 3.75 17.10 20.68
CA VAL D 302 3.28 17.14 19.29
C VAL D 302 4.45 17.58 18.42
N VAL D 303 4.45 17.13 17.17
CA VAL D 303 5.47 17.59 16.24
C VAL D 303 4.88 18.83 15.58
N ASP D 304 5.29 19.99 16.07
CA ASP D 304 4.74 21.27 15.67
C ASP D 304 5.63 22.01 14.69
N GLY D 305 6.78 21.46 14.33
CA GLY D 305 7.75 22.21 13.58
C GLY D 305 8.35 23.39 14.32
N ASP D 306 8.19 23.43 15.65
CA ASP D 306 8.75 24.51 16.45
C ASP D 306 9.69 23.94 17.53
N PHE D 307 9.11 23.39 18.60
CA PHE D 307 9.92 22.73 19.61
C PHE D 307 10.61 21.49 19.04
N LEU D 308 9.86 20.71 18.27
CA LEU D 308 10.43 19.65 17.43
C LEU D 308 10.37 20.13 15.99
N SER D 309 11.54 20.50 15.45
CA SER D 309 11.60 21.02 14.09
C SER D 309 11.19 19.98 13.06
N ASP D 310 11.29 18.70 13.40
CA ASP D 310 10.86 17.59 12.57
C ASP D 310 10.47 16.45 13.51
N THR D 311 10.09 15.32 12.94
CA THR D 311 9.76 14.17 13.77
C THR D 311 11.00 13.69 14.50
N PRO D 312 10.85 13.14 15.71
CA PRO D 312 12.05 12.72 16.46
C PRO D 312 12.90 11.71 15.72
N GLU D 313 12.27 10.78 14.98
CA GLU D 313 13.03 9.81 14.20
C GLU D 313 13.90 10.50 13.17
N ALA D 314 13.33 11.46 12.43
CA ALA D 314 14.11 12.20 11.45
C ALA D 314 15.24 12.99 12.12
N LEU D 315 14.97 13.58 13.28
CA LEU D 315 15.97 14.40 13.95
C LEU D 315 17.13 13.56 14.47
N ILE D 316 16.87 12.34 14.95
CA ILE D 316 17.97 11.51 15.41
C ILE D 316 18.69 10.87 14.22
N ASN D 317 17.99 10.65 13.10
CA ASN D 317 18.65 10.03 11.94
C ASN D 317 19.68 10.97 11.33
N THR D 318 19.32 12.24 11.15
CA THR D 318 20.14 13.22 10.44
C THR D 318 20.94 14.16 11.34
N GLY D 319 20.79 14.07 12.66
CA GLY D 319 21.39 15.05 13.55
C GLY D 319 22.90 14.97 13.62
N ASP D 320 23.50 15.98 14.27
CA ASP D 320 24.93 15.95 14.59
C ASP D 320 25.07 15.89 16.10
N PHE D 321 25.41 14.70 16.61
CA PHE D 321 25.53 14.43 18.04
C PHE D 321 26.98 14.36 18.51
N GLN D 322 27.94 14.77 17.68
CA GLN D 322 29.36 14.55 17.94
C GLN D 322 29.77 14.85 19.38
N ASP D 323 29.39 16.03 19.89
CA ASP D 323 29.62 16.29 21.31
C ASP D 323 28.29 16.05 22.00
N LEU D 324 28.13 14.83 22.51
CA LEU D 324 27.03 14.44 23.38
C LEU D 324 27.47 13.19 24.12
N GLN D 325 27.00 13.05 25.35
CA GLN D 325 27.32 11.87 26.16
C GLN D 325 26.02 11.37 26.78
N VAL D 326 25.60 10.17 26.39
CA VAL D 326 24.26 9.67 26.69
C VAL D 326 24.40 8.35 27.43
N LEU D 327 23.54 8.15 28.42
CA LEU D 327 23.37 6.88 29.09
C LEU D 327 21.92 6.42 28.91
N VAL D 328 21.74 5.22 28.38
CA VAL D 328 20.41 4.68 28.09
C VAL D 328 20.31 3.26 28.61
N GLY D 329 19.08 2.78 28.75
CA GLY D 329 18.86 1.43 29.23
C GLY D 329 17.39 1.14 29.43
N VAL D 330 17.11 -0.13 29.72
CA VAL D 330 15.76 -0.63 29.91
C VAL D 330 15.74 -1.52 31.14
N VAL D 331 14.54 -2.04 31.47
CA VAL D 331 14.40 -3.01 32.55
C VAL D 331 14.00 -4.34 31.94
N LYS D 332 13.93 -5.39 32.76
CA LYS D 332 13.81 -6.74 32.23
C LYS D 332 12.48 -6.94 31.51
N ASP D 333 11.36 -6.70 32.22
CA ASP D 333 10.04 -6.76 31.62
C ASP D 333 9.46 -5.35 31.62
N GLU D 334 9.48 -4.69 30.45
CA GLU D 334 8.98 -3.33 30.38
C GLU D 334 7.46 -3.29 30.29
N GLY D 335 6.89 -4.21 29.52
CA GLY D 335 5.47 -4.15 29.24
C GLY D 335 4.55 -4.87 30.20
N SER D 336 5.09 -5.46 31.27
CA SER D 336 4.32 -6.35 32.12
C SER D 336 3.03 -5.74 32.66
N TYR D 337 3.11 -4.73 33.54
CA TYR D 337 1.89 -4.27 34.19
C TYR D 337 0.94 -3.55 33.24
N PHE D 338 1.44 -2.99 32.14
CA PHE D 338 0.54 -2.44 31.12
C PHE D 338 -0.51 -3.45 30.70
N LEU D 339 -0.16 -4.75 30.70
CA LEU D 339 -1.11 -5.78 30.29
C LEU D 339 -2.37 -5.77 31.14
N VAL D 340 -2.28 -5.45 32.43
CA VAL D 340 -3.46 -5.54 33.29
C VAL D 340 -4.38 -4.34 33.11
N TYR D 341 -4.01 -3.41 32.25
CA TYR D 341 -4.73 -2.17 32.01
C TYR D 341 -5.74 -2.28 30.86
N GLY D 342 -6.20 -3.49 30.55
CA GLY D 342 -7.17 -3.70 29.51
C GLY D 342 -6.86 -4.61 28.34
N VAL D 343 -5.82 -5.43 28.44
CA VAL D 343 -5.72 -6.67 27.68
C VAL D 343 -6.48 -7.74 28.46
N PRO D 344 -7.60 -8.24 27.95
CA PRO D 344 -8.43 -9.16 28.75
C PRO D 344 -7.73 -10.48 29.01
N GLY D 345 -7.92 -10.99 30.23
CA GLY D 345 -7.26 -12.19 30.70
C GLY D 345 -6.05 -11.95 31.58
N PHE D 346 -5.59 -10.71 31.69
CA PHE D 346 -4.42 -10.36 32.48
C PHE D 346 -4.84 -9.65 33.75
N SER D 347 -4.40 -10.18 34.89
CA SER D 347 -4.67 -9.58 36.19
C SER D 347 -3.46 -9.81 37.08
N LYS D 348 -3.25 -8.91 38.04
CA LYS D 348 -2.15 -9.04 38.98
C LYS D 348 -2.39 -10.10 40.04
N ASP D 349 -3.62 -10.59 40.18
CA ASP D 349 -3.96 -11.49 41.27
C ASP D 349 -3.95 -12.98 40.86
N ASN D 350 -3.74 -13.29 39.58
CA ASN D 350 -3.54 -14.68 39.18
C ASN D 350 -2.34 -14.74 38.22
N GLU D 351 -2.03 -15.94 37.74
CA GLU D 351 -0.86 -16.10 36.87
C GLU D 351 -1.07 -15.54 35.47
N SER D 352 -2.30 -15.15 35.13
CA SER D 352 -2.60 -14.59 33.81
C SER D 352 -2.20 -15.55 32.69
N LEU D 353 -2.39 -16.84 32.94
CA LEU D 353 -2.25 -17.82 31.86
C LEU D 353 -3.38 -17.60 30.87
N ILE D 354 -3.03 -17.39 29.61
CA ILE D 354 -3.99 -16.93 28.62
C ILE D 354 -4.02 -17.91 27.46
N SER D 355 -5.15 -17.91 26.75
CA SER D 355 -5.31 -18.76 25.58
C SER D 355 -4.66 -18.13 24.37
N ARG D 356 -4.64 -18.87 23.26
CA ARG D 356 -4.04 -18.32 22.05
C ARG D 356 -4.89 -17.18 21.50
N ALA D 357 -6.22 -17.34 21.52
CA ALA D 357 -7.10 -16.27 21.07
C ALA D 357 -6.90 -15.01 21.91
N GLN D 358 -6.78 -15.19 23.23
CA GLN D 358 -6.51 -14.06 24.11
C GLN D 358 -5.19 -13.39 23.76
N PHE D 359 -4.20 -14.18 23.30
CA PHE D 359 -2.93 -13.59 22.89
C PHE D 359 -3.06 -12.80 21.60
N LEU D 360 -3.86 -13.31 20.65
CA LEU D 360 -4.05 -12.58 19.40
C LEU D 360 -4.75 -11.24 19.64
N ALA D 361 -5.85 -11.26 20.41
CA ALA D 361 -6.50 -10.01 20.79
C ALA D 361 -5.55 -9.10 21.54
N GLY D 362 -4.76 -9.66 22.46
CA GLY D 362 -3.77 -8.88 23.16
C GLY D 362 -2.77 -8.20 22.24
N VAL D 363 -2.41 -8.85 21.13
CA VAL D 363 -1.55 -8.20 20.17
C VAL D 363 -2.28 -7.04 19.50
N ARG D 364 -3.58 -7.21 19.20
CA ARG D 364 -4.29 -6.08 18.59
C ARG D 364 -4.37 -4.89 19.53
N ILE D 365 -4.45 -5.13 20.85
CA ILE D 365 -4.49 -4.02 21.79
C ILE D 365 -3.10 -3.42 22.00
N GLY D 366 -2.09 -4.27 22.21
CA GLY D 366 -0.77 -3.79 22.55
C GLY D 366 0.00 -3.18 21.40
N VAL D 367 -0.41 -3.48 20.17
CA VAL D 367 0.15 -2.83 18.99
C VAL D 367 -1.03 -2.20 18.25
N PRO D 368 -1.64 -1.14 18.81
CA PRO D 368 -2.94 -0.69 18.28
C PRO D 368 -2.87 -0.09 16.90
N GLN D 369 -1.74 0.49 16.51
CA GLN D 369 -1.61 1.11 15.20
C GLN D 369 -1.14 0.12 14.13
N ALA D 370 -1.04 -1.16 14.48
CA ALA D 370 -0.65 -2.18 13.52
C ALA D 370 -1.80 -2.54 12.59
N SER D 371 -1.48 -2.78 11.31
CA SER D 371 -2.45 -3.30 10.38
C SER D 371 -2.67 -4.79 10.65
N ASP D 372 -3.56 -5.41 9.87
CA ASP D 372 -3.80 -6.84 10.01
C ASP D 372 -2.54 -7.63 9.67
N LEU D 373 -1.87 -7.25 8.59
CA LEU D 373 -0.65 -7.94 8.18
C LEU D 373 0.47 -7.74 9.20
N ALA D 374 0.59 -6.52 9.73
CA ALA D 374 1.62 -6.27 10.72
C ALA D 374 1.37 -7.04 12.00
N ALA D 375 0.10 -7.17 12.39
CA ALA D 375 -0.24 -7.98 13.56
C ALA D 375 0.07 -9.46 13.30
N GLU D 376 -0.21 -9.94 12.09
CA GLU D 376 0.16 -11.31 11.73
C GLU D 376 1.67 -11.51 11.86
N ALA D 377 2.46 -10.54 11.41
CA ALA D 377 3.91 -10.63 11.55
C ALA D 377 4.33 -10.67 13.01
N VAL D 378 3.69 -9.85 13.85
CA VAL D 378 4.07 -9.83 15.26
C VAL D 378 3.74 -11.17 15.91
N VAL D 379 2.58 -11.73 15.58
CA VAL D 379 2.20 -13.04 16.13
C VAL D 379 3.20 -14.10 15.70
N LEU D 380 3.53 -14.13 14.40
CA LEU D 380 4.52 -15.09 13.92
C LEU D 380 5.83 -14.95 14.67
N HIS D 381 6.30 -13.72 14.86
CA HIS D 381 7.61 -13.52 15.44
C HIS D 381 7.64 -13.93 16.91
N TYR D 382 6.59 -13.61 17.66
CA TYR D 382 6.62 -13.85 19.10
C TYR D 382 6.06 -15.21 19.51
N THR D 383 5.52 -15.99 18.58
CA THR D 383 5.00 -17.31 18.90
C THR D 383 6.13 -18.33 18.92
N ASP D 384 6.08 -19.23 19.91
CA ASP D 384 6.90 -20.44 19.89
C ASP D 384 6.09 -21.51 19.20
N TRP D 385 6.54 -21.94 18.02
CA TRP D 385 5.74 -22.87 17.23
C TRP D 385 5.98 -24.32 17.63
N LEU D 386 6.85 -24.57 18.60
CA LEU D 386 6.88 -25.87 19.26
C LEU D 386 5.81 -25.98 20.33
N HIS D 387 5.51 -24.87 21.03
CA HIS D 387 4.41 -24.80 21.99
C HIS D 387 3.56 -23.57 21.68
N PRO D 388 2.77 -23.62 20.60
CA PRO D 388 1.96 -22.45 20.25
C PRO D 388 0.83 -22.15 21.21
N GLU D 389 0.35 -23.15 21.96
CA GLU D 389 -0.77 -22.96 22.89
C GLU D 389 -0.31 -22.75 24.33
N ASP D 390 0.98 -22.83 24.62
CA ASP D 390 1.45 -22.83 26.00
C ASP D 390 1.11 -21.52 26.68
N PRO D 391 0.26 -21.51 27.70
CA PRO D 391 -0.19 -20.23 28.27
C PRO D 391 0.91 -19.41 28.91
N THR D 392 1.91 -20.05 29.52
CA THR D 392 3.01 -19.31 30.12
C THR D 392 3.80 -18.54 29.07
N HIS D 393 4.20 -19.22 27.99
CA HIS D 393 4.92 -18.52 26.94
C HIS D 393 4.07 -17.48 26.26
N LEU D 394 2.75 -17.71 26.18
CA LEU D 394 1.88 -16.70 25.57
C LEU D 394 1.81 -15.44 26.43
N ARG D 395 1.68 -15.62 27.74
CA ARG D 395 1.65 -14.47 28.65
C ARG D 395 2.97 -13.72 28.63
N ASP D 396 4.08 -14.42 28.88
CA ASP D 396 5.39 -13.78 28.84
C ASP D 396 5.65 -13.12 27.49
N ALA D 397 5.17 -13.74 26.41
CA ALA D 397 5.39 -13.19 25.07
C ALA D 397 4.53 -11.96 24.82
N MET D 398 3.36 -11.88 25.47
CA MET D 398 2.57 -10.65 25.41
C MET D 398 3.31 -9.50 26.10
N SER D 399 3.80 -9.76 27.32
CA SER D 399 4.61 -8.75 28.00
C SER D 399 5.79 -8.33 27.13
N ALA D 400 6.45 -9.31 26.48
CA ALA D 400 7.59 -8.99 25.63
C ALA D 400 7.19 -8.16 24.43
N VAL D 401 6.02 -8.44 23.84
CA VAL D 401 5.54 -7.64 22.71
C VAL D 401 5.40 -6.19 23.12
N VAL D 402 4.65 -5.93 24.20
CA VAL D 402 4.44 -4.55 24.61
C VAL D 402 5.76 -3.87 24.95
N GLY D 403 6.61 -4.55 25.73
CA GLY D 403 7.84 -3.94 26.18
C GLY D 403 8.81 -3.63 25.06
N ASP D 404 9.01 -4.59 24.15
CA ASP D 404 9.89 -4.35 23.01
C ASP D 404 9.34 -3.25 22.12
N HIS D 405 8.05 -3.30 21.79
CA HIS D 405 7.46 -2.34 20.89
C HIS D 405 7.63 -0.91 21.42
N ASN D 406 7.22 -0.68 22.68
CA ASN D 406 7.19 0.68 23.21
C ASN D 406 8.51 1.19 23.79
N VAL D 407 9.41 0.31 24.23
CA VAL D 407 10.57 0.78 24.99
C VAL D 407 11.88 0.22 24.45
N VAL D 408 12.05 -1.11 24.54
CA VAL D 408 13.36 -1.72 24.29
C VAL D 408 13.84 -1.42 22.88
N CYS D 409 13.01 -1.68 21.87
CA CYS D 409 13.42 -1.44 20.50
C CYS D 409 13.58 0.04 20.19
N PRO D 410 12.71 0.94 20.68
CA PRO D 410 13.02 2.37 20.53
C PRO D 410 14.32 2.78 21.18
N VAL D 411 14.64 2.23 22.35
CA VAL D 411 15.93 2.52 22.99
C VAL D 411 17.09 2.03 22.13
N ALA D 412 16.97 0.82 21.57
CA ALA D 412 18.01 0.29 20.71
C ALA D 412 18.17 1.14 19.46
N GLN D 413 17.06 1.61 18.89
CA GLN D 413 17.12 2.49 17.73
C GLN D 413 17.84 3.79 18.09
N LEU D 414 17.50 4.37 19.23
CA LEU D 414 18.12 5.64 19.63
C LEU D 414 19.61 5.47 19.89
N ALA D 415 20.00 4.38 20.56
CA ALA D 415 21.42 4.17 20.84
C ALA D 415 22.20 3.92 19.55
N GLY D 416 21.61 3.18 18.62
CA GLY D 416 22.28 2.95 17.35
C GLY D 416 22.45 4.23 16.55
N ARG D 417 21.42 5.07 16.51
CA ARG D 417 21.51 6.32 15.77
C ARG D 417 22.50 7.28 16.43
N LEU D 418 22.37 7.50 17.74
CA LEU D 418 23.28 8.42 18.43
C LEU D 418 24.72 7.95 18.33
N ALA D 419 24.96 6.64 18.51
CA ALA D 419 26.32 6.12 18.37
C ALA D 419 26.83 6.30 16.95
N ALA D 420 25.96 6.10 15.95
CA ALA D 420 26.37 6.28 14.55
C ALA D 420 26.70 7.74 14.25
N GLN D 421 26.02 8.67 14.90
CA GLN D 421 26.20 10.09 14.64
C GLN D 421 27.30 10.73 15.48
N GLY D 422 28.05 9.94 16.24
CA GLY D 422 29.20 10.44 16.97
C GLY D 422 29.03 10.68 18.45
N ALA D 423 27.90 10.29 19.03
CA ALA D 423 27.73 10.41 20.47
C ALA D 423 28.45 9.28 21.20
N ARG D 424 28.79 9.54 22.46
CA ARG D 424 29.32 8.51 23.35
C ARG D 424 28.15 7.93 24.13
N VAL D 425 27.80 6.67 23.84
CA VAL D 425 26.59 6.05 24.36
C VAL D 425 26.97 4.95 25.34
N TYR D 426 26.26 4.88 26.45
CA TYR D 426 26.37 3.79 27.40
C TYR D 426 24.99 3.15 27.57
N ALA D 427 24.96 1.82 27.55
CA ALA D 427 23.72 1.06 27.55
C ALA D 427 23.71 0.06 28.69
N TYR D 428 22.57 -0.05 29.35
CA TYR D 428 22.38 -1.00 30.44
C TYR D 428 21.05 -1.73 30.26
N ILE D 429 20.89 -2.81 31.02
CA ILE D 429 19.59 -3.45 31.21
C ILE D 429 19.47 -3.79 32.69
N PHE D 430 18.40 -3.34 33.33
CA PHE D 430 18.22 -3.50 34.77
C PHE D 430 17.43 -4.78 35.02
N GLU D 431 18.10 -5.80 35.54
CA GLU D 431 17.52 -7.13 35.72
C GLU D 431 17.11 -7.48 37.15
N HIS D 432 17.27 -6.57 38.11
CA HIS D 432 17.03 -6.90 39.52
C HIS D 432 15.61 -6.53 39.94
N ARG D 433 14.92 -7.51 40.53
CA ARG D 433 13.58 -7.30 41.07
C ARG D 433 13.68 -6.99 42.55
N ALA D 434 13.12 -5.85 42.96
CA ALA D 434 13.22 -5.43 44.35
C ALA D 434 12.56 -6.44 45.29
N SER D 435 13.19 -6.68 46.42
CA SER D 435 12.63 -7.61 47.40
C SER D 435 11.32 -7.09 47.96
N THR D 436 11.12 -5.76 47.93
CA THR D 436 9.96 -5.12 48.48
C THR D 436 8.83 -4.98 47.46
N LEU D 437 9.00 -5.52 46.27
CA LEU D 437 8.03 -5.33 45.20
C LEU D 437 6.69 -5.96 45.55
N THR D 438 5.60 -5.21 45.35
CA THR D 438 4.25 -5.67 45.63
C THR D 438 3.52 -6.23 44.40
N TRP D 439 4.07 -6.07 43.20
CA TRP D 439 3.45 -6.64 42.02
C TRP D 439 3.67 -8.15 41.96
N PRO D 440 2.87 -8.88 41.19
CA PRO D 440 2.98 -10.34 41.19
C PRO D 440 4.31 -10.81 40.62
N LEU D 441 4.63 -12.08 40.90
CA LEU D 441 5.92 -12.64 40.48
C LEU D 441 6.04 -12.68 38.96
N TRP D 442 4.96 -12.99 38.25
CA TRP D 442 5.04 -13.19 36.81
C TRP D 442 5.40 -11.92 36.05
N MET D 443 5.33 -10.74 36.68
CA MET D 443 5.64 -9.49 36.01
C MET D 443 7.11 -9.12 36.08
N GLY D 444 7.92 -9.87 36.82
CA GLY D 444 9.37 -9.70 36.76
C GLY D 444 9.80 -8.36 37.30
N VAL D 445 10.61 -7.65 36.52
CA VAL D 445 11.03 -6.28 36.84
C VAL D 445 10.20 -5.34 35.98
N PRO D 446 9.20 -4.67 36.53
CA PRO D 446 8.28 -3.89 35.70
C PRO D 446 8.80 -2.49 35.39
N HIS D 447 7.99 -1.76 34.63
CA HIS D 447 8.36 -0.44 34.13
C HIS D 447 8.55 0.54 35.28
N GLY D 448 9.74 1.13 35.36
CA GLY D 448 10.04 2.15 36.35
C GLY D 448 10.49 1.66 37.70
N TYR D 449 10.86 0.39 37.85
CA TYR D 449 11.25 -0.13 39.15
C TYR D 449 12.76 -0.14 39.36
N GLU D 450 13.52 0.47 38.47
CA GLU D 450 14.92 0.78 38.76
C GLU D 450 15.10 2.09 39.50
N ILE D 451 14.07 2.96 39.53
CA ILE D 451 14.23 4.31 40.07
C ILE D 451 14.56 4.28 41.55
N GLU D 452 13.93 3.37 42.30
CA GLU D 452 14.18 3.26 43.74
C GLU D 452 15.67 3.16 44.03
N PHE D 453 16.39 2.38 43.22
CA PHE D 453 17.80 2.11 43.49
C PHE D 453 18.71 3.22 42.99
N ILE D 454 18.35 3.88 41.89
CA ILE D 454 19.14 5.01 41.40
C ILE D 454 19.15 6.14 42.43
N PHE D 455 17.99 6.38 43.07
CA PHE D 455 17.90 7.43 44.06
C PHE D 455 18.40 7.00 45.43
N GLY D 456 18.75 5.74 45.61
CA GLY D 456 19.36 5.29 46.85
C GLY D 456 18.42 5.01 47.99
N LEU D 457 17.14 4.78 47.70
CA LEU D 457 16.19 4.41 48.76
C LEU D 457 16.64 3.22 49.60
N PRO D 458 17.27 2.16 49.07
CA PRO D 458 17.68 1.05 49.96
C PRO D 458 18.65 1.44 51.06
N LEU D 459 19.28 2.61 50.96
CA LEU D 459 20.17 3.06 52.02
C LEU D 459 19.39 3.46 53.27
N ASP D 460 18.09 3.67 53.16
CA ASP D 460 17.24 3.91 54.31
C ASP D 460 16.94 2.59 54.98
N PRO D 461 17.44 2.37 56.21
CA PRO D 461 17.24 1.05 56.86
C PRO D 461 15.80 0.80 57.27
N SER D 462 15.00 1.84 57.49
CA SER D 462 13.60 1.67 57.87
C SER D 462 12.72 1.19 56.72
N LEU D 463 13.24 1.18 55.49
CA LEU D 463 12.47 0.78 54.32
C LEU D 463 12.47 -0.72 54.08
N ASN D 464 13.15 -1.49 54.94
CA ASN D 464 13.11 -2.95 54.92
C ASN D 464 13.67 -3.53 53.62
N TYR D 465 14.75 -2.95 53.10
CA TYR D 465 15.46 -3.58 52.02
C TYR D 465 16.47 -4.59 52.56
N THR D 466 17.07 -5.36 51.65
CA THR D 466 18.16 -6.26 51.98
C THR D 466 19.50 -5.53 51.93
N THR D 467 20.48 -6.07 52.67
CA THR D 467 21.82 -5.50 52.65
C THR D 467 22.44 -5.54 51.25
N GLU D 468 22.23 -6.65 50.53
CA GLU D 468 22.69 -6.73 49.15
C GLU D 468 22.07 -5.66 48.28
N GLU D 469 20.81 -5.31 48.54
CA GLU D 469 20.17 -4.22 47.81
C GLU D 469 20.72 -2.87 48.23
N ARG D 470 21.24 -2.76 49.45
CA ARG D 470 21.86 -1.51 49.88
C ARG D 470 23.17 -1.29 49.14
N ILE D 471 24.05 -2.30 49.13
CA ILE D 471 25.32 -2.15 48.40
C ILE D 471 25.05 -2.01 46.90
N PHE D 472 24.00 -2.69 46.41
CA PHE D 472 23.62 -2.54 45.01
C PHE D 472 23.23 -1.11 44.68
N ALA D 473 22.38 -0.51 45.53
CA ALA D 473 21.97 0.87 45.31
C ALA D 473 23.16 1.81 45.39
N GLN D 474 24.09 1.56 46.33
CA GLN D 474 25.29 2.39 46.40
C GLN D 474 26.08 2.31 45.12
N ARG D 475 26.24 1.11 44.56
CA ARG D 475 26.96 0.96 43.29
C ARG D 475 26.27 1.74 42.18
N LEU D 476 24.94 1.64 42.10
CA LEU D 476 24.24 2.36 41.03
C LEU D 476 24.39 3.88 41.19
N MET D 477 24.27 4.38 42.42
CA MET D 477 24.52 5.80 42.67
C MET D 477 25.93 6.20 42.24
N LYS D 478 26.90 5.31 42.46
CA LYS D 478 28.26 5.56 41.97
C LYS D 478 28.29 5.65 40.44
N TYR D 479 27.58 4.74 39.75
CA TYR D 479 27.55 4.78 38.29
C TYR D 479 26.97 6.10 37.79
N TRP D 480 25.77 6.44 38.26
CA TRP D 480 25.10 7.64 37.78
C TRP D 480 25.89 8.90 38.10
N THR D 481 26.36 9.02 39.35
CA THR D 481 27.10 10.22 39.73
C THR D 481 28.42 10.31 38.99
N ASN D 482 29.11 9.18 38.79
CA ASN D 482 30.31 9.16 37.96
C ASN D 482 30.02 9.67 36.56
N PHE D 483 28.92 9.19 35.96
CA PHE D 483 28.54 9.67 34.63
C PHE D 483 28.29 11.18 34.64
N ALA D 484 27.49 11.66 35.59
CA ALA D 484 27.16 13.08 35.62
C ALA D 484 28.41 13.93 35.78
N ARG D 485 29.37 13.46 36.59
CA ARG D 485 30.59 14.21 36.84
C ARG D 485 31.54 14.21 35.63
N THR D 486 31.96 13.02 35.20
CA THR D 486 32.97 12.89 34.15
C THR D 486 32.42 12.56 32.78
N GLY D 487 31.11 12.34 32.63
CA GLY D 487 30.64 11.83 31.37
C GLY D 487 30.97 10.38 31.11
N ASP D 488 31.48 9.66 32.11
CA ASP D 488 31.79 8.24 32.00
C ASP D 488 31.26 7.57 33.26
N PRO D 489 30.53 6.46 33.14
CA PRO D 489 30.03 5.78 34.36
C PRO D 489 31.10 5.05 35.14
N ASN D 490 32.20 4.68 34.50
CA ASN D 490 33.22 3.89 35.17
C ASN D 490 34.01 4.73 36.16
N ASP D 491 34.42 4.09 37.24
CA ASP D 491 35.18 4.80 38.27
C ASP D 491 36.58 5.08 37.77
N PRO D 492 37.06 6.32 37.85
CA PRO D 492 38.41 6.63 37.38
C PRO D 492 39.46 5.83 38.14
N ARG D 493 40.62 5.68 37.50
CA ARG D 493 41.68 4.80 38.01
C ARG D 493 41.09 3.40 38.18
N ASP D 494 41.03 2.91 39.42
CA ASP D 494 40.25 1.70 39.71
C ASP D 494 40.71 0.46 38.95
N SER D 495 39.86 0.02 38.01
CA SER D 495 39.78 -1.29 37.38
C SER D 495 39.52 -2.41 38.38
N LYS D 496 39.88 -3.64 38.03
CA LYS D 496 39.47 -4.85 38.77
C LYS D 496 37.94 -4.94 38.88
N SER D 497 37.24 -3.87 38.48
CA SER D 497 35.80 -3.72 38.68
C SER D 497 35.22 -3.62 37.29
N PRO D 498 34.91 -4.76 36.65
CA PRO D 498 34.96 -4.84 35.17
C PRO D 498 34.28 -3.65 34.49
N GLN D 499 35.00 -3.07 33.52
CA GLN D 499 34.63 -1.78 32.97
C GLN D 499 33.33 -1.87 32.17
N TRP D 500 32.69 -0.71 32.03
CA TRP D 500 31.46 -0.60 31.27
C TRP D 500 31.81 -0.02 29.90
N PRO D 501 31.80 -0.81 28.83
CA PRO D 501 32.19 -0.29 27.52
C PRO D 501 31.11 0.59 26.92
N PRO D 502 31.48 1.56 26.09
CA PRO D 502 30.46 2.35 25.40
C PRO D 502 29.73 1.51 24.37
N TYR D 503 28.43 1.78 24.22
CA TYR D 503 27.66 1.16 23.16
C TYR D 503 28.09 1.72 21.81
N THR D 504 28.47 0.82 20.90
CA THR D 504 28.93 1.20 19.57
C THR D 504 28.12 0.44 18.53
N THR D 505 28.20 0.92 17.28
CA THR D 505 27.46 0.27 16.21
C THR D 505 28.06 -1.10 15.89
N ALA D 506 29.39 -1.20 15.86
CA ALA D 506 30.04 -2.46 15.52
C ALA D 506 29.86 -3.50 16.63
N ALA D 507 30.24 -3.15 17.86
CA ALA D 507 30.24 -4.10 18.96
C ALA D 507 28.86 -4.29 19.57
N GLN D 508 28.10 -3.20 19.74
CA GLN D 508 26.78 -3.22 20.37
C GLN D 508 26.85 -3.71 21.82
N GLN D 509 27.79 -3.15 22.58
CA GLN D 509 28.04 -3.61 23.94
C GLN D 509 27.16 -2.86 24.95
N TYR D 510 26.51 -3.63 25.83
CA TYR D 510 25.78 -3.11 26.97
C TYR D 510 26.08 -3.98 28.18
N VAL D 511 25.70 -3.50 29.36
CA VAL D 511 25.97 -4.24 30.59
C VAL D 511 24.65 -4.58 31.26
N SER D 512 24.71 -5.58 32.13
CA SER D 512 23.58 -5.96 32.97
C SER D 512 23.76 -5.33 34.35
N LEU D 513 22.71 -4.67 34.83
CA LEU D 513 22.69 -4.11 36.19
C LEU D 513 21.85 -5.04 37.07
N ASN D 514 22.51 -5.77 37.96
CA ASN D 514 21.85 -6.69 38.88
C ASN D 514 22.78 -6.92 40.06
N LEU D 515 22.43 -7.89 40.91
CA LEU D 515 23.22 -8.12 42.12
C LEU D 515 24.62 -8.61 41.79
N LYS D 516 24.76 -9.40 40.73
CA LYS D 516 26.06 -9.92 40.34
C LYS D 516 26.91 -8.81 39.72
N PRO D 517 28.23 -8.97 39.68
CA PRO D 517 29.09 -7.93 39.11
C PRO D 517 28.78 -7.68 37.65
N LEU D 518 29.25 -6.52 37.16
CA LEU D 518 28.94 -6.08 35.81
C LEU D 518 29.29 -7.14 34.78
N GLU D 519 28.31 -7.48 33.96
CA GLU D 519 28.45 -8.46 32.89
C GLU D 519 28.16 -7.75 31.57
N VAL D 520 29.10 -7.81 30.65
CA VAL D 520 28.97 -7.13 29.36
C VAL D 520 28.34 -8.08 28.36
N ARG D 521 27.33 -7.60 27.65
CA ARG D 521 26.63 -8.36 26.63
C ARG D 521 26.65 -7.61 25.31
N ARG D 522 26.41 -8.34 24.23
CA ARG D 522 26.31 -7.76 22.90
C ARG D 522 24.91 -7.98 22.36
N GLY D 523 24.51 -7.12 21.42
CA GLY D 523 23.25 -7.34 20.75
C GLY D 523 21.99 -7.13 21.57
N LEU D 524 21.70 -5.89 21.97
CA LEU D 524 20.48 -5.65 22.75
C LEU D 524 19.26 -5.98 21.91
N ARG D 525 18.57 -7.08 22.27
CA ARG D 525 17.47 -7.67 21.51
C ARG D 525 17.69 -7.47 20.02
N ALA D 526 18.77 -8.05 19.47
CA ALA D 526 19.26 -7.63 18.17
C ALA D 526 18.32 -8.06 17.05
N GLN D 527 17.90 -9.32 17.06
CA GLN D 527 17.08 -9.83 15.96
C GLN D 527 15.67 -9.27 16.01
N THR D 528 15.07 -9.22 17.21
CA THR D 528 13.70 -8.75 17.34
C THR D 528 13.59 -7.27 16.99
N CYS D 529 14.47 -6.45 17.55
CA CYS D 529 14.41 -5.02 17.27
C CYS D 529 14.79 -4.69 15.83
N ALA D 530 15.48 -5.58 15.14
CA ALA D 530 15.60 -5.45 13.70
C ALA D 530 14.26 -5.66 13.01
N PHE D 531 13.43 -6.54 13.56
CA PHE D 531 12.09 -6.74 13.05
C PHE D 531 11.23 -5.49 13.26
N TRP D 532 11.15 -5.01 14.51
CA TRP D 532 10.37 -3.83 14.83
C TRP D 532 10.86 -2.60 14.07
N ASN D 533 12.16 -2.31 14.18
CA ASN D 533 12.71 -1.05 13.65
C ASN D 533 12.91 -1.08 12.14
N ARG D 534 13.20 -2.24 11.58
CA ARG D 534 13.53 -2.36 10.16
C ARG D 534 12.35 -2.85 9.34
N PHE D 535 11.80 -4.03 9.65
CA PHE D 535 10.85 -4.69 8.77
C PHE D 535 9.45 -4.07 8.82
N LEU D 536 8.82 -4.09 10.00
CA LEU D 536 7.45 -3.61 10.14
C LEU D 536 7.18 -2.25 9.48
N PRO D 537 8.09 -1.27 9.49
CA PRO D 537 7.86 -0.07 8.66
C PRO D 537 7.54 -0.39 7.20
N LYS D 538 8.25 -1.32 6.58
CA LYS D 538 8.00 -1.67 5.19
C LYS D 538 6.61 -2.24 4.96
N LEU D 539 5.88 -2.60 6.03
CA LEU D 539 4.61 -3.28 5.91
C LEU D 539 3.44 -2.29 5.88
C01 G0W E . -22.99 24.09 23.28
C02 G0W E . -24.15 23.99 22.27
N03 G0W E . -23.71 23.43 20.86
C04 G0W E . -24.27 21.99 20.69
C05 G0W E . -24.84 21.32 21.93
C06 G0W E . -24.29 24.37 19.76
C07 G0W E . -23.82 24.11 18.28
C08 G0W E . -24.87 23.48 17.32
C09 G0W E . -24.31 22.48 16.27
C10 G0W E . -23.67 23.09 15.00
N11 G0W E . -23.80 22.25 13.76
C12 G0W E . -22.81 21.34 13.31
C13 G0W E . -21.55 21.19 14.13
C14 G0W E . -23.04 20.64 12.18
C15 G0W E . -24.27 20.76 11.36
O16 G0W E . -24.50 20.13 10.33
N17 G0W E . -25.26 21.70 11.83
C18 G0W E . -26.54 21.91 11.08
C19 G0W E . -26.59 23.26 10.31
C20 G0W E . -27.56 23.27 9.08
C21 G0W E . -28.64 24.41 8.99
C22 G0W E . -29.66 24.48 10.15
N23 G0W E . -31.15 24.98 9.78
C24 G0W E . -31.56 26.04 10.86
C25 G0W E . -31.57 25.47 12.28
C26 G0W E . -31.16 25.65 8.36
C27 G0W E . -31.12 27.18 8.38
C28 G0W E . -32.16 23.79 9.81
C29 G0W E . -32.65 23.14 8.51
C30 G0W E . -33.80 23.61 7.87
C31 G0W E . -34.30 23.07 6.68
C32 G0W E . -33.66 22.01 6.10
C33 G0W E . -32.51 21.48 6.70
C34 G0W E . -32.01 22.03 7.89
N35 G0W E . -30.76 21.34 8.41
O36 G0W E . -30.29 21.52 9.49
O37 G0W E . -30.23 20.54 7.62
C38 G0W E . -25.02 22.43 13.00
O39 G0W E . -25.84 23.23 13.43
C40 G0W E . -22.08 23.28 20.75
C41 G0W E . -21.44 21.89 20.84
C42 G0W E . -21.35 21.23 22.07
C43 G0W E . -20.79 19.96 22.22
C44 G0W E . -20.26 19.30 21.13
C45 G0W E . -20.30 19.90 19.87
C46 G0W E . -20.87 21.18 19.72
N47 G0W E . -20.83 21.68 18.28
O48 G0W E . -21.45 22.64 17.90
O49 G0W E . -20.09 21.04 17.55
C1 NAG F . -31.09 -5.75 34.66
C2 NAG F . -31.88 -7.02 34.44
C3 NAG F . -32.54 -7.45 35.74
C4 NAG F . -31.50 -7.56 36.85
C5 NAG F . -30.64 -6.30 36.93
C6 NAG F . -29.48 -6.43 37.88
C7 NAG F . -32.97 -7.67 32.33
C8 NAG F . -32.00 -8.80 32.28
N2 NAG F . -32.87 -6.85 33.38
O3 NAG F . -33.22 -8.69 35.55
O4 NAG F . -32.17 -7.76 38.09
O5 NAG F . -30.09 -5.97 35.64
O6 NAG F . -28.62 -5.30 37.81
O7 NAG F . -33.82 -7.49 31.45
CL CL G . -24.13 3.48 -8.60
CL CL H . -22.76 31.13 -6.31
CL CL I . -34.37 33.24 -12.69
CL CL J . -20.23 17.19 -14.20
CL CL K . -2.59 21.10 -3.22
CL CL L . -54.62 33.59 9.89
CL CL M . -64.34 7.78 9.67
CL CL N . -10.44 12.33 -10.13
CL CL O . -53.26 29.76 12.36
C01 G0W P . 4.27 -4.85 -28.80
C09 G0W P . 4.45 -5.25 -32.69
C10 G0W P . 5.46 -4.90 -31.55
N11 G0W P . 5.21 -3.59 -30.78
C13 G0W P . 4.65 -3.55 -29.47
C14 G0W P . 4.48 -2.35 -28.86
C15 G0W P . 4.83 -1.06 -29.47
O16 G0W P . 4.68 0.04 -28.93
N17 G0W P . 5.39 -1.10 -30.79
C18 G0W P . 5.80 0.17 -31.50
C19 G0W P . 4.64 0.82 -32.30
C20 G0W P . 4.82 2.32 -32.61
C21 G0W P . 4.59 2.80 -34.10
C22 G0W P . 5.69 2.44 -35.14
N23 G0W P . 6.18 3.63 -36.10
C24 G0W P . 7.70 3.47 -36.33
C25 G0W P . 8.03 2.23 -37.17
C26 G0W P . 5.41 3.57 -37.47
C27 G0W P . 4.32 4.62 -37.65
C28 G0W P . 5.90 4.99 -35.44
C29 G0W P . 7.02 5.93 -35.01
C30 G0W P . 7.40 6.98 -35.84
C31 G0W P . 8.41 7.90 -35.52
C32 G0W P . 9.05 7.80 -34.30
C33 G0W P . 8.70 6.78 -33.42
C34 G0W P . 7.71 5.86 -33.76
N35 G0W P . 7.46 4.82 -32.71
O36 G0W P . 7.79 3.68 -33.03
O37 G0W P . 7.00 5.06 -31.63
C38 G0W P . 5.58 -2.35 -31.42
O39 G0W P . 6.07 -2.41 -32.57
C1 NAG Q . 34.39 -14.48 -16.03
C2 NAG Q . 35.19 -14.21 -14.74
C3 NAG Q . 36.57 -13.67 -15.10
C4 NAG Q . 37.29 -14.62 -16.05
C5 NAG Q . 36.43 -14.89 -17.28
C6 NAG Q . 37.04 -15.93 -18.21
C7 NAG Q . 34.05 -13.63 -12.66
C8 NAG Q . 33.35 -12.55 -11.88
N2 NAG Q . 34.49 -13.29 -13.87
O3 NAG Q . 37.34 -13.52 -13.91
O4 NAG Q . 38.54 -14.07 -16.44
O5 NAG Q . 35.13 -15.38 -16.89
O6 NAG Q . 36.65 -15.72 -19.56
O7 NAG Q . 34.21 -14.76 -12.21
C1 NAG R . -11.56 -3.85 -37.30
C2 NAG R . -12.65 -4.41 -36.38
C3 NAG R . -12.04 -5.33 -35.33
C4 NAG R . -11.20 -6.42 -35.98
C5 NAG R . -10.17 -5.81 -36.92
C6 NAG R . -9.40 -6.85 -37.70
C7 NAG R . -14.62 -2.96 -36.20
C8 NAG R . -15.26 -1.83 -35.45
N2 NAG R . -13.41 -3.34 -35.76
O3 NAG R . -13.08 -5.91 -34.55
O4 NAG R . -10.53 -7.19 -34.99
O5 NAG R . -10.80 -4.95 -37.88
O6 NAG R . -8.81 -6.31 -38.89
O7 NAG R . -15.17 -3.49 -37.16
CL CL S . -17.51 0.20 -16.22
CL CL T . -10.14 13.06 -33.82
CL CL U . 4.25 18.11 -10.80
CL CL V . 13.51 -2.28 -9.86
S SO4 W . -8.54 19.65 -19.52
O1 SO4 W . -8.72 18.20 -19.47
O2 SO4 W . -8.28 20.07 -20.89
O3 SO4 W . -9.77 20.29 -19.04
O4 SO4 W . -7.42 20.04 -18.65
C01 G0W X . 25.25 -25.03 -22.34
C02 G0W X . 24.54 -24.86 -20.97
N03 G0W X . 23.15 -24.12 -21.05
C04 G0W X . 22.46 -24.51 -22.39
C05 G0W X . 21.78 -25.87 -22.41
C06 G0W X . 22.32 -24.57 -19.81
C07 G0W X . 22.99 -24.43 -18.44
C08 G0W X . 22.73 -25.57 -17.42
C09 G0W X . 21.71 -25.24 -16.30
C10 G0W X . 22.30 -24.57 -15.03
N11 G0W X . 21.39 -24.63 -13.86
C12 G0W X . 20.61 -23.54 -13.42
C13 G0W X . 20.74 -22.24 -14.17
C14 G0W X . 19.79 -23.71 -12.34
C15 G0W X . 19.66 -24.98 -11.60
O16 G0W X . 18.93 -25.15 -10.63
N17 G0W X . 20.46 -26.09 -12.06
C18 G0W X . 20.40 -27.44 -11.37
C19 G0W X . 21.76 -27.85 -10.70
C20 G0W X . 21.64 -28.70 -9.40
C21 G0W X . 22.73 -29.80 -9.12
C22 G0W X . 22.99 -30.82 -10.26
N23 G0W X . 23.38 -32.32 -9.82
C24 G0W X . 24.63 -32.73 -10.64
C25 G0W X . 24.30 -33.03 -12.10
C26 G0W X . 23.72 -32.37 -8.30
C27 G0W X . 25.22 -32.31 -7.97
C28 G0W X . 22.22 -33.31 -10.12
C29 G0W X . 21.35 -33.87 -8.98
C30 G0W X . 21.67 -35.08 -8.36
C31 G0W X . 20.91 -35.65 -7.32
C32 G0W X . 19.78 -34.99 -6.87
C33 G0W X . 19.40 -33.77 -7.46
C34 G0W X . 20.16 -33.23 -8.50
N35 G0W X . 19.62 -31.91 -9.02
O36 G0W X . 20.12 -31.28 -9.91
O37 G0W X . 18.61 -31.49 -8.45
C38 G0W X . 21.29 -25.91 -13.18
O39 G0W X . 21.99 -26.84 -13.61
C40 G0W X . 23.32 -22.53 -21.10
C41 G0W X . 22.09 -21.62 -20.82
C42 G0W X . 21.22 -21.36 -21.88
C43 G0W X . 20.07 -20.56 -21.77
C44 G0W X . 19.74 -19.98 -20.55
C45 G0W X . 20.57 -20.20 -19.46
C46 G0W X . 21.71 -21.00 -19.57
N47 G0W X . 22.45 -21.10 -18.23
O48 G0W X . 23.50 -21.68 -18.09
O49 G0W X . 21.89 -20.54 -17.31
C1 NAG Y . -4.88 -29.44 -37.20
C2 NAG Y . -6.41 -29.23 -37.20
C3 NAG Y . -7.09 -30.24 -38.12
C4 NAG Y . -6.48 -30.19 -39.52
C5 NAG Y . -4.99 -30.48 -39.42
C6 NAG Y . -4.29 -30.42 -40.74
C7 NAG Y . -7.68 -28.38 -35.29
C8 NAG Y . -8.16 -28.65 -33.89
N2 NAG Y . -6.94 -29.33 -35.85
O3 NAG Y . -8.48 -29.95 -38.20
O4 NAG Y . -7.11 -31.14 -40.36
O5 NAG Y . -4.38 -29.50 -38.56
O6 NAG Y . -4.24 -31.69 -41.38
O7 NAG Y . -7.96 -27.34 -35.88
CL CL Z . 20.68 -4.01 4.64
CL CL AA . 7.10 -44.32 -35.44
CL CL BA . 28.57 -26.00 7.20
CL CL CA . 8.69 -67.36 -4.95
CL CL DA . 1.46 -25.57 7.11
CL CL EA . 18.03 -18.46 10.70
CL CL FA . 10.04 -12.25 10.52
CL CL GA . 3.95 -23.63 -7.06
CL CL HA . -0.39 -19.22 -14.34
S SO4 IA . 14.37 -22.68 13.97
O1 SO4 IA . 15.40 -23.70 13.74
O2 SO4 IA . 13.06 -23.32 13.96
O3 SO4 IA . 14.59 -22.03 15.27
O4 SO4 IA . 14.43 -21.67 12.91
C01 G0W JA . -6.90 2.88 28.80
C09 G0W JA . -7.51 2.79 32.68
C10 G0W JA . -7.02 3.81 31.62
N11 G0W JA . -5.69 3.48 30.91
C13 G0W JA . -5.62 3.04 29.57
C14 G0W JA . -4.38 2.78 29.04
C15 G0W JA . -3.11 2.92 29.76
O16 G0W JA . -2.00 2.69 29.28
N17 G0W JA . -3.21 3.37 31.14
C18 G0W JA . -1.97 3.57 31.98
C19 G0W JA . -1.33 2.26 32.50
C20 G0W JA . 0.16 2.42 32.93
C21 G0W JA . 0.60 1.83 34.32
C22 G0W JA . 0.12 2.59 35.59
N23 G0W JA . 1.24 3.27 36.50
C24 G0W JA . 0.58 3.64 37.84
C25 G0W JA . -0.37 4.82 37.70
C26 G0W JA . 2.41 2.25 36.78
C27 G0W JA . 2.24 1.41 38.05
C28 G0W JA . 1.78 4.59 35.83
C29 G0W JA . 3.26 4.89 35.54
C30 G0W JA . 4.19 4.99 36.58
C31 G0W JA . 5.55 5.25 36.40
C32 G0W JA . 6.03 5.45 35.11
C33 G0W JA . 5.15 5.39 34.03
C34 G0W JA . 3.79 5.12 34.23
N35 G0W JA . 3.00 5.09 32.93
O36 G0W JA . 1.79 5.28 33.00
O37 G0W JA . 3.52 4.91 31.88
C38 G0W JA . -4.48 3.64 31.69
O39 G0W JA . -4.59 4.03 32.85
C1 NAG KA . -13.05 34.29 17.41
C2 NAG KA . -13.05 35.17 16.14
C3 NAG KA . -12.63 36.60 16.47
C4 NAG KA . -13.50 37.17 17.58
C5 NAG KA . -13.41 36.26 18.81
C6 NAG KA . -14.29 36.71 19.96
C7 NAG KA . -12.63 34.18 13.93
C8 NAG KA . -11.59 33.63 13.00
N2 NAG KA . -12.17 34.61 15.12
O3 NAG KA . -12.74 37.41 15.30
O4 NAG KA . -13.09 38.49 17.93
O5 NAG KA . -13.84 34.94 18.45
O6 NAG KA . -15.65 36.34 19.75
O7 NAG KA . -13.81 34.24 13.63
C1 NAG LA . -7.38 -13.62 36.24
C2 NAG LA . -8.20 -14.60 35.38
C3 NAG LA . -8.95 -13.85 34.27
C4 NAG LA . -9.74 -12.66 34.83
C5 NAG LA . -8.84 -11.77 35.68
C6 NAG LA . -9.56 -10.63 36.34
C7 NAG LA . -7.37 -16.90 35.19
C8 NAG LA . -6.40 -17.81 34.49
N2 NAG LA . -7.34 -15.62 34.81
O3 NAG LA . -9.83 -14.75 33.61
O4 NAG LA . -10.28 -11.90 33.77
O5 NAG LA . -8.22 -12.56 36.72
O6 NAG LA . -10.04 -10.97 37.64
O7 NAG LA . -8.13 -17.31 36.07
CL CL MA . 2.89 -0.39 13.89
CL CL NA . -2.41 -18.85 14.73
CL CL OA . 12.52 13.45 57.27
CL CL PA . 4.69 7.88 15.78
CL CL QA . 0.02 27.16 50.29
CL CL RA . 11.13 -13.80 20.83
S SO4 SA . 16.90 -11.40 20.03
O1 SO4 SA . 16.65 -11.46 21.47
O2 SO4 SA . 16.29 -12.55 19.37
O3 SO4 SA . 16.31 -10.18 19.46
O4 SO4 SA . 18.34 -11.37 19.79
#